data_7CUM
#
_entry.id   7CUM
#
_cell.length_a   1.00
_cell.length_b   1.00
_cell.length_c   1.00
_cell.angle_alpha   90.00
_cell.angle_beta   90.00
_cell.angle_gamma   90.00
#
_symmetry.space_group_name_H-M   'P 1'
#
loop_
_entity.id
_entity.type
_entity.pdbx_description
1 polymer 'Gamma-aminobutyric acid type B receptor subunit 1'
2 polymer 'Gamma-aminobutyric acid type B receptor subunit 2'
3 non-polymer '(R)-(cyclohexylmethyl)[(2S)-3-{[(1S)-1-(3,4-dichlorophenyl)ethyl]amino}-2-hydroxypropyl]phosphinic acid'
4 non-polymer 'UNKNOWN LIGAND'
5 non-polymer CHOLESTEROL
#
loop_
_entity_poly.entity_id
_entity_poly.type
_entity_poly.pdbx_seq_one_letter_code
_entity_poly.pdbx_strand_id
1 'polypeptide(L)'
;MRLLTALFAYFIVALILAFSVSAKSMSERRAVYIGALFPMSGGWPGGQACQPAVEMALEDVNSRRDILPDYELKLIHHDS
KCDPGQATKYLYELLYNDPIKIILMPGCSSVSTLVAEAARMWNLIVLSYGSSSPALSNRQRFPTFFRTHPSATLHNPTRV
KLFEKWGWKKIATIQQTTEVFTSTLDDLEERVKEAGIEITFRQSFFSDPAVPVKNLKRQDARIIVGLFYETEARKVFCEV
YKERLFGKKYVWFLIGWYADNWFKIYDPSINCTVDEMTEAVEGHITTEIVMLNPANTRSISNMTSQEFVEKLTKRLKRHP
EETGGFQEAPLAYDAIWALALALNKTSGGGGRSGVRLEDFNYNNQTITDQIYRAMNSSSFEGVSGHVVFDASGSRMAWTL
IEQLQGGSYKKIGYYDSTKDDLSWSKTDKWIGGSPPADQTLVIKTFRFLSQKLFISVSVLSSLGIVLAVVCLSFNIYNSH
VRYIQNSQPNLNNLTAVGCSLALAAVFPLGLDGYHIGRNQFPFVCQARLWLLGLGFSLGYGSMFTKIWWVHTVFTKKEEK
KEWRKTLEPWKLYATVGLLVGMDVLTLAIWQIVDPLHRTIETFAKEEPKEDIDVSILPQLEHCSSRKMNTWLGIFYGYKG
LLLLLGIFLAYETKSVSTEKINDHRAVGMAIYNVAVLCLITAPVTMILSSQQDAAFAFASLAIVFSSYITLVVLFVPKMR
RLITRGEWQSEAQDTMKTGSSTNNNEEEKSRLLEKENRELEKSGRLEVLFQ
;
A
2 'polypeptide(L)'
;MASPRSSGQPGPPPPPPPPPARLLLLLLLPLLLPLAPGAWGWARGAPRPPPSSPPLSIMGLMPLTKEVAKGSIGRGVLPA
VELAIEQIRNESLLRPYFLDLRLYDTECDNAKGLKAFYDAIKYGPNHLMVFGGVCPSVTSIIAESLQGWNLVQLSFAATT
PVLADKKKYPYFFRTVPSDNAVNPAILKLLKHYQWKRVGTLTQDVQRFSEVRNDLTGVLYGEDIEISDTESFSNDPCTSV
KKLKGNDVRIILGQFDQNMAAKVFCCAYEENMYGSKYQWIIPGWYEPSWWEQVHTEANSSRCLRKNLLAAMEGYIGVDFE
PLSSKQIKTISGKTPQQYEREYNNKRSGVGPSKFHGYAYDGIWVIAKTLQRAMETLHASSRHQRIQDFNYTDHTLGRIIL
NAMNETNFFGVTGQVVFRNGERMGTIKFTQFQDSREVKVGEYNAVADTLEIINDTIRFQGSEPPKDKTIILEQLRKISLP
LYSILSALTILGMIMASAFLFFNIKNRNQKLIKMSSPYMNNLIILGGMLSYASIFLFGLDGSFVSEKTFETLCTVRTWIL
TVGYTTAFGAMFAKTWRVHAIFKNVKMKKKIIKDQKLLVIVGGMLLIDLCILICWQAVDPLRRTVEKYSMEPDPAGRDIS
IRPLLEHCENTHMTIWLGIVYAYKGLLMLFGCFLAWETRNVSIPALNDSKYIGMSVYNVGIMCIIGAAVSFLTRDQPNVQ
FCIVALVIIFCSTITLCLVFVPKLITLRTNPDAATQNRRFQFTQNQKKEDSKTSTSVTSVNQASTSRSGRGGSENLYFQG
GSGSGGDYKDDDDKDYKDDDDK
;
B
#
loop_
_chem_comp.id
_chem_comp.type
_chem_comp.name
_chem_comp.formula
2BV non-polymer '(R)-(cyclohexylmethyl)[(2S)-3-{[(1S)-1-(3,4-dichlorophenyl)ethyl]amino}-2-hydroxypropyl]phosphinic acid' 'C18 H28 Cl2 N O3 P'
CLR non-polymer CHOLESTEROL 'C27 H46 O'
UNL non-polymer 'UNKNOWN LIGAND' ?
#
# COMPACT_ATOMS: atom_id res chain seq x y z
N SER A 27 -73.81 28.32 -4.88
CA SER A 27 -72.43 27.84 -4.80
C SER A 27 -71.49 28.76 -5.57
N GLU A 28 -70.70 29.55 -4.85
CA GLU A 28 -69.70 30.40 -5.48
C GLU A 28 -68.57 29.55 -6.05
N ARG A 29 -67.86 28.83 -5.19
CA ARG A 29 -66.85 27.82 -5.53
C ARG A 29 -65.71 28.42 -6.36
N ARG A 30 -64.98 29.34 -5.72
CA ARG A 30 -63.83 29.94 -6.39
C ARG A 30 -62.68 28.96 -6.46
N ALA A 31 -61.78 29.22 -7.40
CA ALA A 31 -60.75 28.27 -7.78
C ALA A 31 -59.42 28.56 -7.09
N VAL A 32 -58.69 27.49 -6.81
CA VAL A 32 -57.30 27.55 -6.38
C VAL A 32 -56.52 26.59 -7.28
N TYR A 33 -55.45 27.07 -7.88
CA TYR A 33 -54.78 26.33 -8.94
C TYR A 33 -53.51 25.65 -8.44
N ILE A 34 -53.17 24.54 -9.10
CA ILE A 34 -51.99 23.75 -8.79
C ILE A 34 -51.26 23.48 -10.09
N GLY A 35 -50.00 23.90 -10.17
CA GLY A 35 -49.17 23.67 -11.35
C GLY A 35 -48.38 22.38 -11.19
N ALA A 36 -48.23 21.64 -12.29
CA ALA A 36 -47.62 20.33 -12.19
C ALA A 36 -46.91 19.96 -13.48
N LEU A 37 -45.81 19.23 -13.33
CA LEU A 37 -45.06 18.71 -14.46
C LEU A 37 -45.05 17.19 -14.36
N PHE A 38 -45.61 16.52 -15.36
CA PHE A 38 -45.72 15.07 -15.36
C PHE A 38 -44.83 14.49 -16.46
N PRO A 39 -43.85 13.68 -16.12
CA PRO A 39 -42.99 13.10 -17.16
C PRO A 39 -43.65 12.01 -17.98
N MET A 40 -43.89 12.25 -19.26
CA MET A 40 -44.53 11.25 -20.10
C MET A 40 -43.54 10.31 -20.77
N SER A 41 -42.26 10.64 -20.78
CA SER A 41 -41.25 9.77 -21.38
C SER A 41 -39.90 10.11 -20.80
N GLY A 42 -38.87 9.40 -21.26
CA GLY A 42 -37.50 9.68 -20.89
C GLY A 42 -36.90 8.57 -20.06
N GLY A 43 -36.11 8.96 -19.06
CA GLY A 43 -35.46 7.97 -18.21
C GLY A 43 -36.40 7.28 -17.25
N TRP A 44 -37.42 7.99 -16.77
CA TRP A 44 -38.39 7.43 -15.83
C TRP A 44 -39.77 7.91 -16.22
N PRO A 45 -40.49 7.14 -17.02
CA PRO A 45 -41.80 7.60 -17.50
C PRO A 45 -42.91 7.39 -16.47
N GLY A 46 -42.86 8.16 -15.38
CA GLY A 46 -43.82 7.96 -14.31
C GLY A 46 -45.19 8.54 -14.59
N GLY A 47 -45.25 9.64 -15.33
CA GLY A 47 -46.49 10.36 -15.53
C GLY A 47 -47.51 9.66 -16.38
N GLN A 48 -47.18 8.49 -16.94
CA GLN A 48 -48.20 7.67 -17.58
C GLN A 48 -49.18 7.12 -16.55
N ALA A 49 -48.75 6.97 -15.30
CA ALA A 49 -49.64 6.48 -14.26
C ALA A 49 -49.90 7.48 -13.15
N CYS A 50 -48.97 8.39 -12.90
CA CYS A 50 -49.17 9.37 -11.84
C CYS A 50 -50.15 10.47 -12.23
N GLN A 51 -50.36 10.68 -13.52
CA GLN A 51 -51.31 11.71 -13.95
C GLN A 51 -52.77 11.35 -13.71
N PRO A 52 -53.27 10.14 -13.99
CA PRO A 52 -54.67 9.87 -13.60
C PRO A 52 -54.86 9.79 -12.10
N ALA A 53 -53.88 9.21 -11.39
CA ALA A 53 -54.01 9.02 -9.95
C ALA A 53 -54.05 10.33 -9.19
N VAL A 54 -53.51 11.41 -9.75
CA VAL A 54 -53.72 12.72 -9.15
C VAL A 54 -55.16 13.18 -9.40
N GLU A 55 -55.61 13.07 -10.67
CA GLU A 55 -56.87 13.66 -11.08
C GLU A 55 -58.05 13.01 -10.36
N MET A 56 -58.05 11.68 -10.30
CA MET A 56 -59.01 10.92 -9.50
C MET A 56 -59.02 11.40 -8.06
N ALA A 57 -57.83 11.59 -7.49
CA ALA A 57 -57.72 12.06 -6.12
C ALA A 57 -58.28 13.45 -5.96
N LEU A 58 -58.18 14.27 -7.01
CA LEU A 58 -58.73 15.62 -6.96
C LEU A 58 -60.23 15.60 -6.82
N GLU A 59 -60.90 14.62 -7.45
CA GLU A 59 -62.34 14.48 -7.30
C GLU A 59 -62.71 14.18 -5.86
N ASP A 60 -61.88 13.38 -5.19
CA ASP A 60 -62.15 13.04 -3.80
C ASP A 60 -61.90 14.20 -2.85
N VAL A 61 -61.30 15.29 -3.33
CA VAL A 61 -61.24 16.50 -2.53
C VAL A 61 -62.34 17.48 -2.94
N ASN A 62 -62.83 17.39 -4.17
CA ASN A 62 -63.81 18.37 -4.62
C ASN A 62 -65.25 17.91 -4.41
N SER A 63 -65.46 16.67 -3.98
CA SER A 63 -66.79 16.18 -3.67
C SER A 63 -67.08 16.14 -2.18
N ARG A 64 -66.10 15.77 -1.37
CA ARG A 64 -66.29 15.71 0.08
C ARG A 64 -66.35 17.11 0.65
N ARG A 65 -67.47 17.45 1.27
CA ARG A 65 -67.72 18.81 1.76
C ARG A 65 -67.20 19.06 3.16
N ASP A 66 -66.43 18.13 3.73
CA ASP A 66 -65.91 18.35 5.07
C ASP A 66 -64.73 19.32 5.06
N ILE A 67 -63.77 19.11 4.17
CA ILE A 67 -62.57 19.94 4.09
C ILE A 67 -62.64 20.77 2.82
N LEU A 68 -62.08 21.99 2.89
CA LEU A 68 -62.13 23.02 1.87
C LEU A 68 -63.57 23.28 1.44
N PRO A 69 -64.37 23.94 2.28
CA PRO A 69 -65.81 23.99 2.03
C PRO A 69 -66.22 24.95 0.93
N ASP A 70 -65.35 25.86 0.51
CA ASP A 70 -65.74 26.88 -0.45
C ASP A 70 -64.77 26.97 -1.63
N TYR A 71 -63.53 26.51 -1.44
CA TYR A 71 -62.57 26.54 -2.52
C TYR A 71 -62.69 25.29 -3.38
N GLU A 72 -62.09 25.34 -4.56
CA GLU A 72 -62.08 24.20 -5.45
C GLU A 72 -60.69 24.12 -6.10
N LEU A 73 -60.01 22.99 -5.91
CA LEU A 73 -58.68 22.82 -6.49
C LEU A 73 -58.79 22.43 -7.96
N LYS A 74 -58.04 23.12 -8.81
CA LYS A 74 -57.94 22.78 -10.21
C LYS A 74 -56.47 22.61 -10.57
N LEU A 75 -56.22 21.85 -11.64
CA LEU A 75 -54.88 21.41 -11.98
C LEU A 75 -54.49 21.89 -13.37
N ILE A 76 -53.29 22.47 -13.48
CA ILE A 76 -52.69 22.84 -14.75
C ILE A 76 -51.38 22.08 -14.87
N HIS A 77 -51.25 21.26 -15.89
CA HIS A 77 -50.12 20.35 -16.00
C HIS A 77 -49.41 20.52 -17.33
N HIS A 78 -48.18 20.03 -17.37
CA HIS A 78 -47.38 20.05 -18.58
C HIS A 78 -46.45 18.84 -18.61
N ASP A 79 -46.16 18.37 -19.81
CA ASP A 79 -45.18 17.30 -19.97
C ASP A 79 -43.78 17.86 -19.79
N SER A 80 -42.89 17.04 -19.24
CA SER A 80 -41.53 17.50 -18.99
C SER A 80 -40.44 16.56 -19.43
N LYS A 81 -40.73 15.30 -19.73
CA LYS A 81 -39.84 14.32 -20.35
C LYS A 81 -38.60 13.97 -19.52
N CYS A 82 -38.55 14.38 -18.25
CA CYS A 82 -37.38 14.27 -17.37
C CYS A 82 -36.15 14.87 -18.04
N ASP A 83 -36.26 16.15 -18.32
CA ASP A 83 -35.25 16.89 -19.06
C ASP A 83 -35.34 18.35 -18.66
N PRO A 84 -34.32 18.91 -18.03
CA PRO A 84 -34.40 20.31 -17.58
C PRO A 84 -34.45 21.31 -18.73
N GLY A 85 -33.96 20.93 -19.91
CA GLY A 85 -33.95 21.82 -21.05
C GLY A 85 -35.32 22.16 -21.59
N GLN A 86 -36.34 21.39 -21.24
CA GLN A 86 -37.71 21.75 -21.54
C GLN A 86 -38.50 22.12 -20.30
N ALA A 87 -38.09 21.60 -19.14
CA ALA A 87 -38.74 21.99 -17.89
C ALA A 87 -38.53 23.46 -17.57
N THR A 88 -37.43 24.04 -18.05
CA THR A 88 -37.20 25.47 -17.87
C THR A 88 -38.24 26.30 -18.63
N LYS A 89 -38.51 25.93 -19.87
CA LYS A 89 -39.51 26.63 -20.67
C LYS A 89 -40.90 26.44 -20.09
N TYR A 90 -41.22 25.22 -19.64
CA TYR A 90 -42.56 25.00 -19.10
C TYR A 90 -42.73 25.65 -17.73
N LEU A 91 -41.65 25.78 -16.97
CA LEU A 91 -41.75 26.53 -15.71
C LEU A 91 -41.94 28.01 -15.98
N TYR A 92 -41.34 28.53 -17.06
CA TYR A 92 -41.65 29.91 -17.47
C TYR A 92 -43.10 30.06 -17.87
N GLU A 93 -43.65 29.07 -18.56
CA GLU A 93 -45.05 29.15 -18.96
C GLU A 93 -45.99 29.06 -17.76
N LEU A 94 -45.60 28.32 -16.72
CA LEU A 94 -46.42 28.25 -15.52
C LEU A 94 -46.35 29.55 -14.73
N LEU A 95 -45.15 30.10 -14.56
CA LEU A 95 -44.98 31.20 -13.63
C LEU A 95 -45.37 32.55 -14.22
N TYR A 96 -45.48 32.66 -15.53
CA TYR A 96 -45.70 33.96 -16.16
C TYR A 96 -46.93 33.92 -17.06
N ASN A 97 -48.03 33.40 -16.52
CA ASN A 97 -49.31 33.48 -17.21
C ASN A 97 -50.37 33.99 -16.23
N ASP A 98 -51.63 33.94 -16.64
CA ASP A 98 -52.67 34.63 -15.87
C ASP A 98 -53.11 33.97 -14.56
N PRO A 99 -53.48 32.68 -14.49
CA PRO A 99 -53.98 32.20 -13.18
C PRO A 99 -52.83 31.95 -12.22
N ILE A 100 -52.90 32.59 -11.06
CA ILE A 100 -51.79 32.54 -10.11
C ILE A 100 -51.78 31.19 -9.42
N LYS A 101 -50.68 30.45 -9.56
CA LYS A 101 -50.56 29.16 -8.92
C LYS A 101 -50.23 29.33 -7.44
N ILE A 102 -50.37 28.24 -6.70
CA ILE A 102 -50.09 28.26 -5.26
C ILE A 102 -49.07 27.21 -4.84
N ILE A 103 -48.75 26.22 -5.68
CA ILE A 103 -47.79 25.18 -5.33
C ILE A 103 -47.29 24.60 -6.64
N LEU A 104 -46.14 23.92 -6.59
CA LEU A 104 -45.57 23.28 -7.75
C LEU A 104 -45.32 21.81 -7.47
N MET A 105 -45.50 20.96 -8.47
CA MET A 105 -45.40 19.51 -8.31
C MET A 105 -44.55 18.93 -9.42
N PRO A 106 -43.25 18.85 -9.23
CA PRO A 106 -42.37 18.31 -10.26
C PRO A 106 -42.32 16.78 -10.21
N GLY A 107 -41.53 16.21 -11.12
CA GLY A 107 -41.47 14.79 -11.35
C GLY A 107 -40.16 14.14 -10.96
N CYS A 108 -39.26 13.97 -11.93
CA CYS A 108 -37.95 13.35 -11.73
C CYS A 108 -37.09 14.15 -10.77
N SER A 109 -35.89 13.63 -10.52
CA SER A 109 -34.99 14.25 -9.56
C SER A 109 -34.39 15.54 -10.10
N SER A 110 -33.97 15.57 -11.36
CA SER A 110 -33.29 16.74 -11.90
C SER A 110 -34.24 17.91 -12.09
N VAL A 111 -35.45 17.64 -12.56
CA VAL A 111 -36.46 18.67 -12.73
C VAL A 111 -36.83 19.27 -11.38
N SER A 112 -36.94 18.42 -10.36
CA SER A 112 -37.27 18.92 -9.03
C SER A 112 -36.12 19.68 -8.41
N THR A 113 -34.87 19.33 -8.73
CA THR A 113 -33.73 20.11 -8.26
C THR A 113 -33.77 21.52 -8.82
N LEU A 114 -34.01 21.64 -10.13
CA LEU A 114 -34.10 22.95 -10.77
C LEU A 114 -35.26 23.77 -10.23
N VAL A 115 -36.45 23.15 -10.11
CA VAL A 115 -37.63 23.88 -9.68
C VAL A 115 -37.53 24.28 -8.22
N ALA A 116 -36.98 23.40 -7.36
CA ALA A 116 -36.90 23.71 -5.95
C ALA A 116 -35.83 24.75 -5.65
N GLU A 117 -34.74 24.78 -6.41
CA GLU A 117 -33.79 25.85 -6.21
C GLU A 117 -34.27 27.16 -6.81
N ALA A 118 -35.13 27.10 -7.82
CA ALA A 118 -35.59 28.32 -8.47
C ALA A 118 -36.78 28.98 -7.77
N ALA A 119 -37.53 28.23 -6.96
CA ALA A 119 -38.80 28.73 -6.45
C ALA A 119 -38.66 29.58 -5.20
N ARG A 120 -37.44 29.91 -4.78
CA ARG A 120 -37.29 30.76 -3.62
C ARG A 120 -37.67 32.21 -3.94
N MET A 121 -37.35 32.67 -5.14
CA MET A 121 -37.59 34.05 -5.52
C MET A 121 -39.05 34.37 -5.82
N TRP A 122 -39.92 33.37 -5.83
CA TRP A 122 -41.34 33.61 -6.04
C TRP A 122 -42.19 33.25 -4.83
N ASN A 123 -41.58 32.70 -3.77
CA ASN A 123 -42.25 32.24 -2.55
C ASN A 123 -43.32 31.20 -2.86
N LEU A 124 -42.86 30.05 -3.35
CA LEU A 124 -43.74 28.95 -3.67
C LEU A 124 -43.30 27.70 -2.94
N ILE A 125 -44.26 27.00 -2.36
CA ILE A 125 -44.00 25.66 -1.83
C ILE A 125 -43.79 24.70 -2.98
N VAL A 126 -42.83 23.81 -2.85
CA VAL A 126 -42.61 22.75 -3.83
C VAL A 126 -42.88 21.43 -3.15
N LEU A 127 -43.78 20.64 -3.74
CA LEU A 127 -44.20 19.37 -3.17
C LEU A 127 -44.04 18.31 -4.25
N SER A 128 -42.92 17.60 -4.22
CA SER A 128 -42.66 16.58 -5.21
C SER A 128 -43.39 15.30 -4.87
N TYR A 129 -43.30 14.32 -5.76
CA TYR A 129 -43.84 13.00 -5.47
C TYR A 129 -42.95 11.86 -5.93
N GLY A 130 -41.82 12.14 -6.57
CA GLY A 130 -41.02 11.05 -7.08
C GLY A 130 -39.54 11.27 -7.04
N SER A 131 -39.08 12.34 -6.42
CA SER A 131 -37.66 12.68 -6.42
C SER A 131 -36.96 11.99 -5.28
N SER A 132 -36.02 11.11 -5.60
CA SER A 132 -35.38 10.28 -4.60
C SER A 132 -33.90 10.57 -4.44
N SER A 133 -33.46 11.77 -4.73
CA SER A 133 -32.05 12.03 -4.51
C SER A 133 -31.79 12.31 -3.04
N PRO A 134 -30.61 11.94 -2.54
CA PRO A 134 -30.22 12.38 -1.20
C PRO A 134 -29.82 13.84 -1.15
N ALA A 135 -29.57 14.48 -2.29
CA ALA A 135 -29.14 15.86 -2.31
C ALA A 135 -30.27 16.83 -2.05
N LEU A 136 -31.51 16.39 -2.05
CA LEU A 136 -32.66 17.25 -1.82
C LEU A 136 -33.03 17.36 -0.35
N SER A 137 -32.21 16.81 0.55
CA SER A 137 -32.40 16.99 1.98
C SER A 137 -31.51 18.08 2.54
N ASN A 138 -31.20 19.08 1.74
CA ASN A 138 -30.36 20.20 2.12
C ASN A 138 -31.27 21.39 2.36
N ARG A 139 -31.61 21.63 3.62
CA ARG A 139 -32.51 22.73 3.97
C ARG A 139 -31.87 24.09 3.69
N GLN A 140 -30.54 24.17 3.61
CA GLN A 140 -29.88 25.42 3.28
C GLN A 140 -30.15 25.83 1.84
N ARG A 141 -29.97 24.92 0.89
CA ARG A 141 -30.17 25.26 -0.51
C ARG A 141 -31.66 25.40 -0.83
N PHE A 142 -32.44 24.36 -0.54
CA PHE A 142 -33.86 24.30 -0.87
C PHE A 142 -34.66 24.60 0.39
N PRO A 143 -35.21 25.78 0.53
CA PRO A 143 -35.81 26.14 1.81
C PRO A 143 -37.26 25.70 1.97
N THR A 144 -37.99 25.47 0.88
CA THR A 144 -39.42 25.20 0.95
C THR A 144 -39.77 23.92 0.22
N PHE A 145 -39.03 22.86 0.49
CA PHE A 145 -39.20 21.60 -0.22
C PHE A 145 -39.93 20.57 0.64
N PHE A 146 -40.78 19.78 0.00
CA PHE A 146 -41.46 18.67 0.66
C PHE A 146 -41.65 17.57 -0.35
N ARG A 147 -41.47 16.33 0.06
CA ARG A 147 -41.68 15.23 -0.87
C ARG A 147 -42.25 14.04 -0.13
N THR A 148 -43.00 13.21 -0.85
CA THR A 148 -43.59 12.03 -0.26
C THR A 148 -42.90 10.75 -0.69
N HIS A 149 -42.23 10.72 -1.81
CA HIS A 149 -41.31 9.64 -2.09
C HIS A 149 -40.14 9.78 -1.13
N PRO A 150 -39.82 8.75 -0.36
CA PRO A 150 -38.70 8.86 0.57
C PRO A 150 -37.39 8.83 -0.17
N SER A 151 -36.36 9.41 0.44
CA SER A 151 -35.07 9.50 -0.19
C SER A 151 -34.40 8.14 -0.23
N ALA A 152 -33.30 8.06 -0.97
CA ALA A 152 -32.55 6.82 -1.05
C ALA A 152 -31.57 6.65 0.09
N THR A 153 -31.62 7.51 1.09
CA THR A 153 -30.95 7.28 2.37
C THR A 153 -31.92 6.76 3.41
N LEU A 154 -32.87 5.96 2.98
CA LEU A 154 -33.72 5.23 3.89
C LEU A 154 -33.39 3.75 3.92
N HIS A 155 -32.59 3.28 2.98
CA HIS A 155 -32.13 1.91 3.06
C HIS A 155 -31.03 1.74 4.08
N ASN A 156 -30.35 2.81 4.45
CA ASN A 156 -29.17 2.67 5.30
C ASN A 156 -29.47 2.32 6.75
N PRO A 157 -30.51 2.85 7.42
CA PRO A 157 -30.86 2.29 8.73
C PRO A 157 -31.31 0.83 8.67
N THR A 158 -31.95 0.41 7.59
CA THR A 158 -32.30 -0.99 7.44
C THR A 158 -31.07 -1.88 7.30
N ARG A 159 -30.07 -1.40 6.56
CA ARG A 159 -28.84 -2.16 6.42
C ARG A 159 -28.06 -2.19 7.73
N VAL A 160 -28.05 -1.09 8.47
CA VAL A 160 -27.35 -1.04 9.76
C VAL A 160 -28.04 -1.96 10.77
N LYS A 161 -29.37 -2.03 10.74
CA LYS A 161 -30.07 -2.97 11.61
C LYS A 161 -29.81 -4.40 11.20
N LEU A 162 -29.69 -4.67 9.90
CA LEU A 162 -29.36 -6.02 9.48
C LEU A 162 -27.89 -6.36 9.66
N PHE A 163 -27.04 -5.40 10.01
CA PHE A 163 -25.66 -5.72 10.33
C PHE A 163 -25.47 -5.97 11.83
N GLU A 164 -26.19 -5.23 12.67
CA GLU A 164 -26.08 -5.45 14.10
C GLU A 164 -26.76 -6.74 14.54
N LYS A 165 -27.73 -7.22 13.76
CA LYS A 165 -28.48 -8.39 14.17
C LYS A 165 -27.65 -9.67 13.99
N TRP A 166 -26.81 -9.72 12.97
CA TRP A 166 -26.05 -10.93 12.68
C TRP A 166 -24.56 -10.77 12.98
N GLY A 167 -24.18 -9.72 13.71
CA GLY A 167 -22.85 -9.62 14.27
C GLY A 167 -21.73 -9.33 13.30
N TRP A 168 -22.04 -8.94 12.06
CA TRP A 168 -21.00 -8.63 11.10
C TRP A 168 -20.30 -7.33 11.45
N LYS A 169 -19.01 -7.25 11.13
CA LYS A 169 -18.25 -6.06 11.50
C LYS A 169 -17.27 -5.59 10.44
N LYS A 170 -17.25 -6.17 9.24
CA LYS A 170 -16.39 -5.72 8.17
C LYS A 170 -17.15 -5.78 6.86
N ILE A 171 -17.10 -4.71 6.07
CA ILE A 171 -17.99 -4.49 4.95
C ILE A 171 -17.18 -3.98 3.76
N ALA A 172 -17.39 -4.57 2.59
CA ALA A 172 -16.88 -4.04 1.34
C ALA A 172 -18.01 -3.47 0.50
N THR A 173 -17.76 -2.36 -0.19
CA THR A 173 -18.79 -1.66 -0.95
C THR A 173 -18.32 -1.43 -2.38
N ILE A 174 -18.96 -2.06 -3.34
CA ILE A 174 -18.74 -1.75 -4.75
C ILE A 174 -19.82 -0.76 -5.19
N GLN A 175 -19.55 0.02 -6.23
CA GLN A 175 -20.40 1.17 -6.54
C GLN A 175 -20.21 1.69 -7.96
N GLN A 176 -21.30 1.90 -8.69
CA GLN A 176 -21.25 2.63 -9.95
C GLN A 176 -21.23 4.12 -9.64
N THR A 177 -20.44 4.89 -10.39
CA THR A 177 -20.02 6.22 -9.95
C THR A 177 -20.99 7.33 -10.32
N THR A 178 -22.27 7.03 -10.51
CA THR A 178 -23.30 8.07 -10.54
C THR A 178 -23.38 8.73 -9.16
N GLU A 179 -23.76 10.01 -9.14
CA GLU A 179 -23.64 10.80 -7.92
C GLU A 179 -24.63 10.40 -6.83
N VAL A 180 -25.79 9.85 -7.20
CA VAL A 180 -26.78 9.45 -6.20
C VAL A 180 -26.25 8.27 -5.38
N PHE A 181 -25.54 7.35 -6.02
CA PHE A 181 -24.92 6.26 -5.27
C PHE A 181 -23.75 6.75 -4.44
N THR A 182 -23.05 7.77 -4.93
CA THR A 182 -21.95 8.35 -4.17
C THR A 182 -22.45 8.99 -2.88
N SER A 183 -23.54 9.74 -2.96
CA SER A 183 -24.07 10.34 -1.74
C SER A 183 -24.72 9.31 -0.83
N THR A 184 -25.28 8.23 -1.41
CA THR A 184 -25.82 7.15 -0.60
C THR A 184 -24.73 6.48 0.24
N LEU A 185 -23.60 6.17 -0.38
CA LEU A 185 -22.52 5.54 0.38
C LEU A 185 -21.85 6.53 1.32
N ASP A 186 -21.78 7.82 0.96
CA ASP A 186 -21.20 8.79 1.86
C ASP A 186 -22.12 9.13 3.02
N ASP A 187 -23.39 8.76 2.95
CA ASP A 187 -24.20 8.76 4.17
C ASP A 187 -24.13 7.43 4.91
N LEU A 188 -23.91 6.33 4.20
CA LEU A 188 -23.80 5.02 4.84
C LEU A 188 -22.57 4.95 5.75
N GLU A 189 -21.47 5.58 5.33
CA GLU A 189 -20.26 5.58 6.16
C GLU A 189 -20.49 6.34 7.47
N GLU A 190 -21.11 7.51 7.38
CA GLU A 190 -21.40 8.30 8.57
C GLU A 190 -22.43 7.62 9.45
N ARG A 191 -23.34 6.84 8.86
CA ARG A 191 -24.29 6.11 9.69
C ARG A 191 -23.66 4.88 10.34
N VAL A 192 -22.70 4.25 9.68
CA VAL A 192 -22.18 2.99 10.17
C VAL A 192 -21.00 3.17 11.11
N LYS A 193 -20.36 4.34 11.10
CA LYS A 193 -19.22 4.51 12.00
C LYS A 193 -19.63 4.77 13.44
N GLU A 194 -20.90 5.06 13.70
CA GLU A 194 -21.39 5.23 15.07
C GLU A 194 -22.01 3.96 15.62
N ALA A 195 -21.94 2.85 14.90
CA ALA A 195 -22.45 1.57 15.37
C ALA A 195 -21.34 0.52 15.44
N GLY A 196 -20.09 0.98 15.58
CA GLY A 196 -18.98 0.08 15.79
C GLY A 196 -18.54 -0.73 14.59
N ILE A 197 -19.08 -0.46 13.41
CA ILE A 197 -18.71 -1.17 12.20
C ILE A 197 -17.88 -0.23 11.34
N GLU A 198 -16.97 -0.80 10.55
CA GLU A 198 -16.10 0.00 9.71
C GLU A 198 -15.99 -0.60 8.32
N ILE A 199 -16.04 0.26 7.32
CA ILE A 199 -15.83 -0.16 5.94
C ILE A 199 -14.36 -0.48 5.74
N THR A 200 -14.07 -1.58 5.06
CA THR A 200 -12.70 -1.97 4.81
C THR A 200 -12.27 -1.77 3.37
N PHE A 201 -13.20 -1.60 2.44
CA PHE A 201 -12.84 -1.65 1.03
C PHE A 201 -13.87 -0.89 0.21
N ARG A 202 -13.38 -0.01 -0.65
CA ARG A 202 -14.23 0.72 -1.58
C ARG A 202 -13.71 0.55 -2.98
N GLN A 203 -14.61 0.63 -3.95
CA GLN A 203 -14.25 0.55 -5.36
C GLN A 203 -15.16 1.48 -6.14
N SER A 204 -14.94 1.55 -7.44
CA SER A 204 -15.80 2.30 -8.35
C SER A 204 -15.54 1.81 -9.75
N PHE A 205 -16.53 2.01 -10.62
CA PHE A 205 -16.36 1.71 -12.03
C PHE A 205 -17.34 2.57 -12.80
N PHE A 206 -17.20 2.56 -14.13
CA PHE A 206 -18.06 3.36 -14.99
C PHE A 206 -18.89 2.49 -15.93
N SER A 207 -18.27 1.60 -16.69
CA SER A 207 -19.01 0.70 -17.57
C SER A 207 -18.51 -0.73 -17.57
N ASP A 208 -17.32 -1.01 -17.05
CA ASP A 208 -16.77 -2.36 -17.06
C ASP A 208 -16.33 -2.76 -15.66
N PRO A 209 -17.02 -3.71 -15.03
CA PRO A 209 -16.78 -3.98 -13.61
C PRO A 209 -15.68 -5.00 -13.33
N ALA A 210 -14.78 -5.24 -14.29
CA ALA A 210 -13.86 -6.37 -14.20
C ALA A 210 -12.81 -6.18 -13.11
N VAL A 211 -12.08 -5.07 -13.16
CA VAL A 211 -11.00 -4.86 -12.18
C VAL A 211 -11.49 -4.61 -10.74
N PRO A 212 -12.68 -4.03 -10.44
CA PRO A 212 -13.08 -4.02 -9.04
C PRO A 212 -13.48 -5.38 -8.49
N VAL A 213 -14.09 -6.27 -9.30
CA VAL A 213 -14.35 -7.60 -8.76
C VAL A 213 -13.07 -8.41 -8.70
N LYS A 214 -12.06 -8.08 -9.51
CA LYS A 214 -10.74 -8.69 -9.35
C LYS A 214 -10.11 -8.30 -8.01
N ASN A 215 -10.18 -7.01 -7.67
CA ASN A 215 -9.64 -6.57 -6.40
C ASN A 215 -10.48 -7.05 -5.22
N LEU A 216 -11.77 -7.29 -5.43
CA LEU A 216 -12.58 -7.90 -4.38
C LEU A 216 -12.23 -9.36 -4.18
N LYS A 217 -11.85 -10.06 -5.25
CA LYS A 217 -11.43 -11.44 -5.11
C LYS A 217 -10.09 -11.54 -4.40
N ARG A 218 -9.14 -10.68 -4.75
CA ARG A 218 -7.83 -10.77 -4.12
C ARG A 218 -7.80 -10.12 -2.74
N GLN A 219 -8.74 -9.22 -2.43
CA GLN A 219 -8.81 -8.66 -1.09
C GLN A 219 -9.47 -9.62 -0.12
N ASP A 220 -10.37 -10.48 -0.63
CA ASP A 220 -11.09 -11.51 0.11
C ASP A 220 -11.93 -10.91 1.24
N ALA A 221 -12.93 -10.13 0.82
CA ALA A 221 -13.99 -9.66 1.70
C ALA A 221 -15.25 -10.46 1.43
N ARG A 222 -16.14 -10.52 2.43
CA ARG A 222 -17.27 -11.41 2.37
C ARG A 222 -18.62 -10.77 2.65
N ILE A 223 -18.66 -9.48 3.00
CA ILE A 223 -19.91 -8.74 3.12
C ILE A 223 -19.87 -7.63 2.09
N ILE A 224 -20.65 -7.78 1.03
CA ILE A 224 -20.63 -6.85 -0.09
C ILE A 224 -21.94 -6.09 -0.16
N VAL A 225 -21.86 -4.79 -0.36
CA VAL A 225 -23.04 -3.93 -0.50
C VAL A 225 -22.98 -3.34 -1.90
N GLY A 226 -23.66 -3.99 -2.84
CA GLY A 226 -23.63 -3.51 -4.21
C GLY A 226 -24.65 -2.43 -4.46
N LEU A 227 -24.29 -1.47 -5.31
CA LEU A 227 -25.15 -0.31 -5.56
C LEU A 227 -24.94 0.10 -7.01
N PHE A 228 -25.81 -0.37 -7.90
CA PHE A 228 -25.72 -0.06 -9.33
C PHE A 228 -27.07 -0.36 -9.97
N TYR A 229 -27.21 0.09 -11.21
CA TYR A 229 -28.47 -0.09 -11.93
C TYR A 229 -28.59 -1.51 -12.47
N GLU A 230 -29.64 -1.75 -13.25
CA GLU A 230 -29.94 -3.12 -13.69
C GLU A 230 -29.00 -3.58 -14.78
N THR A 231 -28.79 -2.73 -15.79
CA THR A 231 -27.95 -3.08 -16.93
C THR A 231 -26.48 -3.21 -16.56
N GLU A 232 -26.06 -2.72 -15.41
CA GLU A 232 -24.75 -3.04 -14.90
C GLU A 232 -24.78 -4.27 -14.02
N ALA A 233 -25.92 -4.55 -13.39
CA ALA A 233 -26.03 -5.73 -12.55
C ALA A 233 -25.96 -7.01 -13.36
N ARG A 234 -26.57 -7.00 -14.56
CA ARG A 234 -26.49 -8.16 -15.44
C ARG A 234 -25.08 -8.41 -15.96
N LYS A 235 -24.22 -7.41 -15.94
CA LYS A 235 -22.83 -7.67 -16.32
C LYS A 235 -22.00 -8.10 -15.11
N VAL A 236 -22.14 -7.39 -13.99
CA VAL A 236 -21.29 -7.66 -12.85
C VAL A 236 -21.62 -8.98 -12.19
N PHE A 237 -22.84 -9.50 -12.30
CA PHE A 237 -23.09 -10.75 -11.62
C PHE A 237 -22.62 -11.96 -12.41
N CYS A 238 -22.66 -11.91 -13.74
CA CYS A 238 -22.07 -13.06 -14.41
C CYS A 238 -20.55 -12.94 -14.47
N GLU A 239 -20.00 -11.72 -14.32
CA GLU A 239 -18.56 -11.65 -14.08
C GLU A 239 -18.19 -12.17 -12.70
N VAL A 240 -19.08 -12.02 -11.72
CA VAL A 240 -18.89 -12.64 -10.41
C VAL A 240 -18.93 -14.16 -10.53
N TYR A 241 -19.83 -14.68 -11.36
CA TYR A 241 -19.87 -16.12 -11.61
C TYR A 241 -18.60 -16.60 -12.30
N LYS A 242 -18.08 -15.82 -13.23
CA LYS A 242 -16.87 -16.24 -13.95
C LYS A 242 -15.64 -16.17 -13.06
N GLU A 243 -15.60 -15.25 -12.11
CA GLU A 243 -14.48 -15.21 -11.18
C GLU A 243 -14.78 -15.95 -9.88
N ARG A 244 -15.96 -16.55 -9.76
CA ARG A 244 -16.37 -17.42 -8.65
C ARG A 244 -16.28 -16.68 -7.30
N LEU A 245 -17.06 -15.61 -7.18
CA LEU A 245 -17.12 -14.83 -5.96
C LEU A 245 -18.34 -15.13 -5.12
N PHE A 246 -19.31 -15.85 -5.66
CA PHE A 246 -20.48 -16.26 -4.90
C PHE A 246 -20.12 -17.47 -4.04
N GLY A 247 -21.09 -17.99 -3.30
CA GLY A 247 -20.89 -19.28 -2.68
C GLY A 247 -21.43 -19.43 -1.28
N LYS A 248 -20.85 -20.38 -0.55
CA LYS A 248 -21.35 -20.71 0.78
C LYS A 248 -21.00 -19.64 1.80
N LYS A 249 -19.88 -18.96 1.61
CA LYS A 249 -19.35 -18.03 2.60
C LYS A 249 -19.48 -16.58 2.18
N TYR A 250 -20.33 -16.29 1.20
CA TYR A 250 -20.52 -14.93 0.70
C TYR A 250 -21.98 -14.52 0.78
N VAL A 251 -22.20 -13.23 0.97
CA VAL A 251 -23.55 -12.69 1.04
C VAL A 251 -23.54 -11.27 0.48
N TRP A 252 -24.44 -10.99 -0.45
CA TRP A 252 -24.51 -9.70 -1.12
C TRP A 252 -25.60 -8.85 -0.49
N PHE A 253 -25.72 -7.62 -0.98
CA PHE A 253 -26.81 -6.73 -0.62
C PHE A 253 -27.07 -5.86 -1.83
N LEU A 254 -28.32 -5.79 -2.27
CA LEU A 254 -28.63 -5.05 -3.48
C LEU A 254 -29.73 -4.04 -3.23
N ILE A 255 -30.28 -3.48 -4.30
CA ILE A 255 -31.45 -2.62 -4.23
C ILE A 255 -32.62 -3.36 -4.84
N GLY A 256 -33.82 -3.02 -4.37
CA GLY A 256 -34.94 -3.91 -4.54
C GLY A 256 -35.90 -3.62 -5.66
N TRP A 257 -35.82 -2.45 -6.29
CA TRP A 257 -36.78 -2.10 -7.31
C TRP A 257 -36.36 -2.54 -8.70
N TYR A 258 -35.55 -3.58 -8.81
CA TYR A 258 -35.34 -4.25 -10.08
C TYR A 258 -36.61 -4.99 -10.50
N ALA A 259 -36.64 -5.39 -11.77
CA ALA A 259 -37.67 -6.31 -12.20
C ALA A 259 -37.41 -7.69 -11.61
N ASP A 260 -38.49 -8.45 -11.41
CA ASP A 260 -38.40 -9.68 -10.64
C ASP A 260 -37.78 -10.84 -11.43
N ASN A 261 -37.43 -10.64 -12.68
CA ASN A 261 -36.74 -11.64 -13.48
C ASN A 261 -35.57 -11.01 -14.20
N TRP A 262 -34.77 -10.25 -13.47
CA TRP A 262 -33.73 -9.45 -14.09
C TRP A 262 -32.50 -10.25 -14.48
N PHE A 263 -32.39 -11.51 -14.06
CA PHE A 263 -31.30 -12.37 -14.53
C PHE A 263 -31.76 -13.38 -15.56
N LYS A 264 -33.05 -13.63 -15.67
CA LYS A 264 -33.59 -14.61 -16.59
C LYS A 264 -33.90 -14.03 -17.96
N ILE A 265 -33.48 -12.81 -18.24
CA ILE A 265 -33.72 -12.20 -19.53
C ILE A 265 -32.46 -12.31 -20.38
N TYR A 266 -32.65 -12.20 -21.68
CA TYR A 266 -31.56 -12.38 -22.64
C TYR A 266 -30.82 -11.06 -22.83
N ASP A 267 -29.49 -11.15 -22.87
CA ASP A 267 -28.65 -9.98 -23.08
C ASP A 267 -27.43 -10.36 -23.91
N PRO A 268 -27.30 -9.84 -25.12
CA PRO A 268 -26.15 -10.21 -25.97
C PRO A 268 -24.84 -9.58 -25.56
N SER A 269 -24.83 -8.70 -24.56
CA SER A 269 -23.61 -8.01 -24.15
C SER A 269 -22.77 -8.82 -23.17
N ILE A 270 -23.12 -10.06 -22.91
CA ILE A 270 -22.35 -10.92 -22.00
C ILE A 270 -22.25 -12.31 -22.60
N ASN A 271 -21.12 -12.96 -22.37
CA ASN A 271 -20.93 -14.37 -22.76
C ASN A 271 -21.28 -15.28 -21.59
N CYS A 272 -22.49 -15.12 -21.09
CA CYS A 272 -22.97 -15.82 -19.91
C CYS A 272 -24.34 -16.38 -20.22
N THR A 273 -24.70 -17.46 -19.55
CA THR A 273 -25.86 -18.27 -19.92
C THR A 273 -27.00 -18.02 -18.94
N VAL A 274 -28.24 -18.25 -19.41
CA VAL A 274 -29.43 -18.01 -18.60
C VAL A 274 -29.53 -18.99 -17.44
N ASP A 275 -29.24 -20.27 -17.70
CA ASP A 275 -29.20 -21.25 -16.62
C ASP A 275 -28.01 -21.02 -15.70
N GLU A 276 -26.93 -20.46 -16.25
CA GLU A 276 -25.87 -19.95 -15.41
C GLU A 276 -26.32 -18.65 -14.77
N MET A 277 -25.57 -18.24 -13.73
CA MET A 277 -25.71 -17.04 -12.90
C MET A 277 -26.99 -17.04 -12.05
N THR A 278 -27.90 -17.98 -12.28
CA THR A 278 -29.01 -18.20 -11.37
C THR A 278 -28.52 -18.82 -10.08
N GLU A 279 -27.45 -19.59 -10.17
CA GLU A 279 -26.71 -20.06 -9.02
C GLU A 279 -25.81 -18.99 -8.42
N ALA A 280 -25.56 -17.89 -9.14
CA ALA A 280 -24.66 -16.85 -8.64
C ALA A 280 -25.39 -15.76 -7.90
N VAL A 281 -26.67 -15.56 -8.16
CA VAL A 281 -27.44 -14.54 -7.46
C VAL A 281 -28.18 -15.18 -6.30
N GLU A 282 -27.77 -16.40 -5.94
CA GLU A 282 -28.51 -17.22 -4.98
C GLU A 282 -28.40 -16.66 -3.58
N GLY A 283 -29.54 -16.36 -2.97
CA GLY A 283 -29.61 -15.94 -1.59
C GLY A 283 -28.98 -14.60 -1.29
N HIS A 284 -29.32 -13.57 -2.06
CA HIS A 284 -28.86 -12.21 -1.80
C HIS A 284 -30.00 -11.40 -1.22
N ILE A 285 -29.72 -10.65 -0.18
CA ILE A 285 -30.73 -9.85 0.48
C ILE A 285 -30.95 -8.57 -0.31
N THR A 286 -32.21 -8.19 -0.50
CA THR A 286 -32.53 -6.88 -1.07
C THR A 286 -33.46 -6.16 -0.12
N THR A 287 -33.37 -4.84 -0.15
CA THR A 287 -34.24 -3.97 0.64
C THR A 287 -34.92 -2.99 -0.29
N GLU A 288 -36.18 -2.66 0.01
CA GLU A 288 -36.87 -1.70 -0.82
C GLU A 288 -37.90 -0.94 0.00
N ILE A 289 -38.28 0.23 -0.52
CA ILE A 289 -39.34 1.00 0.10
C ILE A 289 -40.67 0.36 -0.26
N VAL A 290 -41.61 0.37 0.67
CA VAL A 290 -42.94 -0.18 0.45
C VAL A 290 -43.92 0.98 0.25
N MET A 291 -44.49 1.04 -0.95
CA MET A 291 -45.45 2.09 -1.25
C MET A 291 -46.83 1.73 -0.74
N LEU A 292 -47.39 0.65 -1.26
CA LEU A 292 -48.78 0.31 -0.98
C LEU A 292 -48.90 -0.35 0.38
N ASN A 293 -49.95 0.03 1.11
CA ASN A 293 -50.16 -0.43 2.49
C ASN A 293 -50.47 -1.92 2.50
N PRO A 294 -49.69 -2.74 3.22
CA PRO A 294 -49.94 -4.19 3.22
C PRO A 294 -51.17 -4.62 3.99
N ALA A 295 -51.68 -3.79 4.91
CA ALA A 295 -52.89 -4.15 5.65
C ALA A 295 -54.13 -3.88 4.82
N ASN A 296 -55.30 -3.97 5.44
CA ASN A 296 -56.55 -3.74 4.71
C ASN A 296 -57.48 -2.88 5.56
N THR A 297 -56.95 -1.84 6.17
CA THR A 297 -57.75 -0.92 6.96
C THR A 297 -58.33 0.17 6.05
N ARG A 298 -58.89 1.21 6.64
CA ARG A 298 -59.50 2.30 5.89
C ARG A 298 -58.68 3.57 6.07
N SER A 299 -58.41 4.25 4.96
CA SER A 299 -57.63 5.48 4.97
C SER A 299 -58.54 6.66 5.32
N ILE A 300 -58.03 7.88 5.14
CA ILE A 300 -58.85 9.06 5.37
C ILE A 300 -59.82 9.32 4.22
N SER A 301 -59.62 8.68 3.09
CA SER A 301 -60.57 8.76 1.98
C SER A 301 -61.60 7.65 2.02
N ASN A 302 -61.62 6.87 3.11
CA ASN A 302 -62.46 5.67 3.28
C ASN A 302 -62.26 4.70 2.12
N MET A 303 -61.03 4.21 2.01
CA MET A 303 -60.67 3.34 0.91
C MET A 303 -59.54 2.43 1.34
N THR A 304 -59.48 1.24 0.74
CA THR A 304 -58.42 0.28 1.00
C THR A 304 -57.50 0.17 -0.21
N SER A 305 -56.47 -0.66 -0.05
CA SER A 305 -55.40 -0.73 -1.05
C SER A 305 -55.87 -1.45 -2.31
N GLN A 306 -56.50 -2.61 -2.14
CA GLN A 306 -56.88 -3.44 -3.28
C GLN A 306 -57.96 -2.75 -4.12
N GLU A 307 -58.92 -2.10 -3.47
CA GLU A 307 -59.92 -1.36 -4.24
C GLU A 307 -59.36 -0.07 -4.83
N PHE A 308 -58.29 0.49 -4.26
CA PHE A 308 -57.62 1.61 -4.91
C PHE A 308 -56.94 1.16 -6.19
N VAL A 309 -56.27 0.01 -6.16
CA VAL A 309 -55.66 -0.54 -7.36
C VAL A 309 -56.73 -0.89 -8.39
N GLU A 310 -57.86 -1.43 -7.91
CA GLU A 310 -58.96 -1.79 -8.81
C GLU A 310 -59.59 -0.57 -9.46
N LYS A 311 -59.73 0.52 -8.71
CA LYS A 311 -60.31 1.73 -9.28
C LYS A 311 -59.32 2.42 -10.22
N LEU A 312 -58.03 2.35 -9.91
CA LEU A 312 -57.03 2.98 -10.76
C LEU A 312 -56.88 2.24 -12.07
N THR A 313 -57.04 0.90 -12.07
CA THR A 313 -56.84 0.13 -13.29
C THR A 313 -57.94 0.37 -14.32
N LYS A 314 -59.08 0.95 -13.91
CA LYS A 314 -60.10 1.34 -14.87
C LYS A 314 -59.64 2.52 -15.72
N ARG A 315 -59.03 3.53 -15.09
CA ARG A 315 -58.71 4.75 -15.79
C ARG A 315 -57.51 4.63 -16.70
N LEU A 316 -56.65 3.63 -16.48
CA LEU A 316 -55.51 3.44 -17.36
C LEU A 316 -55.96 2.82 -18.68
N LYS A 317 -55.30 3.21 -19.76
CA LYS A 317 -55.61 2.70 -21.07
C LYS A 317 -54.79 1.46 -21.42
N ARG A 318 -54.02 0.94 -20.48
CA ARG A 318 -53.18 -0.23 -20.73
C ARG A 318 -53.15 -1.07 -19.47
N HIS A 319 -52.31 -2.05 -19.46
CA HIS A 319 -52.11 -2.97 -18.36
C HIS A 319 -51.15 -2.39 -17.33
N PRO A 320 -51.25 -2.79 -16.06
CA PRO A 320 -50.32 -2.24 -15.06
C PRO A 320 -48.88 -2.71 -15.23
N GLU A 321 -48.65 -3.84 -15.88
CA GLU A 321 -47.28 -4.31 -16.03
C GLU A 321 -46.55 -3.59 -17.15
N GLU A 322 -47.27 -2.99 -18.08
CA GLU A 322 -46.64 -2.33 -19.22
C GLU A 322 -46.55 -0.82 -19.07
N THR A 323 -47.41 -0.19 -18.28
CA THR A 323 -47.33 1.24 -18.08
C THR A 323 -46.22 1.56 -17.07
N GLY A 324 -45.67 2.76 -17.18
CA GLY A 324 -44.60 3.16 -16.30
C GLY A 324 -45.09 3.92 -15.10
N GLY A 325 -44.35 3.81 -14.01
CA GLY A 325 -44.69 4.55 -12.81
C GLY A 325 -45.91 4.06 -12.10
N PHE A 326 -46.19 2.76 -12.17
CA PHE A 326 -47.37 2.23 -11.51
C PHE A 326 -47.17 2.11 -10.01
N GLN A 327 -45.95 1.78 -9.58
CA GLN A 327 -45.70 1.58 -8.15
C GLN A 327 -45.69 2.90 -7.40
N GLU A 328 -45.27 3.99 -8.04
CA GLU A 328 -45.24 5.29 -7.39
C GLU A 328 -46.59 5.98 -7.39
N ALA A 329 -47.57 5.42 -8.10
CA ALA A 329 -48.89 6.05 -8.20
C ALA A 329 -49.67 6.22 -6.89
N PRO A 330 -49.51 5.40 -5.84
CA PRO A 330 -50.11 5.79 -4.56
C PRO A 330 -49.59 7.09 -3.98
N LEU A 331 -48.28 7.33 -4.10
CA LEU A 331 -47.62 8.42 -3.38
C LEU A 331 -48.16 9.77 -3.81
N ALA A 332 -48.31 9.98 -5.12
CA ALA A 332 -48.91 11.19 -5.67
C ALA A 332 -50.30 11.44 -5.08
N TYR A 333 -51.08 10.36 -4.92
CA TYR A 333 -52.37 10.41 -4.25
C TYR A 333 -52.28 11.07 -2.89
N ASP A 334 -51.38 10.55 -2.03
CA ASP A 334 -51.24 11.10 -0.69
C ASP A 334 -50.72 12.53 -0.73
N ALA A 335 -49.93 12.85 -1.77
CA ALA A 335 -49.42 14.19 -1.95
C ALA A 335 -50.54 15.19 -2.06
N ILE A 336 -51.55 14.86 -2.89
CA ILE A 336 -52.72 15.72 -3.05
C ILE A 336 -53.45 15.86 -1.72
N TRP A 337 -53.60 14.74 -1.01
CA TRP A 337 -54.31 14.75 0.25
C TRP A 337 -53.57 15.56 1.29
N ALA A 338 -52.24 15.51 1.23
CA ALA A 338 -51.43 16.27 2.18
C ALA A 338 -51.68 17.76 2.01
N LEU A 339 -51.75 18.19 0.74
CA LEU A 339 -52.00 19.59 0.45
C LEU A 339 -53.38 20.00 0.93
N ALA A 340 -54.35 19.09 0.80
CA ALA A 340 -55.71 19.40 1.22
C ALA A 340 -55.77 19.63 2.71
N LEU A 341 -55.02 18.83 3.48
CA LEU A 341 -55.05 19.03 4.92
C LEU A 341 -54.29 20.29 5.29
N ALA A 342 -53.27 20.63 4.50
CA ALA A 342 -52.55 21.87 4.76
C ALA A 342 -53.36 23.09 4.36
N LEU A 343 -54.45 22.90 3.63
CA LEU A 343 -55.37 24.00 3.38
C LEU A 343 -56.62 23.90 4.22
N ASN A 344 -56.71 22.92 5.11
CA ASN A 344 -57.81 22.90 6.06
C ASN A 344 -57.41 23.44 7.41
N LYS A 345 -56.13 23.39 7.75
CA LYS A 345 -55.62 23.95 9.01
C LYS A 345 -55.23 25.41 8.86
N THR A 346 -55.70 26.09 7.83
CA THR A 346 -55.43 27.52 7.68
C THR A 346 -56.65 28.29 7.18
N SER A 347 -57.83 27.67 7.16
CA SER A 347 -59.05 28.34 6.72
C SER A 347 -60.23 27.93 7.56
N GLY A 354 -56.97 32.32 9.79
CA GLY A 354 -57.86 31.93 8.72
C GLY A 354 -57.81 32.87 7.53
N VAL A 355 -56.60 33.09 7.02
CA VAL A 355 -56.41 33.99 5.88
C VAL A 355 -56.88 33.32 4.60
N ARG A 356 -57.57 34.09 3.75
CA ARG A 356 -58.11 33.56 2.52
C ARG A 356 -56.99 33.31 1.51
N LEU A 357 -57.33 32.58 0.45
CA LEU A 357 -56.35 32.19 -0.55
C LEU A 357 -56.63 32.77 -1.93
N GLU A 358 -57.65 33.62 -2.07
CA GLU A 358 -57.93 34.26 -3.33
C GLU A 358 -57.18 35.57 -3.52
N ASP A 359 -56.12 35.79 -2.73
CA ASP A 359 -55.36 37.03 -2.76
C ASP A 359 -53.86 36.79 -2.76
N PHE A 360 -53.42 35.56 -2.95
CA PHE A 360 -52.01 35.22 -2.88
C PHE A 360 -51.28 35.72 -4.12
N ASN A 361 -50.36 36.66 -3.94
CA ASN A 361 -49.47 37.11 -5.00
C ASN A 361 -48.06 36.62 -4.70
N TYR A 362 -47.14 36.94 -5.61
CA TYR A 362 -45.82 36.36 -5.56
C TYR A 362 -44.84 37.12 -4.66
N ASN A 363 -45.29 38.17 -3.99
CA ASN A 363 -44.36 39.02 -3.24
C ASN A 363 -44.51 38.94 -1.74
N ASN A 364 -45.71 38.72 -1.22
CA ASN A 364 -45.90 38.64 0.22
C ASN A 364 -45.41 37.31 0.76
N GLN A 365 -44.55 37.38 1.76
CA GLN A 365 -43.85 36.23 2.31
C GLN A 365 -44.67 35.53 3.40
N THR A 366 -45.84 36.04 3.73
CA THR A 366 -46.60 35.62 4.90
C THR A 366 -47.36 34.31 4.70
N ILE A 367 -48.17 34.24 3.64
CA ILE A 367 -49.09 33.11 3.44
C ILE A 367 -48.31 31.82 3.20
N THR A 368 -47.17 31.92 2.52
CA THR A 368 -46.30 30.77 2.37
C THR A 368 -45.72 30.32 3.69
N ASP A 369 -45.47 31.26 4.61
CA ASP A 369 -45.00 30.87 5.94
C ASP A 369 -46.09 30.18 6.74
N GLN A 370 -47.34 30.61 6.59
CA GLN A 370 -48.45 29.91 7.22
C GLN A 370 -48.59 28.50 6.68
N ILE A 371 -48.51 28.34 5.35
CA ILE A 371 -48.63 27.02 4.74
C ILE A 371 -47.43 26.14 5.12
N TYR A 372 -46.25 26.73 5.25
CA TYR A 372 -45.06 25.98 5.61
C TYR A 372 -45.13 25.50 7.06
N ARG A 373 -45.61 26.34 7.98
CA ARG A 373 -45.78 25.88 9.35
C ARG A 373 -46.91 24.88 9.47
N ALA A 374 -47.94 24.99 8.62
CA ALA A 374 -49.04 24.03 8.67
C ALA A 374 -48.62 22.69 8.12
N MET A 375 -47.72 22.67 7.15
CA MET A 375 -47.28 21.40 6.57
C MET A 375 -46.04 20.84 7.23
N ASN A 376 -45.37 21.61 8.08
CA ASN A 376 -44.26 21.06 8.87
C ASN A 376 -44.77 20.03 9.86
N SER A 377 -45.96 20.25 10.41
CA SER A 377 -46.58 19.34 11.37
C SER A 377 -47.79 18.72 10.67
N SER A 378 -47.56 17.60 9.99
CA SER A 378 -48.63 16.88 9.33
C SER A 378 -48.46 15.40 9.64
N SER A 379 -49.58 14.76 9.99
CA SER A 379 -49.54 13.36 10.40
C SER A 379 -50.93 12.79 10.17
N PHE A 380 -51.07 11.92 9.17
CA PHE A 380 -52.37 11.34 8.90
C PHE A 380 -52.20 9.96 8.28
N GLU A 381 -53.30 9.37 7.83
CA GLU A 381 -53.32 8.00 7.32
C GLU A 381 -53.86 8.01 5.90
N GLY A 382 -52.96 7.86 4.93
CA GLY A 382 -53.34 7.75 3.54
C GLY A 382 -53.12 6.34 3.01
N VAL A 383 -53.24 6.23 1.69
CA VAL A 383 -53.17 4.94 1.01
C VAL A 383 -51.80 4.31 1.16
N SER A 384 -50.76 5.12 1.24
CA SER A 384 -49.43 4.58 1.45
C SER A 384 -49.14 4.27 2.91
N GLY A 385 -50.07 4.55 3.83
CA GLY A 385 -49.86 4.28 5.23
C GLY A 385 -49.85 5.55 6.05
N HIS A 386 -49.03 5.58 7.09
CA HIS A 386 -48.93 6.74 7.96
C HIS A 386 -47.99 7.76 7.31
N VAL A 387 -48.55 8.90 6.91
CA VAL A 387 -47.79 9.95 6.25
C VAL A 387 -47.45 11.00 7.29
N VAL A 388 -46.14 11.25 7.46
CA VAL A 388 -45.61 12.27 8.36
C VAL A 388 -44.20 12.62 7.89
N PHE A 389 -43.89 13.91 7.78
CA PHE A 389 -42.63 14.34 7.20
C PHE A 389 -41.54 14.40 8.26
N ASP A 390 -40.32 14.61 7.79
CA ASP A 390 -39.15 14.74 8.64
C ASP A 390 -38.93 16.21 8.96
N ALA A 391 -37.77 16.56 9.51
CA ALA A 391 -37.39 17.95 9.71
C ALA A 391 -36.58 18.50 8.55
N SER A 392 -36.22 17.67 7.58
CA SER A 392 -35.50 18.12 6.40
C SER A 392 -36.36 18.04 5.14
N GLY A 393 -37.64 17.73 5.28
CA GLY A 393 -38.55 17.70 4.16
C GLY A 393 -38.84 16.34 3.59
N SER A 394 -38.13 15.31 4.01
CA SER A 394 -38.34 13.97 3.47
C SER A 394 -39.59 13.33 4.09
N ARG A 395 -39.80 12.04 3.82
CA ARG A 395 -40.91 11.31 4.39
C ARG A 395 -40.38 10.01 4.97
N MET A 396 -40.73 9.74 6.23
CA MET A 396 -40.29 8.52 6.91
C MET A 396 -41.34 7.43 6.72
N ALA A 397 -40.89 6.24 6.32
CA ALA A 397 -41.81 5.16 5.99
C ALA A 397 -41.14 3.83 6.26
N TRP A 398 -41.89 2.76 6.05
CA TRP A 398 -41.45 1.40 6.35
C TRP A 398 -40.46 0.91 5.30
N THR A 399 -39.94 -0.29 5.51
CA THR A 399 -38.99 -0.89 4.58
C THR A 399 -39.26 -2.38 4.52
N LEU A 400 -39.21 -2.95 3.33
CA LEU A 400 -39.38 -4.38 3.14
C LEU A 400 -38.05 -5.04 2.82
N ILE A 401 -37.78 -6.17 3.47
CA ILE A 401 -36.54 -6.91 3.33
C ILE A 401 -36.90 -8.27 2.75
N GLU A 402 -36.41 -8.56 1.55
CA GLU A 402 -36.71 -9.84 0.93
C GLU A 402 -35.43 -10.49 0.46
N GLN A 403 -35.54 -11.75 0.03
CA GLN A 403 -34.40 -12.58 -0.31
C GLN A 403 -34.76 -13.48 -1.47
N LEU A 404 -33.80 -13.72 -2.36
CA LEU A 404 -33.96 -14.73 -3.37
C LEU A 404 -33.82 -16.12 -2.75
N GLN A 405 -34.76 -17.00 -3.08
CA GLN A 405 -34.73 -18.39 -2.61
C GLN A 405 -35.14 -19.28 -3.79
N GLY A 406 -34.15 -19.68 -4.58
CA GLY A 406 -34.41 -20.57 -5.70
C GLY A 406 -35.22 -19.96 -6.82
N GLY A 407 -34.77 -18.84 -7.37
CA GLY A 407 -35.36 -18.28 -8.56
C GLY A 407 -36.46 -17.26 -8.34
N SER A 408 -36.93 -17.08 -7.11
CA SER A 408 -38.00 -16.13 -6.87
C SER A 408 -37.85 -15.53 -5.49
N TYR A 409 -38.30 -14.29 -5.35
CA TYR A 409 -38.14 -13.56 -4.10
C TYR A 409 -39.14 -14.04 -3.06
N LYS A 410 -38.81 -13.79 -1.80
CA LYS A 410 -39.66 -14.18 -0.68
C LYS A 410 -39.51 -13.14 0.42
N LYS A 411 -40.63 -12.62 0.89
CA LYS A 411 -40.61 -11.57 1.91
C LYS A 411 -40.17 -12.14 3.25
N ILE A 412 -39.04 -11.68 3.77
CA ILE A 412 -38.52 -12.21 5.02
C ILE A 412 -38.56 -11.19 6.14
N GLY A 413 -39.00 -9.96 5.90
CA GLY A 413 -39.22 -9.10 7.05
C GLY A 413 -39.61 -7.69 6.68
N TYR A 414 -40.06 -6.98 7.71
CA TYR A 414 -40.38 -5.56 7.60
C TYR A 414 -39.60 -4.80 8.66
N TYR A 415 -39.40 -3.51 8.42
CA TYR A 415 -38.68 -2.69 9.39
C TYR A 415 -39.24 -1.28 9.40
N ASP A 416 -39.69 -0.84 10.56
CA ASP A 416 -39.94 0.57 10.79
C ASP A 416 -38.73 1.18 11.46
N SER A 417 -38.41 2.41 11.06
CA SER A 417 -37.18 3.07 11.48
C SER A 417 -37.39 4.26 12.37
N THR A 418 -38.54 4.93 12.32
CA THR A 418 -38.72 6.11 13.15
C THR A 418 -38.96 5.78 14.62
N LYS A 419 -39.26 4.51 14.93
CA LYS A 419 -39.38 4.06 16.31
C LYS A 419 -38.73 2.70 16.52
N ASP A 420 -37.97 2.22 15.53
CA ASP A 420 -37.11 1.04 15.61
C ASP A 420 -37.90 -0.23 15.94
N ASP A 421 -38.75 -0.62 15.00
CA ASP A 421 -39.54 -1.84 15.16
C ASP A 421 -39.23 -2.80 14.01
N LEU A 422 -38.48 -3.86 14.31
CA LEU A 422 -38.28 -4.89 13.32
C LEU A 422 -39.41 -5.91 13.40
N SER A 423 -39.72 -6.53 12.28
CA SER A 423 -40.74 -7.58 12.24
C SER A 423 -40.19 -8.71 11.38
N TRP A 424 -39.72 -9.77 12.02
CA TRP A 424 -39.14 -10.90 11.34
C TRP A 424 -40.21 -11.96 11.06
N SER A 425 -39.92 -12.82 10.08
CA SER A 425 -40.91 -13.79 9.65
C SER A 425 -40.31 -15.16 9.35
N LYS A 426 -39.10 -15.42 9.88
CA LYS A 426 -38.54 -16.76 10.07
C LYS A 426 -38.40 -17.54 8.75
N THR A 427 -37.87 -16.87 7.73
CA THR A 427 -37.84 -17.47 6.40
C THR A 427 -36.45 -17.33 5.77
N ASP A 428 -35.45 -16.87 6.51
CA ASP A 428 -34.11 -16.66 5.96
C ASP A 428 -33.40 -18.01 5.82
N LYS A 429 -33.68 -18.69 4.72
CA LYS A 429 -33.13 -20.01 4.47
C LYS A 429 -31.69 -19.86 3.99
N TRP A 430 -30.74 -20.12 4.87
CA TRP A 430 -29.33 -20.13 4.48
C TRP A 430 -28.93 -21.49 3.94
N ILE A 431 -27.63 -21.70 3.79
CA ILE A 431 -27.09 -22.97 3.31
C ILE A 431 -26.75 -23.90 4.46
N GLY A 432 -26.18 -23.37 5.55
CA GLY A 432 -25.78 -24.20 6.67
C GLY A 432 -26.67 -24.02 7.89
N GLY A 433 -27.83 -23.39 7.70
CA GLY A 433 -28.75 -23.17 8.80
C GLY A 433 -28.52 -21.86 9.52
N SER A 434 -27.27 -21.41 9.54
CA SER A 434 -26.85 -20.17 10.18
C SER A 434 -26.26 -19.23 9.14
N PRO A 435 -26.35 -17.91 9.35
CA PRO A 435 -25.70 -16.98 8.44
C PRO A 435 -24.20 -17.04 8.60
N PRO A 436 -23.45 -16.91 7.52
CA PRO A 436 -21.98 -16.96 7.61
C PRO A 436 -21.43 -15.71 8.29
N ALA A 437 -20.15 -15.80 8.67
CA ALA A 437 -19.45 -14.70 9.30
C ALA A 437 -18.57 -13.99 8.28
N ASP A 438 -18.12 -12.80 8.66
CA ASP A 438 -17.33 -11.96 7.77
C ASP A 438 -15.95 -12.52 7.45
N GLN A 439 -15.09 -12.72 8.44
CA GLN A 439 -13.76 -13.27 8.20
C GLN A 439 -13.59 -14.58 8.95
N THR A 440 -12.65 -15.40 8.47
CA THR A 440 -12.34 -16.64 9.15
C THR A 440 -11.58 -16.36 10.44
N LEU A 441 -11.88 -17.16 11.46
CA LEU A 441 -11.31 -16.98 12.78
C LEU A 441 -10.05 -17.83 12.92
N VAL A 442 -9.09 -17.31 13.67
CA VAL A 442 -7.86 -18.04 13.97
C VAL A 442 -8.02 -18.78 15.28
N ILE A 443 -7.39 -19.94 15.36
CA ILE A 443 -7.32 -20.72 16.60
C ILE A 443 -5.85 -20.93 16.93
N LYS A 444 -5.43 -20.47 18.10
CA LYS A 444 -4.05 -20.58 18.54
C LYS A 444 -3.93 -21.80 19.43
N THR A 445 -3.91 -22.97 18.79
CA THR A 445 -3.69 -24.22 19.50
C THR A 445 -2.24 -24.33 19.97
N PHE A 446 -2.02 -25.23 20.92
CA PHE A 446 -0.69 -25.53 21.40
C PHE A 446 -0.32 -26.96 21.00
N ARG A 447 0.95 -27.29 21.19
CA ARG A 447 1.47 -28.61 20.87
C ARG A 447 2.35 -29.08 22.02
N PHE A 448 1.93 -30.15 22.69
CA PHE A 448 2.64 -30.66 23.85
C PHE A 448 3.12 -32.08 23.57
N LEU A 449 4.16 -32.47 24.30
CA LEU A 449 4.69 -33.82 24.21
C LEU A 449 3.75 -34.81 24.88
N SER A 450 3.67 -36.02 24.32
CA SER A 450 2.79 -37.05 24.85
C SER A 450 3.28 -37.51 26.22
N GLN A 451 2.36 -37.68 27.15
CA GLN A 451 2.74 -37.81 28.55
C GLN A 451 3.32 -39.18 28.90
N LYS A 452 3.12 -40.19 28.03
CA LYS A 452 3.69 -41.50 28.30
C LYS A 452 5.21 -41.48 28.17
N LEU A 453 5.72 -40.83 27.13
CA LEU A 453 7.16 -40.66 26.94
C LEU A 453 7.76 -39.68 27.93
N PHE A 454 6.95 -38.94 28.67
CA PHE A 454 7.47 -38.17 29.80
C PHE A 454 7.55 -39.03 31.05
N ILE A 455 6.48 -39.79 31.32
CA ILE A 455 6.38 -40.50 32.59
C ILE A 455 7.30 -41.71 32.65
N SER A 456 7.55 -42.39 31.52
CA SER A 456 8.45 -43.55 31.53
C SER A 456 9.89 -43.10 31.78
N VAL A 457 10.29 -42.00 31.15
CA VAL A 457 11.65 -41.53 31.33
C VAL A 457 11.83 -40.94 32.72
N SER A 458 10.78 -40.36 33.31
CA SER A 458 10.91 -39.86 34.67
C SER A 458 11.01 -40.99 35.69
N VAL A 459 10.30 -42.10 35.47
CA VAL A 459 10.45 -43.19 36.44
C VAL A 459 11.78 -43.93 36.26
N LEU A 460 12.32 -43.99 35.04
CA LEU A 460 13.70 -44.45 34.88
C LEU A 460 14.69 -43.51 35.57
N SER A 461 14.40 -42.22 35.59
CA SER A 461 15.25 -41.27 36.31
C SER A 461 15.19 -41.47 37.82
N SER A 462 14.01 -41.83 38.34
CA SER A 462 13.93 -42.10 39.78
C SER A 462 14.65 -43.40 40.15
N LEU A 463 14.61 -44.40 39.26
CA LEU A 463 15.43 -45.59 39.48
C LEU A 463 16.92 -45.25 39.46
N GLY A 464 17.31 -44.33 38.57
CA GLY A 464 18.68 -43.86 38.56
C GLY A 464 19.09 -43.13 39.83
N ILE A 465 18.19 -42.31 40.38
CA ILE A 465 18.56 -41.55 41.58
C ILE A 465 18.65 -42.47 42.79
N VAL A 466 17.82 -43.53 42.84
CA VAL A 466 17.97 -44.43 43.99
C VAL A 466 19.22 -45.30 43.85
N LEU A 467 19.61 -45.66 42.61
CA LEU A 467 20.86 -46.40 42.42
C LEU A 467 22.06 -45.53 42.77
N ALA A 468 22.00 -44.24 42.44
CA ALA A 468 23.08 -43.33 42.77
C ALA A 468 23.22 -43.13 44.28
N VAL A 469 22.10 -42.98 44.99
CA VAL A 469 22.24 -42.73 46.42
C VAL A 469 22.65 -44.00 47.16
N VAL A 470 22.25 -45.19 46.67
CA VAL A 470 22.67 -46.41 47.36
C VAL A 470 24.16 -46.70 47.09
N CYS A 471 24.65 -46.33 45.90
CA CYS A 471 26.08 -46.51 45.64
C CYS A 471 26.93 -45.50 46.38
N LEU A 472 26.43 -44.27 46.53
CA LEU A 472 27.13 -43.26 47.31
C LEU A 472 27.21 -43.66 48.78
N SER A 473 26.11 -44.18 49.34
CA SER A 473 26.12 -44.61 50.74
C SER A 473 27.02 -45.82 50.95
N PHE A 474 27.03 -46.75 50.00
CA PHE A 474 27.92 -47.91 50.10
C PHE A 474 29.39 -47.49 50.07
N ASN A 475 29.74 -46.55 49.19
CA ASN A 475 31.14 -46.15 49.10
C ASN A 475 31.54 -45.30 50.31
N ILE A 476 30.60 -44.55 50.89
CA ILE A 476 30.96 -43.75 52.05
C ILE A 476 30.96 -44.60 53.32
N TYR A 477 30.33 -45.78 53.29
CA TYR A 477 30.28 -46.59 54.50
C TYR A 477 31.63 -47.23 54.80
N ASN A 478 32.31 -47.74 53.78
CA ASN A 478 33.61 -48.40 53.97
C ASN A 478 34.76 -47.42 53.79
N SER A 479 34.73 -46.32 54.55
CA SER A 479 35.70 -45.25 54.40
C SER A 479 37.02 -45.51 55.12
N HIS A 480 37.22 -46.70 55.68
CA HIS A 480 38.43 -47.02 56.41
C HIS A 480 39.31 -48.06 55.74
N VAL A 481 38.70 -48.98 54.98
CA VAL A 481 39.43 -50.12 54.45
C VAL A 481 40.37 -49.67 53.33
N ARG A 482 41.58 -50.22 53.34
CA ARG A 482 42.64 -49.80 52.41
C ARG A 482 42.56 -50.54 51.08
N TYR A 483 41.37 -50.52 50.48
CA TYR A 483 41.20 -50.83 49.07
C TYR A 483 40.62 -49.67 48.31
N ILE A 484 39.80 -48.85 48.97
CA ILE A 484 39.32 -47.61 48.40
C ILE A 484 39.82 -46.38 49.15
N GLN A 485 40.35 -46.53 50.36
CA GLN A 485 40.98 -45.41 51.05
C GLN A 485 42.29 -45.05 50.39
N ASN A 486 43.08 -46.04 50.01
CA ASN A 486 44.36 -45.77 49.35
C ASN A 486 44.18 -45.44 47.88
N SER A 487 43.12 -45.90 47.24
CA SER A 487 43.03 -45.76 45.79
C SER A 487 42.60 -44.35 45.40
N GLN A 488 41.33 -44.00 45.64
CA GLN A 488 40.85 -42.64 45.49
C GLN A 488 39.51 -42.42 46.19
N PRO A 489 39.50 -42.04 47.46
CA PRO A 489 38.26 -41.63 48.09
C PRO A 489 37.98 -40.15 47.81
N ASN A 490 36.78 -39.73 48.20
CA ASN A 490 36.24 -38.38 48.10
C ASN A 490 36.14 -37.85 46.66
N LEU A 491 36.33 -38.69 45.65
CA LEU A 491 36.27 -38.26 44.26
C LEU A 491 35.21 -39.00 43.47
N ASN A 492 35.15 -40.33 43.60
CA ASN A 492 34.06 -41.09 43.00
C ASN A 492 32.73 -40.75 43.66
N ASN A 493 32.77 -40.39 44.96
CA ASN A 493 31.59 -39.87 45.63
C ASN A 493 31.13 -38.56 45.02
N LEU A 494 32.09 -37.72 44.63
CA LEU A 494 31.76 -36.44 44.01
C LEU A 494 31.21 -36.63 42.60
N THR A 495 31.74 -37.63 41.88
CA THR A 495 31.20 -38.02 40.59
C THR A 495 29.75 -38.50 40.72
N ALA A 496 29.49 -39.31 41.75
CA ALA A 496 28.14 -39.85 41.93
C ALA A 496 27.15 -38.76 42.32
N VAL A 497 27.57 -37.81 43.17
CA VAL A 497 26.63 -36.75 43.53
C VAL A 497 26.48 -35.74 42.40
N GLY A 498 27.44 -35.65 41.47
CA GLY A 498 27.21 -34.88 40.27
C GLY A 498 26.21 -35.54 39.33
N CYS A 499 26.37 -36.86 39.12
CA CYS A 499 25.43 -37.59 38.29
C CYS A 499 24.04 -37.68 38.89
N SER A 500 23.94 -37.56 40.22
CA SER A 500 22.64 -37.47 40.89
C SER A 500 21.84 -36.27 40.40
N LEU A 501 22.46 -35.08 40.43
CA LEU A 501 21.79 -33.88 39.98
C LEU A 501 21.57 -33.90 38.46
N ALA A 502 22.52 -34.49 37.73
CA ALA A 502 22.35 -34.60 36.28
C ALA A 502 21.20 -35.50 35.90
N LEU A 503 20.93 -36.53 36.71
CA LEU A 503 19.74 -37.35 36.49
C LEU A 503 18.48 -36.65 36.98
N ALA A 504 18.58 -35.85 38.04
CA ALA A 504 17.43 -35.12 38.52
C ALA A 504 17.06 -33.94 37.64
N ALA A 505 17.90 -33.57 36.69
CA ALA A 505 17.63 -32.45 35.80
C ALA A 505 16.80 -32.83 34.58
N VAL A 506 16.04 -33.93 34.62
CA VAL A 506 15.16 -34.27 33.52
C VAL A 506 13.69 -34.15 33.89
N PHE A 507 13.38 -33.92 35.15
CA PHE A 507 12.02 -33.52 35.49
C PHE A 507 11.68 -32.12 34.97
N PRO A 508 12.48 -31.07 35.15
CA PRO A 508 12.09 -29.78 34.56
C PRO A 508 12.38 -29.63 33.07
N LEU A 509 12.74 -30.70 32.36
CA LEU A 509 12.85 -30.62 30.92
C LEU A 509 11.56 -30.99 30.21
N GLY A 510 10.51 -31.35 30.95
CA GLY A 510 9.27 -31.74 30.32
C GLY A 510 8.03 -31.14 30.93
N LEU A 511 8.12 -29.91 31.41
CA LEU A 511 7.00 -29.23 32.05
C LEU A 511 6.70 -27.96 31.26
N ASP A 512 5.78 -28.03 30.30
CA ASP A 512 5.44 -26.86 29.49
C ASP A 512 4.01 -26.39 29.67
N GLY A 513 3.00 -27.19 29.35
CA GLY A 513 1.64 -26.75 29.58
C GLY A 513 0.71 -27.77 30.19
N TYR A 514 1.05 -29.04 30.04
CA TYR A 514 0.13 -30.10 30.44
C TYR A 514 0.10 -30.30 31.94
N HIS A 515 1.15 -29.89 32.63
CA HIS A 515 1.24 -30.12 34.06
C HIS A 515 1.65 -28.86 34.79
N ILE A 516 2.08 -27.84 34.05
CA ILE A 516 2.38 -26.54 34.63
C ILE A 516 1.62 -25.49 33.83
N GLY A 517 1.41 -24.33 34.45
CA GLY A 517 0.66 -23.26 33.82
C GLY A 517 1.52 -22.21 33.18
N ARG A 518 1.51 -21.01 33.76
CA ARG A 518 2.29 -19.89 33.27
C ARG A 518 2.81 -19.09 34.46
N ASN A 519 3.65 -18.10 34.15
CA ASN A 519 4.23 -17.13 35.09
C ASN A 519 5.14 -17.77 36.14
N GLN A 520 5.58 -19.01 35.92
CA GLN A 520 6.72 -19.57 36.62
C GLN A 520 7.68 -20.28 35.69
N PHE A 521 7.56 -20.07 34.38
CA PHE A 521 8.57 -20.45 33.40
C PHE A 521 10.00 -19.95 33.67
N PRO A 522 10.23 -18.75 34.24
CA PRO A 522 11.60 -18.48 34.72
C PRO A 522 12.08 -19.44 35.82
N PHE A 523 11.19 -19.92 36.67
CA PHE A 523 11.61 -20.84 37.73
C PHE A 523 12.03 -22.19 37.16
N VAL A 524 11.21 -22.78 36.30
CA VAL A 524 11.56 -24.05 35.65
C VAL A 524 12.76 -23.87 34.73
N CYS A 525 12.88 -22.70 34.11
CA CYS A 525 13.95 -22.47 33.15
C CYS A 525 15.29 -22.34 33.84
N GLN A 526 15.37 -21.49 34.88
CA GLN A 526 16.58 -21.41 35.69
C GLN A 526 16.88 -22.70 36.42
N ALA A 527 15.85 -23.48 36.76
CA ALA A 527 16.06 -24.77 37.40
C ALA A 527 16.80 -25.73 36.47
N ARG A 528 16.31 -25.87 35.23
CA ARG A 528 16.92 -26.80 34.24
C ARG A 528 18.31 -26.29 33.79
N LEU A 529 18.51 -24.97 33.79
CA LEU A 529 19.77 -24.39 33.35
C LEU A 529 20.86 -24.52 34.41
N TRP A 530 20.50 -24.33 35.67
CA TRP A 530 21.50 -24.49 36.71
C TRP A 530 21.76 -25.96 37.01
N LEU A 531 20.71 -26.79 37.00
CA LEU A 531 20.84 -28.16 37.47
C LEU A 531 21.67 -29.01 36.51
N LEU A 532 21.35 -28.95 35.20
CA LEU A 532 22.07 -29.80 34.25
C LEU A 532 23.52 -29.37 34.11
N GLY A 533 23.77 -28.06 34.10
CA GLY A 533 25.13 -27.56 33.99
C GLY A 533 25.97 -27.89 35.20
N LEU A 534 25.38 -27.75 36.40
CA LEU A 534 26.13 -28.06 37.62
C LEU A 534 26.45 -29.55 37.71
N GLY A 535 25.49 -30.40 37.36
CA GLY A 535 25.72 -31.83 37.42
C GLY A 535 26.77 -32.31 36.44
N PHE A 536 26.67 -31.86 35.19
CA PHE A 536 27.65 -32.29 34.19
C PHE A 536 29.03 -31.74 34.49
N SER A 537 29.13 -30.47 34.89
CA SER A 537 30.42 -29.87 35.17
C SER A 537 31.11 -30.55 36.34
N LEU A 538 30.36 -30.83 37.40
CA LEU A 538 30.94 -31.48 38.59
C LEU A 538 31.41 -32.89 38.27
N GLY A 539 30.54 -33.69 37.63
CA GLY A 539 30.89 -35.09 37.36
C GLY A 539 32.03 -35.23 36.40
N TYR A 540 31.99 -34.51 35.28
CA TYR A 540 33.08 -34.64 34.33
C TYR A 540 34.35 -33.94 34.80
N GLY A 541 34.26 -32.94 35.67
CA GLY A 541 35.47 -32.37 36.24
C GLY A 541 36.20 -33.35 37.14
N SER A 542 35.45 -34.09 37.97
CA SER A 542 36.07 -35.12 38.80
C SER A 542 36.69 -36.23 37.95
N MET A 543 35.91 -36.78 37.02
CA MET A 543 36.44 -37.86 36.20
C MET A 543 37.50 -37.40 35.22
N PHE A 544 37.62 -36.09 34.96
CA PHE A 544 38.68 -35.59 34.10
C PHE A 544 39.96 -35.39 34.89
N THR A 545 39.86 -34.88 36.11
CA THR A 545 41.08 -34.69 36.89
C THR A 545 41.68 -36.01 37.32
N LYS A 546 40.87 -37.07 37.44
CA LYS A 546 41.44 -38.37 37.78
C LYS A 546 42.29 -38.96 36.66
N ILE A 547 42.06 -38.55 35.41
CA ILE A 547 42.92 -38.96 34.32
C ILE A 547 44.08 -37.98 34.13
N TRP A 548 43.81 -36.68 34.30
CA TRP A 548 44.83 -35.67 34.11
C TRP A 548 45.98 -35.82 35.09
N TRP A 549 45.68 -36.14 36.35
CA TRP A 549 46.77 -36.21 37.32
C TRP A 549 47.62 -37.46 37.15
N VAL A 550 47.01 -38.58 36.75
CA VAL A 550 47.84 -39.77 36.53
C VAL A 550 48.66 -39.62 35.26
N HIS A 551 48.16 -38.85 34.28
CA HIS A 551 49.00 -38.58 33.11
C HIS A 551 50.15 -37.66 33.46
N THR A 552 49.90 -36.61 34.24
CA THR A 552 50.96 -35.67 34.54
C THR A 552 51.91 -36.17 35.62
N VAL A 553 51.59 -37.26 36.32
CA VAL A 553 52.57 -37.86 37.23
C VAL A 553 53.27 -39.06 36.60
N PHE A 554 52.68 -39.68 35.59
CA PHE A 554 53.37 -40.80 34.93
C PHE A 554 54.53 -40.30 34.07
N THR A 555 54.38 -39.14 33.45
CA THR A 555 55.37 -38.62 32.52
C THR A 555 56.51 -37.86 33.22
N LYS A 556 56.54 -37.88 34.55
CA LYS A 556 57.56 -37.23 35.38
C LYS A 556 57.68 -35.73 35.12
N GLU A 568 48.42 -36.49 47.41
CA GLU A 568 48.47 -35.03 47.33
C GLU A 568 47.11 -34.46 46.95
N PRO A 569 46.15 -34.51 47.87
CA PRO A 569 44.76 -34.28 47.49
C PRO A 569 44.40 -32.82 47.33
N TRP A 570 45.22 -31.89 47.85
CA TRP A 570 44.83 -30.48 47.82
C TRP A 570 44.87 -29.92 46.41
N LYS A 571 45.83 -30.37 45.59
CA LYS A 571 45.86 -29.91 44.20
C LYS A 571 44.73 -30.52 43.39
N LEU A 572 44.31 -31.73 43.72
CA LEU A 572 43.16 -32.34 43.06
C LEU A 572 41.88 -31.57 43.37
N TYR A 573 41.69 -31.23 44.66
CA TYR A 573 40.54 -30.42 45.05
C TYR A 573 40.62 -29.02 44.45
N ALA A 574 41.83 -28.50 44.26
CA ALA A 574 42.01 -27.20 43.62
C ALA A 574 41.58 -27.24 42.16
N THR A 575 41.95 -28.30 41.43
CA THR A 575 41.54 -28.43 40.04
C THR A 575 40.03 -28.59 39.92
N VAL A 576 39.43 -29.41 40.78
CA VAL A 576 37.98 -29.64 40.72
C VAL A 576 37.21 -28.36 41.03
N GLY A 577 37.59 -27.68 42.14
CA GLY A 577 36.95 -26.43 42.49
C GLY A 577 37.18 -25.33 41.48
N LEU A 578 38.34 -25.35 40.80
CA LEU A 578 38.61 -24.34 39.78
C LEU A 578 37.72 -24.54 38.56
N LEU A 579 37.56 -25.79 38.12
CA LEU A 579 36.69 -26.07 36.97
C LEU A 579 35.24 -25.75 37.30
N VAL A 580 34.78 -26.14 38.48
CA VAL A 580 33.40 -25.87 38.88
C VAL A 580 33.18 -24.37 39.05
N GLY A 581 34.18 -23.64 39.55
CA GLY A 581 34.04 -22.21 39.72
C GLY A 581 34.02 -21.47 38.40
N MET A 582 34.83 -21.90 37.43
CA MET A 582 34.79 -21.27 36.11
C MET A 582 33.47 -21.55 35.40
N ASP A 583 32.91 -22.74 35.60
CA ASP A 583 31.63 -23.06 34.96
C ASP A 583 30.47 -22.32 35.61
N VAL A 584 30.47 -22.17 36.93
CA VAL A 584 29.41 -21.36 37.53
C VAL A 584 29.64 -19.88 37.28
N LEU A 585 30.88 -19.48 36.99
CA LEU A 585 31.16 -18.10 36.61
C LEU A 585 30.54 -17.77 35.26
N THR A 586 30.74 -18.65 34.26
CA THR A 586 30.13 -18.36 32.96
C THR A 586 28.62 -18.56 32.98
N LEU A 587 28.11 -19.43 33.86
CA LEU A 587 26.66 -19.49 34.03
C LEU A 587 26.12 -18.23 34.73
N ALA A 588 26.91 -17.61 35.61
CA ALA A 588 26.51 -16.35 36.20
C ALA A 588 26.51 -15.23 35.18
N ILE A 589 27.48 -15.23 34.26
CA ILE A 589 27.48 -14.27 33.17
C ILE A 589 26.27 -14.47 32.26
N TRP A 590 25.84 -15.72 32.08
CA TRP A 590 24.57 -15.98 31.41
C TRP A 590 23.39 -15.42 32.21
N GLN A 591 23.46 -15.51 33.55
CA GLN A 591 22.38 -15.00 34.38
C GLN A 591 22.29 -13.47 34.33
N ILE A 592 23.43 -12.79 34.17
CA ILE A 592 23.45 -11.34 34.28
C ILE A 592 22.94 -10.68 33.00
N VAL A 593 23.56 -11.00 31.86
CA VAL A 593 23.39 -10.19 30.66
C VAL A 593 22.05 -10.49 29.98
N ASP A 594 21.85 -11.74 29.58
CA ASP A 594 20.67 -12.13 28.78
C ASP A 594 19.98 -13.29 29.49
N PRO A 595 19.05 -13.00 30.39
CA PRO A 595 18.31 -14.07 31.05
C PRO A 595 17.32 -14.72 30.10
N LEU A 596 16.82 -15.87 30.52
CA LEU A 596 15.96 -16.69 29.70
C LEU A 596 14.50 -16.40 30.03
N HIS A 597 13.65 -16.54 29.02
CA HIS A 597 12.22 -16.36 29.21
C HIS A 597 11.49 -17.18 28.15
N ARG A 598 10.16 -17.19 28.23
CA ARG A 598 9.39 -17.96 27.28
C ARG A 598 9.29 -17.22 25.95
N THR A 599 9.19 -18.00 24.88
CA THR A 599 9.14 -17.45 23.53
C THR A 599 8.33 -18.41 22.67
N ILE A 600 7.37 -17.87 21.94
CA ILE A 600 6.49 -18.64 21.08
C ILE A 600 6.95 -18.49 19.64
N GLU A 601 7.09 -19.60 18.93
CA GLU A 601 7.17 -19.59 17.48
C GLU A 601 5.96 -20.33 16.93
N THR A 602 5.73 -20.17 15.63
CA THR A 602 4.54 -20.70 14.98
C THR A 602 4.85 -21.20 13.58
N PHE A 603 4.07 -22.18 13.15
CA PHE A 603 4.20 -22.72 11.81
C PHE A 603 3.10 -22.13 10.93
N ALA A 604 2.96 -22.65 9.71
CA ALA A 604 1.93 -22.18 8.81
C ALA A 604 0.58 -22.77 9.19
N LYS A 605 -0.49 -22.12 8.71
CA LYS A 605 -1.84 -22.49 9.09
C LYS A 605 -2.27 -23.80 8.43
N GLU A 606 -3.18 -24.51 9.09
CA GLU A 606 -3.70 -25.77 8.57
C GLU A 606 -5.23 -25.74 8.53
N GLU A 607 -5.83 -26.90 8.27
CA GLU A 607 -7.27 -27.04 8.11
C GLU A 607 -7.79 -28.12 9.06
N PRO A 608 -8.97 -27.91 9.67
CA PRO A 608 -9.44 -28.86 10.68
C PRO A 608 -10.06 -30.13 10.10
N LYS A 609 -10.84 -29.98 9.02
CA LYS A 609 -11.57 -31.05 8.34
C LYS A 609 -12.54 -31.78 9.27
N GLU A 610 -13.11 -31.05 10.23
CA GLU A 610 -14.39 -31.41 10.83
C GLU A 610 -15.42 -30.31 10.63
N ASP A 611 -15.02 -29.05 10.66
CA ASP A 611 -15.81 -27.94 10.15
C ASP A 611 -15.45 -27.77 8.66
N ILE A 612 -15.82 -26.66 8.05
CA ILE A 612 -15.46 -26.45 6.65
C ILE A 612 -14.71 -25.12 6.55
N ASP A 613 -14.80 -24.29 7.59
CA ASP A 613 -14.02 -23.05 7.59
C ASP A 613 -13.65 -22.68 9.03
N VAL A 614 -12.50 -23.18 9.49
CA VAL A 614 -11.75 -22.62 10.61
C VAL A 614 -10.29 -22.59 10.19
N SER A 615 -9.57 -21.53 10.55
CA SER A 615 -8.14 -21.48 10.35
C SER A 615 -7.45 -21.76 11.68
N ILE A 616 -6.52 -22.73 11.68
CA ILE A 616 -5.85 -23.18 12.88
C ILE A 616 -4.35 -22.99 12.70
N LEU A 617 -3.73 -22.25 13.62
CA LEU A 617 -2.29 -22.12 13.58
C LEU A 617 -1.68 -22.76 14.83
N PRO A 618 -0.58 -23.50 14.70
CA PRO A 618 0.03 -24.12 15.87
C PRO A 618 1.06 -23.22 16.52
N GLN A 619 1.15 -23.33 17.85
CA GLN A 619 2.10 -22.55 18.64
C GLN A 619 3.01 -23.50 19.40
N LEU A 620 4.31 -23.23 19.35
CA LEU A 620 5.29 -23.94 20.16
C LEU A 620 6.06 -22.93 20.99
N GLU A 621 6.01 -23.08 22.29
CA GLU A 621 6.70 -22.19 23.20
C GLU A 621 7.86 -22.92 23.85
N HIS A 622 8.96 -22.20 24.06
CA HIS A 622 10.09 -22.76 24.78
C HIS A 622 10.90 -21.66 25.42
N CYS A 623 11.82 -22.06 26.29
CA CYS A 623 12.80 -21.13 26.84
C CYS A 623 13.76 -20.67 25.76
N SER A 624 14.07 -19.38 25.78
CA SER A 624 15.05 -18.81 24.89
C SER A 624 15.57 -17.51 25.48
N SER A 625 16.42 -16.85 24.71
CA SER A 625 16.87 -15.49 24.99
C SER A 625 17.04 -14.81 23.64
N ARG A 626 17.69 -13.64 23.63
CA ARG A 626 17.89 -12.94 22.37
C ARG A 626 19.06 -13.50 21.56
N LYS A 627 20.01 -14.13 22.21
CA LYS A 627 21.22 -14.66 21.57
C LYS A 627 21.42 -16.12 21.95
N MET A 628 20.36 -16.92 21.81
CA MET A 628 20.37 -18.28 22.32
C MET A 628 21.31 -19.19 21.55
N ASN A 629 21.49 -18.95 20.25
CA ASN A 629 22.34 -19.83 19.45
C ASN A 629 23.81 -19.68 19.81
N THR A 630 24.26 -18.46 20.09
CA THR A 630 25.67 -18.28 20.40
C THR A 630 25.98 -18.53 21.87
N TRP A 631 25.07 -18.16 22.76
CA TRP A 631 25.36 -18.17 24.18
C TRP A 631 25.37 -19.57 24.78
N LEU A 632 24.82 -20.56 24.08
CA LEU A 632 25.13 -21.94 24.40
C LEU A 632 26.12 -22.54 23.44
N GLY A 633 26.36 -21.89 22.29
CA GLY A 633 27.38 -22.38 21.38
C GLY A 633 28.77 -22.29 21.97
N ILE A 634 29.03 -21.22 22.74
CA ILE A 634 30.29 -21.09 23.45
C ILE A 634 30.47 -22.21 24.48
N PHE A 635 29.40 -22.50 25.23
CA PHE A 635 29.46 -23.53 26.25
C PHE A 635 29.62 -24.91 25.64
N TYR A 636 28.93 -25.18 24.53
CA TYR A 636 29.03 -26.46 23.86
C TYR A 636 30.41 -26.66 23.26
N GLY A 637 30.99 -25.60 22.69
CA GLY A 637 32.33 -25.72 22.14
C GLY A 637 33.39 -25.90 23.21
N TYR A 638 33.25 -25.20 24.33
CA TYR A 638 34.19 -25.34 25.44
C TYR A 638 34.14 -26.74 26.05
N LYS A 639 32.93 -27.27 26.25
CA LYS A 639 32.82 -28.61 26.79
C LYS A 639 33.24 -29.68 25.79
N GLY A 640 33.03 -29.44 24.49
CA GLY A 640 33.52 -30.39 23.50
C GLY A 640 35.03 -30.43 23.43
N LEU A 641 35.67 -29.27 23.58
CA LEU A 641 37.13 -29.23 23.61
C LEU A 641 37.67 -29.93 24.85
N LEU A 642 37.00 -29.74 26.00
CA LEU A 642 37.43 -30.43 27.22
C LEU A 642 37.25 -31.94 27.12
N LEU A 643 36.15 -32.37 26.51
CA LEU A 643 35.88 -33.80 26.34
C LEU A 643 36.88 -34.45 25.39
N LEU A 644 37.19 -33.77 24.28
CA LEU A 644 38.16 -34.29 23.35
C LEU A 644 39.58 -34.25 23.91
N LEU A 645 39.85 -33.34 24.84
CA LEU A 645 41.14 -33.39 25.54
C LEU A 645 41.20 -34.59 26.47
N GLY A 646 40.09 -34.90 27.15
CA GLY A 646 40.10 -35.97 28.12
C GLY A 646 40.22 -37.36 27.49
N ILE A 647 39.59 -37.54 26.33
CA ILE A 647 39.56 -38.89 25.73
C ILE A 647 40.94 -39.33 25.25
N PHE A 648 41.78 -38.37 24.85
CA PHE A 648 43.12 -38.71 24.36
C PHE A 648 44.02 -39.14 25.51
N LEU A 649 43.95 -38.47 26.65
CA LEU A 649 44.71 -38.90 27.81
C LEU A 649 44.20 -40.22 28.37
N ALA A 650 42.89 -40.45 28.27
CA ALA A 650 42.34 -41.74 28.69
C ALA A 650 42.82 -42.87 27.78
N TYR A 651 43.07 -42.59 26.51
CA TYR A 651 43.70 -43.62 25.69
C TYR A 651 45.21 -43.72 25.97
N GLU A 652 45.83 -42.62 26.36
CA GLU A 652 47.28 -42.64 26.56
C GLU A 652 47.68 -43.43 27.79
N THR A 653 46.96 -43.26 28.90
CA THR A 653 47.34 -43.94 30.14
C THR A 653 46.56 -45.22 30.35
N LYS A 654 46.32 -45.96 29.26
CA LYS A 654 45.48 -47.16 29.26
C LYS A 654 46.07 -48.29 30.11
N SER A 655 47.21 -48.83 29.68
CA SER A 655 47.82 -49.98 30.36
C SER A 655 49.29 -49.74 30.65
N VAL A 656 49.76 -48.51 30.49
CA VAL A 656 51.14 -48.16 30.79
C VAL A 656 51.06 -47.27 32.02
N SER A 657 50.05 -47.53 32.85
CA SER A 657 49.89 -46.80 34.11
C SER A 657 51.06 -47.03 35.05
N THR A 658 51.19 -48.28 35.54
CA THR A 658 52.17 -48.69 36.56
C THR A 658 52.17 -47.73 37.75
N GLU A 659 50.96 -47.38 38.20
CA GLU A 659 50.72 -46.28 39.12
C GLU A 659 49.85 -46.75 40.27
N LYS A 660 50.26 -47.82 40.95
CA LYS A 660 49.39 -48.51 41.90
C LYS A 660 49.19 -47.73 43.19
N ILE A 661 48.69 -46.49 43.05
CA ILE A 661 48.16 -45.69 44.14
C ILE A 661 46.80 -45.11 43.80
N ASN A 662 46.33 -45.30 42.56
CA ASN A 662 45.05 -44.80 42.08
C ASN A 662 44.08 -45.90 41.75
N ASP A 663 44.52 -46.93 41.01
CA ASP A 663 43.81 -48.18 40.74
C ASP A 663 42.46 -47.92 40.05
N HIS A 664 42.53 -47.43 38.82
CA HIS A 664 41.32 -46.98 38.12
C HIS A 664 40.94 -47.93 36.98
N ARG A 665 41.73 -48.00 35.91
CA ARG A 665 41.67 -48.96 34.79
C ARG A 665 40.37 -48.89 33.96
N ALA A 666 39.34 -48.22 34.47
CA ALA A 666 38.02 -48.22 33.85
C ALA A 666 37.38 -46.86 33.81
N VAL A 667 37.99 -45.85 34.45
CA VAL A 667 37.58 -44.47 34.26
C VAL A 667 37.81 -44.05 32.82
N GLY A 668 38.79 -44.67 32.15
CA GLY A 668 38.97 -44.48 30.72
C GLY A 668 37.75 -44.92 29.92
N MET A 669 37.15 -46.06 30.30
CA MET A 669 35.92 -46.49 29.63
C MET A 669 34.75 -45.59 29.99
N ALA A 670 34.73 -45.09 31.23
CA ALA A 670 33.70 -44.15 31.68
C ALA A 670 33.82 -42.80 30.99
N ILE A 671 35.00 -42.46 30.46
CA ILE A 671 35.12 -41.27 29.64
C ILE A 671 34.85 -41.60 28.17
N TYR A 672 35.17 -42.84 27.74
CA TYR A 672 34.89 -43.28 26.37
C TYR A 672 33.41 -43.21 26.04
N ASN A 673 32.56 -43.79 26.90
CA ASN A 673 31.14 -43.84 26.57
C ASN A 673 30.48 -42.48 26.69
N VAL A 674 30.90 -41.65 27.65
CA VAL A 674 30.33 -40.33 27.80
C VAL A 674 30.75 -39.43 26.64
N ALA A 675 31.99 -39.58 26.18
CA ALA A 675 32.46 -38.80 25.05
C ALA A 675 31.80 -39.21 23.74
N VAL A 676 31.52 -40.50 23.56
CA VAL A 676 30.85 -40.89 22.33
C VAL A 676 29.35 -40.65 22.42
N LEU A 677 28.81 -40.48 23.63
CA LEU A 677 27.36 -40.34 23.76
C LEU A 677 26.91 -38.88 23.85
N CYS A 678 27.75 -38.00 24.38
CA CYS A 678 27.34 -36.59 24.50
C CYS A 678 27.62 -35.83 23.22
N LEU A 679 28.69 -36.18 22.49
CA LEU A 679 29.00 -35.49 21.25
C LEU A 679 28.08 -35.89 20.10
N ILE A 680 27.26 -36.93 20.28
CA ILE A 680 26.34 -37.32 19.22
C ILE A 680 24.94 -36.76 19.49
N THR A 681 24.67 -36.35 20.73
CA THR A 681 23.38 -35.74 21.06
C THR A 681 23.51 -34.28 21.46
N ALA A 682 24.68 -33.69 21.38
CA ALA A 682 24.76 -32.26 21.59
C ALA A 682 24.31 -31.43 20.37
N PRO A 683 24.70 -31.76 19.09
CA PRO A 683 24.15 -30.93 18.00
C PRO A 683 22.78 -31.37 17.52
N VAL A 684 22.39 -32.61 17.79
CA VAL A 684 21.12 -33.10 17.29
C VAL A 684 19.95 -32.47 18.04
N THR A 685 20.08 -32.21 19.33
CA THR A 685 18.99 -31.55 20.04
C THR A 685 18.97 -30.05 19.82
N MET A 686 19.93 -29.49 19.10
CA MET A 686 19.76 -28.12 18.64
C MET A 686 19.37 -28.07 17.17
N ILE A 687 19.56 -29.15 16.43
CA ILE A 687 19.06 -29.20 15.06
C ILE A 687 17.55 -29.45 15.12
N LEU A 688 17.15 -30.50 15.83
CA LEU A 688 15.74 -30.87 15.89
C LEU A 688 15.03 -30.16 17.05
N SER A 689 15.17 -28.84 17.13
CA SER A 689 14.41 -28.09 18.12
C SER A 689 13.00 -27.78 17.65
N SER A 690 12.77 -27.83 16.33
CA SER A 690 11.43 -27.60 15.81
C SER A 690 10.53 -28.80 16.03
N GLN A 691 11.11 -29.99 16.14
CA GLN A 691 10.34 -31.19 16.42
C GLN A 691 9.78 -31.14 17.84
N GLN A 692 8.64 -31.80 18.03
CA GLN A 692 7.89 -31.62 19.26
C GLN A 692 8.53 -32.35 20.43
N ASP A 693 8.78 -33.64 20.28
CA ASP A 693 9.21 -34.48 21.40
C ASP A 693 10.50 -35.26 21.16
N ALA A 694 11.03 -35.27 19.94
CA ALA A 694 12.25 -36.04 19.67
C ALA A 694 13.46 -35.40 20.34
N ALA A 695 13.44 -34.07 20.53
CA ALA A 695 14.52 -33.40 21.22
C ALA A 695 14.59 -33.80 22.68
N PHE A 696 13.44 -33.80 23.35
CA PHE A 696 13.36 -34.24 24.75
C PHE A 696 13.71 -35.72 24.87
N ALA A 697 13.27 -36.52 23.89
CA ALA A 697 13.56 -37.95 23.89
C ALA A 697 15.06 -38.22 23.80
N PHE A 698 15.73 -37.60 22.83
CA PHE A 698 17.17 -37.81 22.67
C PHE A 698 17.96 -37.24 23.84
N ALA A 699 17.58 -36.06 24.34
CA ALA A 699 18.31 -35.44 25.44
C ALA A 699 18.20 -36.27 26.71
N SER A 700 16.99 -36.66 27.09
CA SER A 700 16.86 -37.39 28.34
C SER A 700 17.29 -38.84 28.21
N LEU A 701 17.24 -39.42 27.01
CA LEU A 701 17.78 -40.75 26.81
C LEU A 701 19.29 -40.75 26.93
N ALA A 702 19.95 -39.73 26.37
CA ALA A 702 21.40 -39.62 26.50
C ALA A 702 21.80 -39.38 27.94
N ILE A 703 20.68 -38.73 28.64
CA ILE A 703 21.20 -38.38 29.96
C ILE A 703 21.11 -39.57 30.91
N VAL A 704 20.09 -40.43 30.67
CA VAL A 704 19.88 -41.60 31.50
C VAL A 704 20.88 -42.71 31.14
N PHE A 705 21.32 -42.81 29.88
CA PHE A 705 22.34 -43.79 29.54
C PHE A 705 23.71 -43.37 30.08
N SER A 706 24.08 -42.11 29.87
CA SER A 706 25.36 -41.60 30.33
C SER A 706 25.44 -41.47 31.84
N SER A 707 24.33 -41.61 32.56
CA SER A 707 24.42 -41.69 34.00
C SER A 707 24.18 -43.09 34.56
N TYR A 708 23.62 -44.01 33.76
CA TYR A 708 23.63 -45.40 34.19
C TYR A 708 25.01 -46.03 34.04
N ILE A 709 25.63 -45.87 32.87
CA ILE A 709 26.82 -46.66 32.57
C ILE A 709 28.02 -46.14 33.35
N THR A 710 28.05 -44.86 33.68
CA THR A 710 29.15 -44.34 34.48
C THR A 710 29.06 -44.74 35.95
N LEU A 711 27.92 -45.30 36.38
CA LEU A 711 27.82 -45.84 37.73
C LEU A 711 27.85 -47.35 37.75
N VAL A 712 27.51 -47.99 36.63
CA VAL A 712 27.66 -49.44 36.55
C VAL A 712 29.12 -49.82 36.48
N VAL A 713 29.87 -49.21 35.56
CA VAL A 713 31.24 -49.67 35.31
C VAL A 713 32.23 -49.11 36.33
N LEU A 714 31.79 -48.17 37.17
CA LEU A 714 32.68 -47.62 38.17
C LEU A 714 32.55 -48.27 39.54
N PHE A 715 31.40 -48.84 39.87
CA PHE A 715 31.14 -49.25 41.24
C PHE A 715 30.95 -50.75 41.45
N VAL A 716 30.50 -51.49 40.45
CA VAL A 716 30.32 -52.94 40.66
C VAL A 716 31.61 -53.75 40.85
N PRO A 717 32.82 -53.37 40.37
CA PRO A 717 33.98 -54.08 40.89
C PRO A 717 34.41 -53.63 42.27
N LYS A 718 33.87 -52.53 42.78
CA LYS A 718 34.19 -52.13 44.16
C LYS A 718 33.40 -52.95 45.16
N MET A 719 32.31 -53.58 44.75
CA MET A 719 31.57 -54.48 45.62
C MET A 719 31.70 -55.95 45.22
N ARG A 720 32.10 -56.23 43.98
CA ARG A 720 32.29 -57.61 43.55
C ARG A 720 33.53 -58.24 44.18
N ARG A 721 34.44 -57.43 44.72
CA ARG A 721 35.66 -57.93 45.33
C ARG A 721 35.62 -57.89 46.86
N LEU A 722 34.61 -57.27 47.46
CA LEU A 722 34.60 -57.05 48.90
C LEU A 722 33.51 -57.84 49.63
N ILE A 723 32.25 -57.66 49.25
CA ILE A 723 31.16 -58.30 49.98
C ILE A 723 30.53 -59.29 49.00
N THR A 724 31.33 -59.78 48.07
CA THR A 724 31.01 -60.97 47.31
C THR A 724 32.20 -61.91 47.48
N ARG A 725 33.39 -61.31 47.52
CA ARG A 725 34.60 -61.99 47.98
C ARG A 725 34.88 -61.53 49.42
N GLY A 726 34.11 -62.09 50.34
CA GLY A 726 34.22 -61.72 51.75
C GLY A 726 34.69 -62.86 52.63
N SER B 53 -34.33 53.97 -38.49
CA SER B 53 -33.29 53.07 -38.00
C SER B 53 -33.85 52.10 -36.96
N PRO B 54 -34.16 50.88 -37.38
CA PRO B 54 -34.69 49.90 -36.45
C PRO B 54 -33.57 49.30 -35.60
N PRO B 55 -33.79 49.14 -34.30
CA PRO B 55 -32.74 48.59 -33.44
C PRO B 55 -32.64 47.08 -33.54
N LEU B 56 -31.46 46.58 -33.20
CA LEU B 56 -31.18 45.16 -33.08
C LEU B 56 -30.76 44.90 -31.64
N SER B 57 -31.62 44.24 -30.88
CA SER B 57 -31.42 44.09 -29.44
C SER B 57 -30.65 42.82 -29.13
N ILE B 58 -29.67 42.94 -28.24
CA ILE B 58 -28.86 41.83 -27.79
C ILE B 58 -28.91 41.77 -26.27
N MET B 59 -29.33 40.62 -25.73
CA MET B 59 -29.42 40.44 -24.30
C MET B 59 -28.04 40.18 -23.73
N GLY B 60 -27.69 40.89 -22.65
CA GLY B 60 -26.42 40.70 -21.98
C GLY B 60 -26.66 40.38 -20.52
N LEU B 61 -26.03 39.30 -20.05
CA LEU B 61 -26.14 38.86 -18.67
C LEU B 61 -24.76 38.88 -18.06
N MET B 62 -24.57 39.69 -17.02
CA MET B 62 -23.25 39.75 -16.38
C MET B 62 -23.43 40.24 -14.96
N PRO B 63 -22.56 39.83 -14.04
CA PRO B 63 -22.65 40.34 -12.66
C PRO B 63 -22.20 41.78 -12.59
N LEU B 64 -23.12 42.68 -12.25
CA LEU B 64 -22.84 44.11 -12.27
C LEU B 64 -23.03 44.78 -10.91
N THR B 65 -22.77 44.06 -9.82
CA THR B 65 -22.84 44.66 -8.49
C THR B 65 -21.47 44.62 -7.83
N LYS B 66 -21.33 45.38 -6.75
CA LYS B 66 -20.09 45.42 -5.99
C LYS B 66 -20.07 44.47 -4.82
N GLU B 67 -21.18 43.78 -4.54
CA GLU B 67 -21.28 42.96 -3.34
C GLU B 67 -20.83 41.53 -3.57
N VAL B 68 -20.56 41.14 -4.82
CA VAL B 68 -20.10 39.80 -5.12
C VAL B 68 -18.67 39.87 -5.61
N ALA B 69 -17.99 38.72 -5.60
CA ALA B 69 -16.58 38.68 -5.98
C ALA B 69 -16.42 38.77 -7.49
N LYS B 70 -17.00 37.82 -8.23
CA LYS B 70 -16.83 37.75 -9.67
C LYS B 70 -17.50 38.90 -10.42
N GLY B 71 -18.30 39.72 -9.73
CA GLY B 71 -18.77 40.98 -10.29
C GLY B 71 -17.65 41.94 -10.63
N SER B 72 -16.47 41.78 -10.03
CA SER B 72 -15.30 42.54 -10.45
C SER B 72 -14.91 42.23 -11.89
N ILE B 73 -15.27 41.04 -12.40
CA ILE B 73 -15.15 40.77 -13.82
C ILE B 73 -16.13 41.63 -14.61
N GLY B 74 -17.38 41.69 -14.14
CA GLY B 74 -18.46 42.22 -14.96
C GLY B 74 -18.37 43.70 -15.25
N ARG B 75 -17.83 44.47 -14.30
CA ARG B 75 -17.57 45.88 -14.59
C ARG B 75 -16.34 46.04 -15.47
N GLY B 76 -15.35 45.16 -15.30
CA GLY B 76 -14.05 45.35 -15.93
C GLY B 76 -14.04 45.23 -17.43
N VAL B 77 -15.04 44.55 -18.01
CA VAL B 77 -15.16 44.47 -19.45
C VAL B 77 -16.20 45.42 -19.98
N LEU B 78 -16.88 46.15 -19.11
CA LEU B 78 -17.89 47.10 -19.57
C LEU B 78 -17.33 48.32 -20.33
N PRO B 79 -16.13 48.86 -20.06
CA PRO B 79 -15.58 49.82 -21.02
C PRO B 79 -15.32 49.25 -22.41
N ALA B 80 -14.75 48.04 -22.48
CA ALA B 80 -14.26 47.52 -23.75
C ALA B 80 -15.39 47.23 -24.73
N VAL B 81 -16.49 46.67 -24.23
CA VAL B 81 -17.68 46.50 -25.06
C VAL B 81 -18.24 47.86 -25.46
N GLU B 82 -18.16 48.85 -24.56
CA GLU B 82 -18.51 50.22 -24.90
C GLU B 82 -17.57 50.80 -25.94
N LEU B 83 -16.33 50.31 -25.97
CA LEU B 83 -15.41 50.73 -27.01
C LEU B 83 -15.73 50.11 -28.36
N ALA B 84 -16.43 48.97 -28.37
CA ALA B 84 -16.60 48.27 -29.62
C ALA B 84 -17.78 48.80 -30.44
N ILE B 85 -18.93 49.00 -29.78
CA ILE B 85 -20.17 49.34 -30.46
C ILE B 85 -20.06 50.69 -31.16
N GLU B 86 -19.33 51.62 -30.55
CA GLU B 86 -19.11 52.94 -31.13
C GLU B 86 -18.36 52.85 -32.45
N GLN B 87 -17.52 51.83 -32.62
CA GLN B 87 -16.90 51.63 -33.92
C GLN B 87 -17.92 51.13 -34.94
N ILE B 88 -18.79 50.21 -34.52
CA ILE B 88 -19.73 49.59 -35.46
C ILE B 88 -20.79 50.58 -35.89
N ARG B 89 -21.12 51.56 -35.04
CA ARG B 89 -22.00 52.62 -35.47
C ARG B 89 -21.27 53.66 -36.31
N ASN B 90 -19.96 53.78 -36.15
CA ASN B 90 -19.23 54.80 -36.91
C ASN B 90 -19.07 54.39 -38.36
N GLU B 91 -18.66 53.14 -38.60
CA GLU B 91 -18.52 52.65 -39.96
C GLU B 91 -19.85 52.26 -40.58
N SER B 92 -20.89 52.13 -39.76
CA SER B 92 -22.27 51.74 -40.16
C SER B 92 -22.28 50.28 -40.62
N LEU B 93 -21.68 49.37 -39.83
CA LEU B 93 -21.60 47.92 -40.13
C LEU B 93 -23.00 47.40 -40.45
N LEU B 94 -23.98 47.71 -39.59
CA LEU B 94 -25.40 47.32 -39.74
C LEU B 94 -26.14 48.49 -40.40
N ARG B 95 -25.79 48.80 -41.66
CA ARG B 95 -26.38 49.91 -42.42
C ARG B 95 -27.91 49.90 -42.31
N PRO B 96 -28.59 48.75 -42.54
CA PRO B 96 -30.05 48.69 -42.47
C PRO B 96 -30.58 49.09 -41.07
N TYR B 97 -29.90 48.63 -40.02
CA TYR B 97 -30.25 48.90 -38.60
C TYR B 97 -29.00 49.35 -37.83
N PHE B 98 -29.08 49.24 -36.50
CA PHE B 98 -28.02 49.59 -35.56
C PHE B 98 -28.15 48.73 -34.32
N LEU B 99 -27.01 48.44 -33.70
CA LEU B 99 -26.95 47.49 -32.60
C LEU B 99 -27.33 48.16 -31.29
N ASP B 100 -27.84 47.36 -30.36
CA ASP B 100 -28.27 47.87 -29.06
C ASP B 100 -28.11 46.74 -28.06
N LEU B 101 -27.25 46.94 -27.06
CA LEU B 101 -27.01 45.95 -26.02
C LEU B 101 -27.83 46.33 -24.79
N ARG B 102 -28.51 45.34 -24.22
CA ARG B 102 -29.33 45.56 -23.02
C ARG B 102 -28.75 44.72 -21.90
N LEU B 103 -28.33 45.38 -20.81
CA LEU B 103 -27.63 44.71 -19.74
C LEU B 103 -28.59 44.22 -18.67
N TYR B 104 -28.21 43.11 -18.03
CA TYR B 104 -28.97 42.53 -16.93
C TYR B 104 -27.99 41.94 -15.93
N ASP B 105 -28.36 42.02 -14.65
CA ASP B 105 -27.51 41.63 -13.55
C ASP B 105 -28.02 40.31 -12.98
N THR B 106 -27.20 39.27 -13.06
CA THR B 106 -27.58 37.97 -12.55
C THR B 106 -27.12 37.74 -11.12
N GLU B 107 -26.17 38.54 -10.64
CA GLU B 107 -25.64 38.52 -9.27
C GLU B 107 -25.01 37.20 -8.87
N CYS B 108 -24.65 36.37 -9.86
CA CYS B 108 -23.98 35.08 -9.70
C CYS B 108 -24.72 34.15 -8.75
N ASP B 109 -25.96 33.84 -9.12
CA ASP B 109 -26.82 33.02 -8.29
C ASP B 109 -27.86 32.38 -9.19
N ASN B 110 -28.26 31.15 -8.86
CA ASN B 110 -29.16 30.40 -9.72
C ASN B 110 -30.55 31.01 -9.76
N ALA B 111 -31.10 31.33 -8.58
CA ALA B 111 -32.46 31.86 -8.51
C ALA B 111 -32.53 33.26 -9.09
N LYS B 112 -31.58 34.12 -8.70
CA LYS B 112 -31.57 35.49 -9.21
C LYS B 112 -31.32 35.54 -10.70
N GLY B 113 -30.43 34.67 -11.18
CA GLY B 113 -30.15 34.63 -12.61
C GLY B 113 -31.32 34.12 -13.42
N LEU B 114 -32.02 33.11 -12.92
CA LEU B 114 -33.17 32.58 -13.63
C LEU B 114 -34.32 33.59 -13.62
N LYS B 115 -34.50 34.31 -12.51
CA LYS B 115 -35.54 35.33 -12.47
C LYS B 115 -35.23 36.49 -13.40
N ALA B 116 -33.95 36.89 -13.48
CA ALA B 116 -33.58 37.97 -14.38
C ALA B 116 -33.72 37.56 -15.84
N PHE B 117 -33.40 36.30 -16.15
CA PHE B 117 -33.57 35.82 -17.51
C PHE B 117 -35.03 35.75 -17.90
N TYR B 118 -35.90 35.32 -16.97
CA TYR B 118 -37.32 35.28 -17.25
C TYR B 118 -37.90 36.69 -17.44
N ASP B 119 -37.47 37.63 -16.59
CA ASP B 119 -37.95 39.01 -16.73
C ASP B 119 -37.46 39.65 -18.00
N ALA B 120 -36.24 39.30 -18.45
CA ALA B 120 -35.75 39.82 -19.71
C ALA B 120 -36.51 39.24 -20.89
N ILE B 121 -36.98 38.00 -20.80
CA ILE B 121 -37.82 37.48 -21.86
C ILE B 121 -39.20 38.15 -21.84
N LYS B 122 -39.75 38.36 -20.65
CA LYS B 122 -41.13 38.84 -20.57
C LYS B 122 -41.25 40.32 -20.93
N TYR B 123 -40.52 41.18 -20.23
CA TYR B 123 -40.78 42.60 -20.35
C TYR B 123 -39.99 43.29 -21.45
N GLY B 124 -38.80 42.79 -21.80
CA GLY B 124 -37.95 43.47 -22.75
C GLY B 124 -38.41 43.30 -24.18
N PRO B 125 -37.66 43.92 -25.10
CA PRO B 125 -38.01 43.80 -26.52
C PRO B 125 -37.63 42.46 -27.12
N ASN B 126 -37.81 42.32 -28.43
CA ASN B 126 -37.51 41.05 -29.09
C ASN B 126 -36.01 40.91 -29.26
N HIS B 127 -35.39 40.08 -28.42
CA HIS B 127 -33.97 39.83 -28.53
C HIS B 127 -33.69 38.79 -29.62
N LEU B 128 -32.44 38.73 -30.05
CA LEU B 128 -32.04 37.78 -31.08
C LEU B 128 -31.00 36.77 -30.63
N MET B 129 -30.07 37.14 -29.77
CA MET B 129 -29.10 36.18 -29.26
C MET B 129 -28.60 36.68 -27.92
N VAL B 130 -28.11 35.73 -27.12
CA VAL B 130 -27.67 36.01 -25.76
C VAL B 130 -26.16 36.15 -25.77
N PHE B 131 -25.65 37.14 -25.03
CA PHE B 131 -24.23 37.41 -24.96
C PHE B 131 -23.84 37.53 -23.49
N GLY B 132 -22.81 36.80 -23.09
CA GLY B 132 -22.27 36.93 -21.74
C GLY B 132 -22.45 35.65 -20.95
N GLY B 133 -22.66 35.82 -19.65
CA GLY B 133 -22.73 34.69 -18.75
C GLY B 133 -21.36 34.36 -18.22
N VAL B 134 -21.17 34.44 -16.91
CA VAL B 134 -19.86 34.37 -16.29
C VAL B 134 -19.74 33.17 -15.36
N CYS B 135 -20.65 33.04 -14.41
CA CYS B 135 -20.58 31.95 -13.44
C CYS B 135 -20.93 30.63 -14.12
N PRO B 136 -20.35 29.52 -13.65
CA PRO B 136 -20.58 28.25 -14.36
C PRO B 136 -21.99 27.69 -14.19
N SER B 137 -22.57 27.81 -13.01
CA SER B 137 -23.88 27.21 -12.76
C SER B 137 -25.00 27.92 -13.51
N VAL B 138 -24.97 29.26 -13.52
CA VAL B 138 -26.01 30.03 -14.20
C VAL B 138 -25.91 29.82 -15.71
N THR B 139 -24.69 29.74 -16.24
CA THR B 139 -24.54 29.44 -17.66
C THR B 139 -24.96 28.03 -17.98
N SER B 140 -24.80 27.08 -17.06
CA SER B 140 -25.31 25.73 -17.28
C SER B 140 -26.83 25.73 -17.38
N ILE B 141 -27.48 26.42 -16.45
CA ILE B 141 -28.94 26.47 -16.41
C ILE B 141 -29.51 27.15 -17.65
N ILE B 142 -28.88 28.23 -18.10
CA ILE B 142 -29.40 28.93 -19.28
C ILE B 142 -29.06 28.19 -20.56
N ALA B 143 -27.83 27.68 -20.67
CA ALA B 143 -27.37 27.03 -21.88
C ALA B 143 -28.05 25.71 -22.13
N GLU B 144 -28.57 25.05 -21.11
CA GLU B 144 -29.35 23.85 -21.39
C GLU B 144 -30.70 24.18 -21.99
N SER B 145 -31.19 25.41 -21.81
CA SER B 145 -32.57 25.74 -22.12
C SER B 145 -32.72 26.73 -23.25
N LEU B 146 -31.62 27.19 -23.87
CA LEU B 146 -31.73 28.11 -25.01
C LEU B 146 -32.50 27.52 -26.18
N GLN B 147 -32.44 26.20 -26.36
CA GLN B 147 -32.97 25.58 -27.57
C GLN B 147 -34.49 25.69 -27.67
N GLY B 148 -35.17 25.81 -26.52
CA GLY B 148 -36.60 25.99 -26.55
C GLY B 148 -37.06 27.34 -27.06
N TRP B 149 -36.19 28.34 -27.00
CA TRP B 149 -36.51 29.66 -27.51
C TRP B 149 -35.84 30.00 -28.81
N ASN B 150 -34.99 29.11 -29.33
CA ASN B 150 -34.17 29.31 -30.54
C ASN B 150 -33.30 30.56 -30.43
N LEU B 151 -32.50 30.59 -29.37
CA LEU B 151 -31.49 31.63 -29.18
C LEU B 151 -30.11 31.00 -29.18
N VAL B 152 -29.12 31.76 -29.62
CA VAL B 152 -27.73 31.31 -29.64
C VAL B 152 -26.97 32.11 -28.62
N GLN B 153 -26.16 31.43 -27.81
CA GLN B 153 -25.42 32.11 -26.75
C GLN B 153 -23.94 32.14 -27.10
N LEU B 154 -23.31 33.25 -26.74
CA LEU B 154 -21.89 33.45 -26.92
C LEU B 154 -21.33 33.99 -25.61
N SER B 155 -20.40 33.25 -25.03
CA SER B 155 -19.84 33.61 -23.74
C SER B 155 -18.46 34.22 -23.92
N PHE B 156 -17.90 34.72 -22.82
CA PHE B 156 -16.50 35.10 -22.81
C PHE B 156 -15.78 34.76 -21.52
N ALA B 157 -16.43 34.11 -20.56
CA ALA B 157 -15.75 33.77 -19.32
C ALA B 157 -16.09 32.39 -18.79
N ALA B 158 -16.97 31.65 -19.45
CA ALA B 158 -17.35 30.31 -18.98
C ALA B 158 -16.24 29.35 -19.37
N THR B 159 -15.34 29.06 -18.42
CA THR B 159 -14.17 28.23 -18.69
C THR B 159 -14.36 26.80 -18.20
N THR B 160 -15.55 26.41 -17.84
CA THR B 160 -15.73 25.06 -17.36
C THR B 160 -15.80 24.07 -18.52
N PRO B 161 -15.24 22.87 -18.36
CA PRO B 161 -15.22 21.92 -19.47
C PRO B 161 -16.54 21.23 -19.76
N VAL B 162 -17.51 21.33 -18.84
CA VAL B 162 -18.78 20.62 -18.97
C VAL B 162 -19.55 21.06 -20.20
N LEU B 163 -19.39 22.32 -20.59
CA LEU B 163 -20.03 22.87 -21.77
C LEU B 163 -19.35 22.46 -23.08
N ALA B 164 -18.39 21.54 -23.03
CA ALA B 164 -17.82 21.03 -24.28
C ALA B 164 -18.76 20.09 -25.00
N ASP B 165 -19.72 19.48 -24.29
CA ASP B 165 -20.62 18.53 -24.91
C ASP B 165 -21.63 19.23 -25.79
N LYS B 166 -21.94 18.62 -26.93
CA LYS B 166 -22.90 19.19 -27.86
C LYS B 166 -24.17 18.34 -27.98
N LYS B 167 -24.38 17.42 -27.05
CA LYS B 167 -25.67 16.78 -26.91
C LYS B 167 -26.56 17.53 -25.94
N LYS B 168 -25.99 17.99 -24.83
CA LYS B 168 -26.74 18.74 -23.84
C LYS B 168 -26.92 20.19 -24.28
N TYR B 169 -25.83 20.83 -24.70
CA TYR B 169 -25.80 22.26 -25.00
C TYR B 169 -25.45 22.45 -26.47
N PRO B 170 -26.43 22.38 -27.37
CA PRO B 170 -26.10 22.45 -28.80
C PRO B 170 -26.07 23.84 -29.38
N TYR B 171 -26.49 24.86 -28.64
CA TYR B 171 -26.56 26.22 -29.17
C TYR B 171 -25.61 27.14 -28.43
N PHE B 172 -24.45 26.63 -28.05
CA PHE B 172 -23.53 27.34 -27.19
C PHE B 172 -22.21 27.59 -27.91
N PHE B 173 -21.69 28.80 -27.80
CA PHE B 173 -20.38 29.13 -28.34
C PHE B 173 -19.66 30.05 -27.38
N ARG B 174 -18.37 29.83 -27.20
CA ARG B 174 -17.58 30.71 -26.36
C ARG B 174 -16.27 31.05 -27.06
N THR B 175 -15.69 32.18 -26.68
CA THR B 175 -14.47 32.66 -27.30
C THR B 175 -13.26 32.53 -26.39
N VAL B 176 -13.45 32.25 -25.11
CA VAL B 176 -12.31 31.99 -24.23
C VAL B 176 -12.01 30.49 -24.36
N PRO B 177 -10.74 30.07 -24.41
CA PRO B 177 -10.46 28.64 -24.38
C PRO B 177 -10.81 28.05 -23.03
N SER B 178 -11.13 26.77 -23.03
CA SER B 178 -11.65 26.12 -21.84
C SER B 178 -10.50 25.77 -20.89
N ASP B 179 -10.79 24.98 -19.86
CA ASP B 179 -9.75 24.50 -18.99
C ASP B 179 -9.06 23.27 -19.54
N ASN B 180 -9.64 22.61 -20.53
CA ASN B 180 -8.95 21.50 -21.16
C ASN B 180 -7.99 21.95 -22.24
N ALA B 181 -8.00 23.22 -22.61
CA ALA B 181 -7.11 23.73 -23.64
C ALA B 181 -5.66 23.83 -23.21
N VAL B 182 -5.36 23.60 -21.93
CA VAL B 182 -3.97 23.46 -21.52
C VAL B 182 -3.48 22.03 -21.68
N ASN B 183 -4.37 21.08 -21.93
CA ASN B 183 -3.92 19.70 -21.98
C ASN B 183 -3.19 19.32 -23.28
N PRO B 184 -3.55 19.82 -24.46
CA PRO B 184 -2.64 19.65 -25.61
C PRO B 184 -1.53 20.70 -25.68
N ALA B 185 -1.28 21.45 -24.61
CA ALA B 185 -0.10 22.29 -24.57
C ALA B 185 1.03 21.61 -23.83
N ILE B 186 0.73 21.08 -22.64
CA ILE B 186 1.73 20.44 -21.79
C ILE B 186 2.33 19.23 -22.50
N LEU B 187 1.50 18.47 -23.23
CA LEU B 187 1.98 17.42 -24.11
C LEU B 187 3.03 17.93 -25.09
N LYS B 188 2.73 19.03 -25.78
CA LYS B 188 3.72 19.56 -26.72
C LYS B 188 4.84 20.30 -26.04
N LEU B 189 4.80 20.44 -24.71
CA LEU B 189 6.01 20.83 -24.01
C LEU B 189 6.91 19.64 -23.79
N LEU B 190 6.33 18.48 -23.47
CA LEU B 190 7.12 17.31 -23.11
C LEU B 190 7.90 16.79 -24.31
N LYS B 191 7.28 16.77 -25.48
CA LYS B 191 7.98 16.40 -26.70
C LYS B 191 9.06 17.40 -27.08
N HIS B 192 9.01 18.61 -26.55
CA HIS B 192 10.12 19.53 -26.78
C HIS B 192 11.30 19.25 -25.86
N TYR B 193 11.07 18.64 -24.71
CA TYR B 193 12.16 18.33 -23.79
C TYR B 193 12.37 16.84 -23.61
N GLN B 194 11.64 16.01 -24.36
CA GLN B 194 11.79 14.56 -24.42
C GLN B 194 11.56 13.87 -23.07
N TRP B 195 10.80 14.51 -22.19
CA TRP B 195 10.41 13.88 -20.94
C TRP B 195 9.29 12.89 -21.22
N LYS B 196 9.34 11.72 -20.60
CA LYS B 196 8.34 10.71 -20.84
C LYS B 196 7.72 10.13 -19.58
N ARG B 197 8.31 10.34 -18.40
CA ARG B 197 7.75 9.89 -17.15
C ARG B 197 7.23 11.09 -16.37
N VAL B 198 5.95 11.03 -16.01
CA VAL B 198 5.29 12.13 -15.32
C VAL B 198 4.46 11.56 -14.17
N GLY B 199 4.16 12.42 -13.21
CA GLY B 199 3.33 12.01 -12.09
C GLY B 199 2.33 13.09 -11.71
N THR B 200 1.05 12.75 -11.71
CA THR B 200 -0.01 13.72 -11.52
C THR B 200 -0.41 13.82 -10.06
N LEU B 201 -0.63 15.06 -9.61
CA LEU B 201 -1.07 15.35 -8.26
C LEU B 201 -2.33 16.20 -8.36
N THR B 202 -3.47 15.62 -8.00
CA THR B 202 -4.78 16.21 -8.26
C THR B 202 -5.47 16.56 -6.95
N GLN B 203 -6.21 17.66 -6.95
CA GLN B 203 -7.11 17.98 -5.85
C GLN B 203 -8.48 17.36 -6.14
N ASP B 204 -9.23 17.09 -5.07
CA ASP B 204 -10.47 16.34 -5.20
C ASP B 204 -11.67 17.28 -5.26
N VAL B 205 -11.69 18.09 -6.31
CA VAL B 205 -12.83 18.90 -6.69
C VAL B 205 -13.19 18.47 -8.12
N GLN B 206 -14.45 18.67 -8.53
CA GLN B 206 -14.88 18.34 -9.88
C GLN B 206 -14.14 19.17 -10.92
N ARG B 207 -13.86 20.43 -10.58
CA ARG B 207 -13.24 21.40 -11.48
C ARG B 207 -11.84 20.96 -11.92
N PHE B 208 -11.13 20.21 -11.09
CA PHE B 208 -9.83 19.68 -11.44
C PHE B 208 -9.87 18.22 -11.88
N SER B 209 -10.85 17.47 -11.39
CA SER B 209 -10.98 16.08 -11.81
C SER B 209 -11.34 15.97 -13.28
N GLU B 210 -12.07 16.95 -13.82
CA GLU B 210 -12.36 16.95 -15.25
C GLU B 210 -11.08 17.15 -16.07
N VAL B 211 -10.19 18.02 -15.61
CA VAL B 211 -8.94 18.28 -16.31
C VAL B 211 -8.04 17.06 -16.28
N ARG B 212 -7.96 16.39 -15.12
CA ARG B 212 -7.13 15.18 -15.02
C ARG B 212 -7.69 14.05 -15.87
N ASN B 213 -9.02 13.89 -15.89
CA ASN B 213 -9.65 12.87 -16.71
C ASN B 213 -9.48 13.15 -18.19
N ASP B 214 -9.37 14.42 -18.59
CA ASP B 214 -9.08 14.69 -19.99
C ASP B 214 -7.62 14.44 -20.32
N LEU B 215 -6.72 14.72 -19.37
CA LEU B 215 -5.29 14.51 -19.60
C LEU B 215 -4.98 13.03 -19.81
N THR B 216 -5.66 12.16 -19.05
CA THR B 216 -5.51 10.71 -19.23
C THR B 216 -5.91 10.29 -20.64
N GLY B 217 -7.01 10.82 -21.15
CA GLY B 217 -7.43 10.47 -22.49
C GLY B 217 -6.64 11.11 -23.60
N VAL B 218 -5.91 12.19 -23.31
CA VAL B 218 -5.12 12.83 -24.35
C VAL B 218 -3.67 12.33 -24.38
N LEU B 219 -3.16 11.76 -23.29
CA LEU B 219 -1.83 11.16 -23.33
C LEU B 219 -1.83 9.79 -23.98
N TYR B 220 -2.98 9.20 -24.24
CA TYR B 220 -3.06 7.87 -24.82
C TYR B 220 -2.64 7.89 -26.28
N GLY B 221 -1.96 6.82 -26.69
CA GLY B 221 -1.47 6.71 -28.05
C GLY B 221 -0.10 7.30 -28.28
N GLU B 222 0.51 7.88 -27.25
CA GLU B 222 1.84 8.48 -27.36
C GLU B 222 2.82 7.67 -26.55
N ASP B 223 4.09 8.05 -26.66
CA ASP B 223 5.17 7.40 -25.90
C ASP B 223 5.42 8.08 -24.57
N ILE B 224 4.37 8.31 -23.80
CA ILE B 224 4.46 8.93 -22.48
C ILE B 224 3.64 8.09 -21.52
N GLU B 225 4.26 7.63 -20.45
CA GLU B 225 3.58 6.84 -19.45
C GLU B 225 3.27 7.70 -18.24
N ILE B 226 2.23 7.32 -17.50
CA ILE B 226 1.85 7.98 -16.27
C ILE B 226 2.22 7.02 -15.15
N SER B 227 3.42 7.20 -14.59
CA SER B 227 3.96 6.23 -13.65
C SER B 227 3.25 6.26 -12.31
N ASP B 228 2.58 7.35 -11.97
CA ASP B 228 1.94 7.48 -10.67
C ASP B 228 0.73 8.38 -10.80
N THR B 229 -0.28 8.10 -9.98
CA THR B 229 -1.50 8.88 -9.96
C THR B 229 -1.88 9.13 -8.50
N GLU B 230 -2.22 10.38 -8.18
CA GLU B 230 -2.41 10.77 -6.80
C GLU B 230 -3.72 11.52 -6.65
N SER B 231 -4.07 11.82 -5.39
CA SER B 231 -5.23 12.61 -5.04
C SER B 231 -5.08 13.05 -3.60
N PHE B 232 -5.65 14.22 -3.28
CA PHE B 232 -5.67 14.70 -1.91
C PHE B 232 -6.83 15.67 -1.76
N SER B 233 -7.32 15.80 -0.54
CA SER B 233 -8.40 16.72 -0.23
C SER B 233 -7.97 17.83 0.72
N ASN B 234 -7.42 17.49 1.89
CA ASN B 234 -6.98 18.49 2.86
C ASN B 234 -5.55 18.23 3.29
N ASP B 235 -5.12 16.97 3.22
CA ASP B 235 -3.76 16.59 3.59
C ASP B 235 -2.91 16.49 2.33
N PRO B 236 -2.04 17.45 2.05
CA PRO B 236 -1.32 17.40 0.77
C PRO B 236 -0.16 16.41 0.70
N CYS B 237 0.64 16.31 1.75
CA CYS B 237 2.02 15.86 1.56
C CYS B 237 2.32 14.42 1.96
N THR B 238 1.35 13.68 2.51
CA THR B 238 1.51 12.23 2.47
C THR B 238 1.44 11.73 1.04
N SER B 239 0.65 12.40 0.21
CA SER B 239 0.60 12.08 -1.22
C SER B 239 1.92 12.41 -1.91
N VAL B 240 2.56 13.53 -1.55
CA VAL B 240 3.82 13.83 -2.22
C VAL B 240 4.94 12.98 -1.64
N LYS B 241 4.77 12.47 -0.41
CA LYS B 241 5.72 11.47 0.08
C LYS B 241 5.58 10.16 -0.70
N LYS B 242 4.35 9.77 -1.02
CA LYS B 242 4.16 8.61 -1.87
C LYS B 242 4.67 8.84 -3.29
N LEU B 243 4.63 10.09 -3.75
CA LEU B 243 5.22 10.43 -5.03
C LEU B 243 6.74 10.36 -4.98
N LYS B 244 7.34 10.78 -3.85
CA LYS B 244 8.77 10.65 -3.64
C LYS B 244 9.20 9.20 -3.53
N GLY B 245 8.28 8.31 -3.11
CA GLY B 245 8.60 6.90 -3.06
C GLY B 245 8.87 6.30 -4.44
N ASN B 246 8.14 6.76 -5.45
CA ASN B 246 8.40 6.31 -6.81
C ASN B 246 9.51 7.09 -7.50
N ASP B 247 9.94 8.22 -6.90
CA ASP B 247 11.07 9.04 -7.36
C ASP B 247 10.86 9.54 -8.79
N VAL B 248 9.84 10.38 -8.93
CA VAL B 248 9.54 11.07 -10.17
C VAL B 248 9.88 12.54 -9.99
N ARG B 249 10.27 13.18 -11.09
CA ARG B 249 10.74 14.56 -11.04
C ARG B 249 9.94 15.51 -11.93
N ILE B 250 8.90 15.04 -12.59
CA ILE B 250 8.00 15.88 -13.36
C ILE B 250 6.61 15.74 -12.74
N ILE B 251 6.11 16.81 -12.12
CA ILE B 251 4.81 16.77 -11.47
C ILE B 251 3.89 17.71 -12.23
N LEU B 252 2.68 17.23 -12.54
CA LEU B 252 1.66 18.03 -13.21
C LEU B 252 0.58 18.33 -12.18
N GLY B 253 0.76 19.41 -11.44
CA GLY B 253 -0.17 19.73 -10.38
C GLY B 253 -1.45 20.34 -10.89
N GLN B 254 -2.54 20.06 -10.18
CA GLN B 254 -3.86 20.62 -10.50
C GLN B 254 -4.57 20.89 -9.18
N PHE B 255 -4.48 22.13 -8.71
CA PHE B 255 -5.07 22.49 -7.42
C PHE B 255 -5.20 24.00 -7.34
N ASP B 256 -6.06 24.45 -6.43
CA ASP B 256 -6.43 25.86 -6.33
C ASP B 256 -5.35 26.65 -5.60
N GLN B 257 -5.68 27.89 -5.25
CA GLN B 257 -4.70 28.82 -4.70
C GLN B 257 -4.35 28.52 -3.25
N ASN B 258 -5.24 27.89 -2.50
CA ASN B 258 -4.98 27.65 -1.09
C ASN B 258 -3.98 26.51 -0.91
N MET B 259 -4.21 25.39 -1.59
CA MET B 259 -3.39 24.20 -1.37
C MET B 259 -2.00 24.29 -1.97
N ALA B 260 -1.73 25.31 -2.79
CA ALA B 260 -0.41 25.44 -3.42
C ALA B 260 0.67 25.73 -2.38
N ALA B 261 0.39 26.62 -1.43
CA ALA B 261 1.34 26.92 -0.38
C ALA B 261 1.60 25.72 0.51
N LYS B 262 0.55 24.93 0.78
CA LYS B 262 0.71 23.74 1.59
C LYS B 262 1.54 22.69 0.88
N VAL B 263 1.30 22.49 -0.43
CA VAL B 263 2.07 21.52 -1.20
C VAL B 263 3.53 21.96 -1.31
N PHE B 264 3.78 23.25 -1.45
CA PHE B 264 5.17 23.66 -1.62
C PHE B 264 5.94 23.70 -0.31
N CYS B 265 5.30 24.02 0.81
CA CYS B 265 6.00 23.93 2.09
C CYS B 265 6.20 22.48 2.51
N CYS B 266 5.24 21.60 2.21
CA CYS B 266 5.45 20.18 2.43
C CYS B 266 6.48 19.59 1.48
N ALA B 267 6.74 20.22 0.33
CA ALA B 267 7.85 19.81 -0.51
C ALA B 267 9.17 20.31 0.03
N TYR B 268 9.16 21.51 0.62
CA TYR B 268 10.37 22.05 1.25
C TYR B 268 10.78 21.22 2.46
N GLU B 269 9.81 20.70 3.20
CA GLU B 269 10.14 19.77 4.27
C GLU B 269 10.63 18.43 3.73
N GLU B 270 10.26 18.10 2.50
CA GLU B 270 10.73 16.88 1.85
C GLU B 270 11.92 17.12 0.93
N ASN B 271 12.33 18.37 0.76
CA ASN B 271 13.45 18.77 -0.11
C ASN B 271 13.24 18.34 -1.56
N MET B 272 12.04 18.57 -2.08
CA MET B 272 11.70 18.21 -3.45
C MET B 272 11.83 19.42 -4.38
N TYR B 273 13.04 19.92 -4.51
CA TYR B 273 13.32 21.04 -5.39
C TYR B 273 14.75 20.90 -5.90
N GLY B 274 15.29 21.99 -6.43
CA GLY B 274 16.64 21.95 -6.96
C GLY B 274 16.63 21.74 -8.46
N SER B 275 17.77 21.29 -8.97
CA SER B 275 17.92 21.00 -10.39
C SER B 275 17.54 19.57 -10.74
N LYS B 276 16.75 18.92 -9.90
CA LYS B 276 16.24 17.59 -10.20
C LYS B 276 14.79 17.62 -10.64
N TYR B 277 13.93 18.31 -9.90
CA TYR B 277 12.49 18.21 -10.04
C TYR B 277 11.94 19.36 -10.88
N GLN B 278 10.74 19.13 -11.43
CA GLN B 278 10.05 20.13 -12.23
C GLN B 278 8.57 20.13 -11.88
N TRP B 279 8.01 21.32 -11.67
CA TRP B 279 6.61 21.52 -11.32
C TRP B 279 5.90 22.21 -12.47
N ILE B 280 4.74 21.71 -12.85
CA ILE B 280 3.91 22.35 -13.87
C ILE B 280 2.53 22.54 -13.28
N ILE B 281 2.17 23.79 -13.00
CA ILE B 281 0.91 24.08 -12.30
C ILE B 281 0.07 25.06 -13.12
N PRO B 282 -1.21 25.25 -12.81
CA PRO B 282 -1.96 26.34 -13.44
C PRO B 282 -1.42 27.71 -13.07
N GLY B 283 -1.71 28.67 -13.94
CA GLY B 283 -1.18 30.01 -13.75
C GLY B 283 -2.20 31.11 -13.70
N TRP B 284 -3.44 30.79 -13.34
CA TRP B 284 -4.46 31.83 -13.17
C TRP B 284 -4.55 32.33 -11.75
N TYR B 285 -3.50 32.17 -10.96
CA TYR B 285 -3.50 32.68 -9.60
C TYR B 285 -3.35 34.20 -9.61
N GLU B 286 -3.58 34.80 -8.44
CA GLU B 286 -3.36 36.22 -8.28
C GLU B 286 -1.86 36.52 -8.31
N PRO B 287 -1.47 37.69 -8.78
CA PRO B 287 -0.07 38.11 -8.67
C PRO B 287 0.32 38.32 -7.21
N SER B 288 1.53 37.87 -6.87
CA SER B 288 2.08 37.88 -5.51
C SER B 288 1.15 37.17 -4.53
N TRP B 289 0.71 35.97 -4.93
CA TRP B 289 -0.23 35.19 -4.14
C TRP B 289 0.40 34.55 -2.92
N TRP B 290 1.72 34.55 -2.81
CA TRP B 290 2.40 33.90 -1.69
C TRP B 290 2.30 34.68 -0.39
N GLU B 291 1.91 35.95 -0.45
CA GLU B 291 1.98 36.82 0.72
C GLU B 291 0.92 36.51 1.76
N GLN B 292 -0.17 35.85 1.39
CA GLN B 292 -1.19 35.50 2.36
C GLN B 292 -1.40 33.99 2.35
N SER B 300 1.88 31.27 5.40
CA SER B 300 1.45 31.91 6.63
C SER B 300 2.23 31.37 7.82
N ARG B 301 1.92 30.13 8.21
CA ARG B 301 2.73 29.44 9.21
C ARG B 301 4.13 29.16 8.68
N CYS B 302 4.23 28.87 7.38
CA CYS B 302 5.47 28.53 6.75
C CYS B 302 6.34 29.76 6.58
N LEU B 303 7.66 29.56 6.47
CA LEU B 303 8.57 30.68 6.39
C LEU B 303 8.72 31.18 4.96
N ARG B 304 8.79 32.51 4.82
CA ARG B 304 8.62 33.14 3.52
C ARG B 304 9.83 32.92 2.61
N LYS B 305 11.04 33.06 3.13
CA LYS B 305 12.22 32.90 2.28
C LYS B 305 12.46 31.45 1.93
N ASN B 306 12.09 30.53 2.84
CA ASN B 306 12.14 29.11 2.52
C ASN B 306 11.15 28.75 1.43
N LEU B 307 9.97 29.36 1.47
CA LEU B 307 8.99 29.17 0.40
C LEU B 307 9.46 29.75 -0.92
N LEU B 308 10.12 30.91 -0.87
CA LEU B 308 10.65 31.51 -2.09
C LEU B 308 11.82 30.72 -2.67
N ALA B 309 12.56 30.00 -1.84
CA ALA B 309 13.60 29.12 -2.35
C ALA B 309 13.04 27.77 -2.80
N ALA B 310 11.87 27.37 -2.29
CA ALA B 310 11.28 26.11 -2.73
C ALA B 310 10.44 26.28 -3.98
N MET B 311 9.89 27.46 -4.20
CA MET B 311 8.97 27.72 -5.31
C MET B 311 9.68 28.22 -6.57
N GLU B 312 10.99 28.10 -6.64
CA GLU B 312 11.71 28.65 -7.79
C GLU B 312 11.70 27.65 -8.94
N GLY B 313 11.31 28.12 -10.11
CA GLY B 313 11.40 27.34 -11.33
C GLY B 313 10.22 26.49 -11.71
N TYR B 314 9.01 26.86 -11.28
CA TYR B 314 7.85 26.14 -11.78
C TYR B 314 7.36 26.76 -13.08
N ILE B 315 6.55 26.00 -13.80
CA ILE B 315 5.98 26.44 -15.06
C ILE B 315 4.47 26.56 -14.89
N GLY B 316 3.95 27.77 -15.02
CA GLY B 316 2.52 28.01 -14.95
C GLY B 316 1.93 28.09 -16.34
N VAL B 317 0.85 27.35 -16.56
CA VAL B 317 0.18 27.31 -17.85
C VAL B 317 -1.11 28.10 -17.76
N ASP B 318 -1.40 28.91 -18.78
CA ASP B 318 -2.59 29.75 -18.75
C ASP B 318 -3.04 30.06 -20.17
N PHE B 319 -4.15 30.76 -20.29
CA PHE B 319 -4.58 31.28 -21.58
C PHE B 319 -4.07 32.72 -21.76
N GLU B 320 -3.70 33.04 -22.98
CA GLU B 320 -3.04 34.30 -23.27
C GLU B 320 -4.05 35.44 -23.34
N PRO B 321 -3.83 36.53 -22.63
CA PRO B 321 -4.77 37.66 -22.69
C PRO B 321 -4.80 38.38 -24.02
N LEU B 322 -3.65 38.78 -24.56
CA LEU B 322 -3.61 39.53 -25.79
C LEU B 322 -2.49 39.02 -26.68
N SER B 323 -2.72 39.01 -27.99
CA SER B 323 -1.73 38.51 -28.92
C SER B 323 -0.57 39.50 -29.05
N SER B 324 0.48 39.04 -29.73
CA SER B 324 1.68 39.84 -29.91
C SER B 324 2.04 40.12 -31.36
N LYS B 325 1.50 39.35 -32.30
CA LYS B 325 1.82 39.53 -33.71
C LYS B 325 1.20 40.81 -34.23
N GLN B 326 2.00 41.87 -34.32
CA GLN B 326 1.50 43.21 -34.60
C GLN B 326 1.13 43.33 -36.07
N ILE B 327 -0.07 42.87 -36.39
CA ILE B 327 -0.68 43.09 -37.69
C ILE B 327 -1.96 43.87 -37.44
N LYS B 328 -2.49 44.47 -38.51
CA LYS B 328 -3.78 45.15 -38.41
C LYS B 328 -4.91 44.12 -38.27
N THR B 329 -5.77 44.33 -37.27
CA THR B 329 -6.90 43.45 -37.05
C THR B 329 -8.06 43.86 -37.96
N ILE B 330 -9.24 43.28 -37.74
CA ILE B 330 -10.38 43.58 -38.61
C ILE B 330 -10.99 44.93 -38.29
N SER B 331 -10.69 45.53 -37.14
CA SER B 331 -11.17 46.87 -36.86
C SER B 331 -10.28 47.93 -37.48
N GLY B 332 -9.05 47.59 -37.85
CA GLY B 332 -8.11 48.56 -38.36
C GLY B 332 -7.10 49.09 -37.36
N LYS B 333 -6.83 48.34 -36.30
CA LYS B 333 -5.92 48.78 -35.25
C LYS B 333 -4.87 47.70 -34.98
N THR B 334 -4.00 48.00 -34.04
CA THR B 334 -3.08 47.00 -33.50
C THR B 334 -3.57 46.55 -32.14
N PRO B 335 -3.09 45.41 -31.65
CA PRO B 335 -3.29 45.08 -30.22
C PRO B 335 -2.76 46.13 -29.25
N GLN B 336 -1.66 46.80 -29.61
CA GLN B 336 -1.09 47.79 -28.71
C GLN B 336 -1.94 49.06 -28.67
N GLN B 337 -2.47 49.47 -29.84
CA GLN B 337 -3.35 50.63 -29.88
C GLN B 337 -4.64 50.37 -29.12
N TYR B 338 -5.20 49.16 -29.26
CA TYR B 338 -6.40 48.80 -28.51
C TYR B 338 -6.11 48.75 -27.02
N GLU B 339 -4.93 48.26 -26.64
CA GLU B 339 -4.59 48.19 -25.22
C GLU B 339 -4.43 49.59 -24.63
N ARG B 340 -3.84 50.52 -25.38
CA ARG B 340 -3.72 51.89 -24.90
C ARG B 340 -5.07 52.57 -24.83
N GLU B 341 -5.95 52.29 -25.80
CA GLU B 341 -7.28 52.88 -25.82
C GLU B 341 -8.11 52.41 -24.63
N TYR B 342 -8.10 51.09 -24.37
CA TYR B 342 -8.84 50.55 -23.25
C TYR B 342 -8.25 50.98 -21.92
N ASN B 343 -6.92 51.17 -21.86
CA ASN B 343 -6.31 51.68 -20.64
C ASN B 343 -6.65 53.14 -20.40
N ASN B 344 -6.82 53.93 -21.45
CA ASN B 344 -7.29 55.28 -21.27
C ASN B 344 -8.77 55.32 -20.92
N LYS B 345 -9.52 54.30 -21.34
CA LYS B 345 -10.95 54.26 -21.05
C LYS B 345 -11.25 53.80 -19.64
N ARG B 346 -10.43 52.91 -19.08
CA ARG B 346 -10.76 52.20 -17.85
C ARG B 346 -10.43 52.98 -16.58
N SER B 347 -10.33 54.31 -16.65
CA SER B 347 -9.70 55.14 -15.63
C SER B 347 -10.28 55.00 -14.22
N GLY B 348 -11.56 54.63 -14.13
CA GLY B 348 -12.18 54.52 -12.82
C GLY B 348 -11.85 53.24 -12.07
N VAL B 349 -11.73 52.12 -12.78
CA VAL B 349 -11.68 50.80 -12.13
C VAL B 349 -10.44 50.04 -12.57
N GLY B 350 -10.17 48.95 -11.86
CA GLY B 350 -9.07 48.08 -12.18
C GLY B 350 -9.35 47.22 -13.40
N PRO B 351 -8.33 46.64 -13.99
CA PRO B 351 -8.51 45.86 -15.20
C PRO B 351 -8.88 44.41 -14.89
N SER B 352 -9.37 43.73 -15.92
CA SER B 352 -9.64 42.31 -15.86
C SER B 352 -9.15 41.67 -17.15
N LYS B 353 -8.75 40.41 -17.05
CA LYS B 353 -8.05 39.75 -18.14
C LYS B 353 -8.98 39.14 -19.18
N PHE B 354 -10.21 39.62 -19.30
CA PHE B 354 -11.15 39.06 -20.25
C PHE B 354 -11.60 40.04 -21.33
N HIS B 355 -11.01 41.24 -21.38
CA HIS B 355 -11.62 42.31 -22.17
C HIS B 355 -11.41 42.12 -23.67
N GLY B 356 -10.27 41.57 -24.08
CA GLY B 356 -10.06 41.29 -25.48
C GLY B 356 -11.02 40.24 -26.01
N TYR B 357 -11.40 39.29 -25.16
CA TYR B 357 -12.37 38.29 -25.56
C TYR B 357 -13.76 38.89 -25.70
N ALA B 358 -14.09 39.89 -24.88
CA ALA B 358 -15.37 40.59 -25.07
C ALA B 358 -15.38 41.39 -26.37
N TYR B 359 -14.23 41.98 -26.71
CA TYR B 359 -14.10 42.72 -27.96
C TYR B 359 -14.30 41.79 -29.16
N ASP B 360 -13.64 40.64 -29.14
CA ASP B 360 -13.81 39.68 -30.22
C ASP B 360 -15.22 39.10 -30.24
N GLY B 361 -15.87 38.97 -29.08
CA GLY B 361 -17.24 38.50 -29.06
C GLY B 361 -18.19 39.45 -29.73
N ILE B 362 -18.01 40.76 -29.49
CA ILE B 362 -18.87 41.76 -30.14
C ILE B 362 -18.63 41.75 -31.65
N TRP B 363 -17.37 41.59 -32.06
CA TRP B 363 -17.13 41.55 -33.50
C TRP B 363 -17.67 40.27 -34.14
N VAL B 364 -17.66 39.15 -33.42
CA VAL B 364 -18.24 37.91 -33.93
C VAL B 364 -19.74 38.05 -34.08
N ILE B 365 -20.39 38.69 -33.11
CA ILE B 365 -21.83 38.93 -33.17
C ILE B 365 -22.18 39.81 -34.37
N ALA B 366 -21.39 40.85 -34.60
CA ALA B 366 -21.66 41.77 -35.71
C ALA B 366 -21.48 41.09 -37.06
N LYS B 367 -20.39 40.34 -37.23
CA LYS B 367 -20.17 39.64 -38.50
C LYS B 367 -21.20 38.54 -38.72
N THR B 368 -21.68 37.91 -37.65
CA THR B 368 -22.69 36.87 -37.78
C THR B 368 -24.02 37.46 -38.21
N LEU B 369 -24.38 38.61 -37.64
CA LEU B 369 -25.61 39.29 -38.07
C LEU B 369 -25.52 39.78 -39.50
N GLN B 370 -24.33 40.24 -39.93
CA GLN B 370 -24.15 40.66 -41.31
C GLN B 370 -24.31 39.49 -42.28
N ARG B 371 -23.69 38.36 -41.96
CA ARG B 371 -23.80 37.17 -42.81
C ARG B 371 -25.23 36.65 -42.84
N ALA B 372 -25.93 36.70 -41.71
CA ALA B 372 -27.32 36.25 -41.67
C ALA B 372 -28.23 37.18 -42.46
N MET B 373 -27.96 38.49 -42.44
CA MET B 373 -28.77 39.40 -43.22
C MET B 373 -28.55 39.20 -44.71
N GLU B 374 -27.30 38.98 -45.12
CA GLU B 374 -27.02 38.70 -46.53
C GLU B 374 -27.61 37.37 -46.97
N THR B 375 -27.71 36.40 -46.06
CA THR B 375 -28.35 35.14 -46.41
C THR B 375 -29.86 35.29 -46.48
N LEU B 376 -30.43 36.12 -45.61
CA LEU B 376 -31.89 36.27 -45.58
C LEU B 376 -32.42 37.09 -46.73
N HIS B 377 -31.68 38.12 -47.17
CA HIS B 377 -32.18 38.95 -48.26
C HIS B 377 -32.14 38.26 -49.62
N ALA B 378 -31.48 37.12 -49.72
CA ALA B 378 -31.52 36.29 -50.92
C ALA B 378 -32.62 35.23 -50.89
N SER B 379 -33.71 35.50 -50.17
CA SER B 379 -34.82 34.55 -50.08
C SER B 379 -35.63 34.54 -51.37
N ILE B 385 -36.16 39.64 -39.62
CA ILE B 385 -35.22 40.02 -38.58
C ILE B 385 -35.93 40.94 -37.60
N GLN B 386 -36.59 41.98 -38.12
CA GLN B 386 -37.41 42.85 -37.28
C GLN B 386 -38.70 42.17 -36.83
N ASP B 387 -39.04 41.04 -37.42
CA ASP B 387 -40.24 40.27 -37.09
C ASP B 387 -39.94 39.02 -36.29
N PHE B 388 -38.76 38.90 -35.69
CA PHE B 388 -38.30 37.66 -35.09
C PHE B 388 -38.94 37.46 -33.73
N ASN B 389 -39.89 36.53 -33.65
CA ASN B 389 -40.33 35.98 -32.38
C ASN B 389 -39.64 34.63 -32.15
N TYR B 390 -39.76 34.14 -30.93
CA TYR B 390 -39.11 32.89 -30.56
C TYR B 390 -39.80 31.65 -31.13
N THR B 391 -40.95 31.81 -31.78
CA THR B 391 -41.63 30.69 -32.43
C THR B 391 -40.92 30.24 -33.69
N ASP B 392 -40.15 31.13 -34.34
CA ASP B 392 -39.38 30.75 -35.51
C ASP B 392 -38.21 29.86 -35.10
N HIS B 393 -37.80 28.98 -36.00
CA HIS B 393 -36.57 28.23 -35.80
C HIS B 393 -35.69 28.14 -37.03
N THR B 394 -36.21 28.47 -38.22
CA THR B 394 -35.36 28.51 -39.41
C THR B 394 -34.36 29.64 -39.32
N LEU B 395 -34.78 30.79 -38.78
CA LEU B 395 -33.86 31.87 -38.50
C LEU B 395 -32.80 31.46 -37.48
N GLY B 396 -33.19 30.63 -36.51
CA GLY B 396 -32.22 30.10 -35.57
C GLY B 396 -31.20 29.20 -36.23
N ARG B 397 -31.63 28.36 -37.16
CA ARG B 397 -30.69 27.52 -37.90
C ARG B 397 -29.76 28.34 -38.77
N ILE B 398 -30.29 29.43 -39.35
CA ILE B 398 -29.49 30.33 -40.18
C ILE B 398 -28.39 30.99 -39.35
N ILE B 399 -28.76 31.52 -38.18
CA ILE B 399 -27.79 32.18 -37.30
C ILE B 399 -26.79 31.18 -36.75
N LEU B 400 -27.23 29.94 -36.50
CA LEU B 400 -26.33 28.90 -36.01
C LEU B 400 -25.28 28.54 -37.06
N ASN B 401 -25.69 28.38 -38.32
CA ASN B 401 -24.71 28.08 -39.35
C ASN B 401 -23.79 29.27 -39.64
N ALA B 402 -24.33 30.49 -39.53
CA ALA B 402 -23.51 31.68 -39.76
C ALA B 402 -22.45 31.85 -38.67
N MET B 403 -22.78 31.51 -37.43
CA MET B 403 -21.76 31.55 -36.40
C MET B 403 -20.82 30.35 -36.48
N ASN B 404 -21.28 29.23 -37.03
CA ASN B 404 -20.39 28.10 -37.25
C ASN B 404 -19.36 28.40 -38.33
N GLU B 405 -19.68 29.29 -39.26
CA GLU B 405 -18.78 29.64 -40.36
C GLU B 405 -17.87 30.83 -40.04
N THR B 406 -17.49 31.04 -38.79
CA THR B 406 -16.72 32.21 -38.41
C THR B 406 -15.23 31.92 -38.50
N ASN B 407 -14.50 32.79 -39.21
CA ASN B 407 -13.06 32.63 -39.37
C ASN B 407 -12.47 34.00 -39.71
N PHE B 408 -11.85 34.66 -38.73
CA PHE B 408 -11.20 35.93 -39.03
C PHE B 408 -10.10 36.17 -38.00
N PHE B 409 -9.50 37.36 -38.05
CA PHE B 409 -8.38 37.74 -37.19
C PHE B 409 -8.83 38.86 -36.27
N GLY B 410 -8.66 38.67 -34.97
CA GLY B 410 -9.01 39.68 -33.99
C GLY B 410 -7.87 39.90 -33.00
N VAL B 411 -8.10 40.67 -31.94
CA VAL B 411 -7.04 41.17 -31.08
C VAL B 411 -6.47 40.09 -30.18
N THR B 412 -7.06 38.90 -30.20
CA THR B 412 -6.52 37.76 -29.48
C THR B 412 -6.04 36.65 -30.41
N GLY B 413 -5.93 36.95 -31.71
CA GLY B 413 -5.42 35.97 -32.64
C GLY B 413 -6.42 35.56 -33.69
N GLN B 414 -6.27 34.37 -34.24
CA GLN B 414 -7.18 33.89 -35.26
C GLN B 414 -8.43 33.35 -34.58
N VAL B 415 -9.51 34.12 -34.62
CA VAL B 415 -10.79 33.69 -34.06
C VAL B 415 -11.40 32.67 -35.01
N VAL B 416 -11.58 31.45 -34.52
CA VAL B 416 -12.13 30.34 -35.29
C VAL B 416 -12.65 29.31 -34.30
N PHE B 417 -13.80 28.73 -34.63
CA PHE B 417 -14.49 27.77 -33.78
C PHE B 417 -14.40 26.37 -34.37
N ARG B 418 -14.06 25.40 -33.52
CA ARG B 418 -14.12 23.99 -33.85
C ARG B 418 -15.06 23.34 -32.86
N ASN B 419 -16.19 22.82 -33.37
CA ASN B 419 -17.25 22.15 -32.60
C ASN B 419 -17.84 23.03 -31.50
N GLY B 420 -17.74 24.34 -31.61
CA GLY B 420 -18.19 25.23 -30.57
C GLY B 420 -17.13 25.65 -29.57
N GLU B 421 -15.86 25.45 -29.87
CA GLU B 421 -14.79 25.91 -28.99
C GLU B 421 -13.83 26.80 -29.76
N ARG B 422 -13.24 27.76 -29.07
CA ARG B 422 -12.29 28.67 -29.70
C ARG B 422 -10.94 27.98 -29.82
N MET B 423 -10.35 28.03 -31.00
CA MET B 423 -8.97 27.55 -31.16
C MET B 423 -8.05 28.73 -30.93
N GLY B 424 -7.61 28.90 -29.68
CA GLY B 424 -6.82 30.06 -29.31
C GLY B 424 -5.41 29.72 -28.88
N THR B 425 -4.76 30.61 -28.14
CA THR B 425 -3.35 30.49 -27.79
C THR B 425 -3.17 30.28 -26.30
N ILE B 426 -2.11 29.55 -25.95
CA ILE B 426 -1.80 29.17 -24.57
C ILE B 426 -0.46 29.79 -24.21
N LYS B 427 -0.33 30.30 -23.00
CA LYS B 427 0.86 31.00 -22.55
C LYS B 427 1.52 30.22 -21.42
N PHE B 428 2.82 29.96 -21.57
CA PHE B 428 3.65 29.43 -20.50
C PHE B 428 4.39 30.56 -19.82
N THR B 429 4.38 30.56 -18.50
CA THR B 429 5.18 31.50 -17.74
C THR B 429 6.03 30.75 -16.73
N GLN B 430 7.14 31.37 -16.36
CA GLN B 430 8.05 30.78 -15.38
C GLN B 430 8.33 31.78 -14.29
N PHE B 431 8.57 31.27 -13.08
CA PHE B 431 8.77 32.12 -11.91
C PHE B 431 10.26 32.38 -11.72
N GLN B 432 10.62 33.67 -11.68
CA GLN B 432 11.98 34.12 -11.44
C GLN B 432 11.93 35.08 -10.25
N ASP B 433 12.06 34.50 -9.05
CA ASP B 433 12.64 35.10 -7.85
C ASP B 433 11.89 36.29 -7.24
N SER B 434 11.10 36.97 -8.05
CA SER B 434 10.14 37.97 -7.60
C SER B 434 8.85 37.93 -8.39
N ARG B 435 8.86 37.41 -9.61
CA ARG B 435 7.65 37.50 -10.44
C ARG B 435 7.66 36.40 -11.49
N GLU B 436 6.51 36.20 -12.09
CA GLU B 436 6.39 35.31 -13.23
C GLU B 436 6.57 36.10 -14.51
N VAL B 437 7.22 35.48 -15.50
CA VAL B 437 7.49 36.11 -16.78
C VAL B 437 7.18 35.14 -17.90
N LYS B 438 6.77 35.70 -19.03
CA LYS B 438 6.34 34.92 -20.18
C LYS B 438 7.53 34.23 -20.83
N VAL B 439 7.48 32.91 -20.95
CA VAL B 439 8.61 32.14 -21.44
C VAL B 439 8.24 31.30 -22.65
N GLY B 440 7.15 31.64 -23.33
CA GLY B 440 6.79 30.90 -24.53
C GLY B 440 5.31 31.06 -24.83
N GLU B 441 4.89 30.37 -25.89
CA GLU B 441 3.50 30.37 -26.29
C GLU B 441 3.24 29.14 -27.13
N TYR B 442 1.96 28.80 -27.27
CA TYR B 442 1.57 27.61 -28.02
C TYR B 442 0.35 27.96 -28.87
N ASN B 443 0.55 28.04 -30.18
CA ASN B 443 -0.56 28.27 -31.08
C ASN B 443 -1.23 26.94 -31.37
N ALA B 444 -2.51 26.82 -31.01
CA ALA B 444 -3.21 25.56 -31.13
C ALA B 444 -3.88 25.37 -32.49
N VAL B 445 -3.91 26.40 -33.32
CA VAL B 445 -4.48 26.23 -34.66
C VAL B 445 -3.55 25.42 -35.53
N ALA B 446 -2.33 25.90 -35.71
CA ALA B 446 -1.33 25.19 -36.49
C ALA B 446 -0.56 24.17 -35.67
N ASP B 447 -0.87 24.08 -34.36
CA ASP B 447 -0.26 23.12 -33.42
C ASP B 447 1.26 23.28 -33.36
N THR B 448 1.69 24.44 -32.88
CA THR B 448 3.12 24.71 -32.79
C THR B 448 3.46 25.45 -31.52
N LEU B 449 4.59 25.07 -30.91
CA LEU B 449 5.08 25.69 -29.70
C LEU B 449 6.27 26.58 -30.04
N GLU B 450 6.29 27.79 -29.47
CA GLU B 450 7.38 28.71 -29.67
C GLU B 450 7.94 29.09 -28.30
N ILE B 451 9.18 28.69 -28.04
CA ILE B 451 9.84 28.96 -26.77
C ILE B 451 10.85 30.09 -27.00
N ILE B 452 10.73 31.15 -26.21
CA ILE B 452 11.75 32.19 -26.20
C ILE B 452 13.02 31.62 -25.58
N ASN B 453 14.15 31.78 -26.28
CA ASN B 453 15.35 31.04 -25.94
C ASN B 453 16.00 31.54 -24.66
N ASP B 454 16.20 32.85 -24.55
CA ASP B 454 17.08 33.43 -23.54
C ASP B 454 16.33 33.87 -22.29
N THR B 455 15.25 33.18 -21.94
CA THR B 455 14.51 33.56 -20.73
C THR B 455 14.31 32.37 -19.80
N ILE B 456 14.06 31.20 -20.38
CA ILE B 456 13.85 30.01 -19.56
C ILE B 456 15.19 29.51 -19.05
N ARG B 457 15.27 29.23 -17.76
CA ARG B 457 16.49 28.73 -17.14
C ARG B 457 16.13 27.65 -16.13
N PHE B 458 17.15 26.99 -15.61
CA PHE B 458 17.00 26.05 -14.52
C PHE B 458 18.06 26.34 -13.47
N GLN B 459 18.15 25.48 -12.47
CA GLN B 459 19.19 25.65 -11.46
C GLN B 459 20.53 25.15 -11.98
N GLY B 460 20.55 23.98 -12.59
CA GLY B 460 21.75 23.39 -13.13
C GLY B 460 22.03 23.85 -14.55
N SER B 461 22.60 22.95 -15.34
CA SER B 461 22.93 23.27 -16.73
C SER B 461 22.00 22.60 -17.73
N GLU B 462 21.70 21.36 -17.53
CA GLU B 462 20.85 20.67 -18.47
C GLU B 462 19.39 20.74 -18.03
N PRO B 463 18.45 20.60 -18.95
CA PRO B 463 17.07 20.32 -18.56
C PRO B 463 16.98 19.00 -17.84
N PRO B 464 16.46 18.98 -16.61
CA PRO B 464 16.58 17.78 -15.77
C PRO B 464 15.74 16.62 -16.27
N LYS B 465 16.39 15.47 -16.39
CA LYS B 465 15.76 14.27 -16.91
C LYS B 465 14.83 13.69 -15.85
N ASP B 466 13.94 12.79 -16.27
CA ASP B 466 12.90 12.26 -15.40
C ASP B 466 13.45 11.33 -14.32
N LYS B 467 14.16 10.28 -14.71
CA LYS B 467 14.73 9.32 -13.77
C LYS B 467 16.25 9.37 -13.87
N THR B 468 16.91 9.16 -12.72
CA THR B 468 18.36 9.18 -12.71
C THR B 468 18.92 7.93 -13.38
N ILE B 469 20.19 8.01 -13.77
CA ILE B 469 20.84 6.94 -14.51
C ILE B 469 21.71 6.14 -13.56
N ILE B 470 21.58 4.82 -13.62
CA ILE B 470 22.31 3.93 -12.71
C ILE B 470 23.58 3.47 -13.39
N LEU B 471 24.60 3.21 -12.58
CA LEU B 471 25.91 2.81 -13.06
C LEU B 471 26.47 1.70 -12.19
N GLU B 472 27.25 0.80 -12.80
CA GLU B 472 27.74 -0.38 -12.09
C GLU B 472 28.87 -0.03 -11.13
N GLN B 473 30.02 0.42 -11.67
CA GLN B 473 31.17 0.92 -10.89
C GLN B 473 31.67 -0.15 -9.90
N LEU B 474 32.24 -1.20 -10.47
CA LEU B 474 32.77 -2.31 -9.68
C LEU B 474 33.92 -1.84 -8.78
N ARG B 475 34.00 -2.45 -7.60
CA ARG B 475 35.02 -2.08 -6.62
C ARG B 475 36.26 -2.96 -6.85
N LYS B 476 37.33 -2.34 -7.30
CA LYS B 476 38.58 -3.04 -7.59
C LYS B 476 39.57 -2.83 -6.46
N ILE B 477 40.80 -3.29 -6.66
CA ILE B 477 41.87 -3.18 -5.69
C ILE B 477 43.04 -2.42 -6.32
N SER B 478 43.82 -1.77 -5.45
CA SER B 478 44.83 -0.83 -5.92
C SER B 478 46.05 -1.56 -6.47
N LEU B 479 46.39 -1.25 -7.73
CA LEU B 479 47.61 -1.70 -8.38
C LEU B 479 48.93 -1.41 -7.63
N PRO B 480 49.12 -0.26 -6.96
CA PRO B 480 50.33 -0.16 -6.12
C PRO B 480 50.38 -1.14 -4.97
N LEU B 481 49.27 -1.36 -4.26
CA LEU B 481 49.22 -2.32 -3.17
C LEU B 481 49.42 -3.75 -3.68
N TYR B 482 48.79 -4.08 -4.81
CA TYR B 482 48.95 -5.40 -5.40
C TYR B 482 50.38 -5.63 -5.86
N SER B 483 51.01 -4.61 -6.44
CA SER B 483 52.39 -4.75 -6.91
C SER B 483 53.36 -4.89 -5.74
N ILE B 484 53.12 -4.13 -4.66
CA ILE B 484 53.97 -4.20 -3.47
C ILE B 484 53.89 -5.58 -2.82
N LEU B 485 52.67 -6.14 -2.73
CA LEU B 485 52.55 -7.45 -2.12
C LEU B 485 53.08 -8.56 -3.02
N SER B 486 53.01 -8.39 -4.34
CA SER B 486 53.64 -9.36 -5.23
C SER B 486 55.15 -9.32 -5.12
N ALA B 487 55.72 -8.12 -4.92
CA ALA B 487 57.17 -8.02 -4.72
C ALA B 487 57.60 -8.66 -3.40
N LEU B 488 56.81 -8.47 -2.34
CA LEU B 488 57.13 -9.08 -1.06
C LEU B 488 57.07 -10.61 -1.14
N THR B 489 56.04 -11.16 -1.77
CA THR B 489 56.00 -12.60 -1.87
C THR B 489 56.99 -13.16 -2.90
N ILE B 490 57.45 -12.37 -3.86
CA ILE B 490 58.46 -12.93 -4.75
C ILE B 490 59.84 -12.92 -4.09
N LEU B 491 60.11 -11.96 -3.18
CA LEU B 491 61.37 -12.05 -2.44
C LEU B 491 61.31 -13.16 -1.39
N GLY B 492 60.12 -13.42 -0.82
CA GLY B 492 59.96 -14.60 0.01
C GLY B 492 60.18 -15.89 -0.76
N MET B 493 59.75 -15.92 -2.02
CA MET B 493 60.00 -17.07 -2.89
C MET B 493 61.49 -17.27 -3.14
N ILE B 494 62.24 -16.18 -3.35
CA ILE B 494 63.70 -16.26 -3.50
C ILE B 494 64.35 -16.81 -2.24
N MET B 495 63.88 -16.36 -1.07
CA MET B 495 64.43 -16.86 0.20
C MET B 495 64.18 -18.35 0.39
N ALA B 496 62.97 -18.81 0.04
CA ALA B 496 62.66 -20.23 0.17
C ALA B 496 63.47 -21.08 -0.80
N SER B 497 63.69 -20.58 -2.03
CA SER B 497 64.51 -21.33 -2.98
C SER B 497 65.96 -21.38 -2.53
N ALA B 498 66.45 -20.31 -1.90
CA ALA B 498 67.82 -20.29 -1.38
C ALA B 498 67.98 -21.29 -0.24
N PHE B 499 66.97 -21.42 0.62
CA PHE B 499 67.06 -22.39 1.71
C PHE B 499 67.00 -23.82 1.19
N LEU B 500 66.19 -24.08 0.16
CA LEU B 500 66.16 -25.41 -0.43
C LEU B 500 67.49 -25.74 -1.10
N PHE B 501 68.10 -24.76 -1.77
CA PHE B 501 69.39 -25.00 -2.42
C PHE B 501 70.48 -25.28 -1.40
N PHE B 502 70.48 -24.55 -0.28
CA PHE B 502 71.46 -24.81 0.77
C PHE B 502 71.29 -26.19 1.38
N ASN B 503 70.06 -26.57 1.71
CA ASN B 503 69.84 -27.87 2.33
C ASN B 503 70.05 -29.03 1.36
N ILE B 504 69.91 -28.80 0.04
CA ILE B 504 70.21 -29.85 -0.91
C ILE B 504 71.69 -29.87 -1.29
N LYS B 505 72.41 -28.76 -1.10
CA LYS B 505 73.85 -28.78 -1.32
C LYS B 505 74.58 -29.46 -0.18
N ASN B 506 74.17 -29.18 1.05
CA ASN B 506 74.85 -29.70 2.23
C ASN B 506 74.20 -30.98 2.74
N ARG B 507 73.77 -31.84 1.82
CA ARG B 507 73.02 -33.06 2.13
C ARG B 507 73.84 -34.02 3.01
N ASN B 508 74.98 -34.47 2.50
CA ASN B 508 75.82 -35.43 3.23
C ASN B 508 76.58 -34.69 4.31
N GLN B 509 76.05 -34.69 5.52
CA GLN B 509 76.61 -33.98 6.65
C GLN B 509 76.08 -34.63 7.92
N LYS B 510 76.93 -34.67 8.96
CA LYS B 510 76.59 -35.34 10.20
C LYS B 510 75.77 -34.46 11.14
N LEU B 511 75.27 -33.33 10.64
CA LEU B 511 74.19 -32.60 11.28
C LEU B 511 72.89 -32.69 10.51
N ILE B 512 72.93 -32.90 9.20
CA ILE B 512 71.75 -32.91 8.35
C ILE B 512 71.19 -34.33 8.22
N LYS B 513 72.07 -35.33 8.31
CA LYS B 513 71.63 -36.72 8.21
C LYS B 513 70.79 -37.12 9.43
N MET B 514 71.04 -36.51 10.58
CA MET B 514 70.32 -36.81 11.81
C MET B 514 69.22 -35.81 12.10
N SER B 515 68.67 -35.16 11.07
CA SER B 515 67.64 -34.15 11.26
C SER B 515 66.46 -34.33 10.32
N SER B 516 66.37 -35.49 9.63
CA SER B 516 65.34 -35.87 8.68
C SER B 516 65.17 -34.82 7.59
N PRO B 517 66.11 -34.71 6.66
CA PRO B 517 66.06 -33.60 5.69
C PRO B 517 64.95 -33.72 4.66
N TYR B 518 64.38 -34.91 4.48
CA TYR B 518 63.27 -35.06 3.52
C TYR B 518 62.01 -34.38 4.03
N MET B 519 61.79 -34.43 5.35
CA MET B 519 60.70 -33.66 5.94
C MET B 519 60.95 -32.17 5.81
N ASN B 520 62.21 -31.74 5.83
CA ASN B 520 62.50 -30.34 5.59
C ASN B 520 62.29 -29.97 4.13
N ASN B 521 62.52 -30.91 3.20
CA ASN B 521 62.18 -30.67 1.81
C ASN B 521 60.67 -30.52 1.65
N LEU B 522 59.91 -31.31 2.40
CA LEU B 522 58.45 -31.17 2.42
C LEU B 522 58.03 -29.81 2.97
N ILE B 523 58.70 -29.32 4.02
CA ILE B 523 58.26 -28.05 4.57
C ILE B 523 58.68 -26.88 3.68
N ILE B 524 59.77 -27.01 2.92
CA ILE B 524 60.12 -25.94 1.98
C ILE B 524 59.13 -25.94 0.81
N LEU B 525 58.73 -27.13 0.34
CA LEU B 525 57.74 -27.19 -0.73
C LEU B 525 56.39 -26.67 -0.25
N GLY B 526 56.04 -26.91 1.01
CA GLY B 526 54.82 -26.34 1.56
C GLY B 526 54.86 -24.82 1.63
N GLY B 527 56.00 -24.26 2.07
CA GLY B 527 56.15 -22.81 2.06
C GLY B 527 56.15 -22.22 0.66
N MET B 528 56.68 -22.94 -0.31
CA MET B 528 56.67 -22.50 -1.71
C MET B 528 55.24 -22.44 -2.25
N LEU B 529 54.48 -23.51 -2.04
CA LEU B 529 53.09 -23.50 -2.49
C LEU B 529 52.22 -22.52 -1.72
N SER B 530 52.58 -22.22 -0.47
CA SER B 530 51.83 -21.21 0.27
C SER B 530 52.15 -19.81 -0.21
N TYR B 531 53.41 -19.52 -0.51
CA TYR B 531 53.81 -18.27 -1.14
C TYR B 531 53.19 -18.06 -2.52
N ALA B 532 53.03 -19.12 -3.30
CA ALA B 532 52.59 -18.93 -4.68
C ALA B 532 51.12 -18.57 -4.79
N SER B 533 50.36 -18.70 -3.71
CA SER B 533 48.91 -18.54 -3.79
C SER B 533 48.48 -17.09 -3.91
N ILE B 534 49.29 -16.14 -3.43
CA ILE B 534 48.89 -14.74 -3.30
C ILE B 534 48.79 -14.09 -4.67
N PHE B 535 49.55 -14.60 -5.63
CA PHE B 535 49.41 -14.21 -7.02
C PHE B 535 48.02 -14.55 -7.54
N LEU B 536 47.59 -15.78 -7.31
CA LEU B 536 46.24 -16.19 -7.68
C LEU B 536 45.18 -15.63 -6.74
N PHE B 537 45.59 -15.01 -5.64
CA PHE B 537 44.65 -14.35 -4.75
C PHE B 537 44.42 -12.94 -5.24
N GLY B 538 43.16 -12.58 -5.44
CA GLY B 538 42.85 -11.21 -5.83
C GLY B 538 43.19 -10.82 -7.24
N LEU B 539 43.00 -11.70 -8.21
CA LEU B 539 43.01 -11.29 -9.62
C LEU B 539 41.58 -10.95 -10.07
N ASP B 540 40.93 -10.11 -9.28
CA ASP B 540 39.48 -10.00 -9.29
C ASP B 540 39.02 -8.69 -9.90
N GLY B 541 38.00 -8.79 -10.74
CA GLY B 541 37.33 -7.62 -11.26
C GLY B 541 37.81 -7.18 -12.63
N SER B 542 38.65 -6.15 -12.64
CA SER B 542 39.08 -5.49 -13.87
C SER B 542 40.48 -5.94 -14.27
N PHE B 543 40.77 -7.23 -14.12
CA PHE B 543 42.11 -7.71 -14.41
C PHE B 543 42.19 -8.76 -15.51
N VAL B 544 41.29 -9.74 -15.54
CA VAL B 544 41.50 -10.79 -16.54
C VAL B 544 40.32 -11.02 -17.48
N SER B 545 39.17 -11.49 -16.99
CA SER B 545 38.10 -11.98 -17.85
C SER B 545 36.86 -12.24 -16.99
N GLU B 546 35.87 -12.89 -17.61
CA GLU B 546 34.69 -13.38 -16.92
C GLU B 546 34.58 -14.89 -16.97
N LYS B 547 35.55 -15.59 -17.55
CA LYS B 547 35.54 -17.03 -17.66
C LYS B 547 36.70 -17.70 -16.95
N THR B 548 37.84 -17.01 -16.78
CA THR B 548 38.91 -17.55 -15.97
C THR B 548 38.54 -17.57 -14.50
N PHE B 549 37.62 -16.70 -14.09
CA PHE B 549 37.25 -16.56 -12.68
C PHE B 549 36.55 -17.79 -12.13
N GLU B 550 35.91 -18.58 -12.97
CA GLU B 550 35.27 -19.80 -12.50
C GLU B 550 36.25 -20.96 -12.36
N THR B 551 37.48 -20.80 -12.85
CA THR B 551 38.52 -21.80 -12.68
C THR B 551 39.65 -21.34 -11.77
N LEU B 552 39.88 -20.04 -11.70
CA LEU B 552 41.01 -19.52 -10.94
C LEU B 552 40.80 -19.71 -9.44
N CYS B 553 39.57 -19.53 -8.96
CA CYS B 553 39.34 -19.70 -7.54
C CYS B 553 39.31 -21.17 -7.12
N THR B 554 38.83 -22.07 -8.00
CA THR B 554 38.90 -23.48 -7.61
C THR B 554 40.32 -24.02 -7.71
N VAL B 555 41.16 -23.51 -8.61
CA VAL B 555 42.55 -23.96 -8.59
C VAL B 555 43.31 -23.30 -7.44
N ARG B 556 42.84 -22.14 -6.96
CA ARG B 556 43.46 -21.52 -5.79
C ARG B 556 43.14 -22.29 -4.53
N THR B 557 41.88 -22.69 -4.34
CA THR B 557 41.58 -23.53 -3.18
C THR B 557 42.07 -24.96 -3.36
N TRP B 558 42.43 -25.34 -4.58
CA TRP B 558 43.13 -26.60 -4.79
C TRP B 558 44.56 -26.52 -4.30
N ILE B 559 45.25 -25.41 -4.58
CA ILE B 559 46.67 -25.36 -4.26
C ILE B 559 46.91 -24.98 -2.80
N LEU B 560 46.02 -24.16 -2.21
CA LEU B 560 46.31 -23.59 -0.89
C LEU B 560 46.20 -24.62 0.21
N THR B 561 45.21 -25.51 0.12
CA THR B 561 45.06 -26.52 1.15
C THR B 561 46.14 -27.59 1.06
N VAL B 562 46.69 -27.84 -0.13
CA VAL B 562 47.81 -28.77 -0.26
C VAL B 562 49.08 -28.16 0.32
N GLY B 563 49.31 -26.86 0.03
CA GLY B 563 50.45 -26.18 0.61
C GLY B 563 50.39 -26.04 2.11
N TYR B 564 49.18 -25.96 2.67
CA TYR B 564 49.05 -26.01 4.12
C TYR B 564 49.27 -27.42 4.66
N THR B 565 48.66 -28.42 4.02
CA THR B 565 48.63 -29.77 4.54
C THR B 565 50.01 -30.42 4.55
N THR B 566 50.82 -30.19 3.51
CA THR B 566 52.14 -30.80 3.45
C THR B 566 53.04 -30.33 4.59
N ALA B 567 53.13 -29.00 4.77
CA ALA B 567 53.99 -28.43 5.81
C ALA B 567 53.47 -28.79 7.20
N PHE B 568 52.16 -28.66 7.42
CA PHE B 568 51.67 -28.92 8.76
C PHE B 568 51.66 -30.41 9.09
N GLY B 569 51.52 -31.27 8.08
CA GLY B 569 51.65 -32.69 8.31
C GLY B 569 53.08 -33.09 8.63
N ALA B 570 54.05 -32.43 7.99
CA ALA B 570 55.46 -32.67 8.32
C ALA B 570 55.75 -32.29 9.76
N MET B 571 55.31 -31.11 10.19
CA MET B 571 55.59 -30.69 11.56
C MET B 571 54.83 -31.54 12.58
N PHE B 572 53.59 -31.91 12.27
CA PHE B 572 52.81 -32.73 13.18
C PHE B 572 53.37 -34.15 13.27
N ALA B 573 53.89 -34.68 12.17
CA ALA B 573 54.48 -36.02 12.20
C ALA B 573 55.79 -36.02 12.96
N LYS B 574 56.56 -34.93 12.86
CA LYS B 574 57.79 -34.80 13.64
C LYS B 574 57.48 -34.79 15.13
N THR B 575 56.50 -33.98 15.55
CA THR B 575 56.13 -33.92 16.96
C THR B 575 55.53 -35.23 17.45
N TRP B 576 54.78 -35.92 16.58
CA TRP B 576 54.18 -37.20 16.95
C TRP B 576 55.23 -38.27 17.15
N ARG B 577 56.27 -38.29 16.29
CA ARG B 577 57.32 -39.29 16.48
C ARG B 577 58.19 -38.95 17.69
N VAL B 578 58.34 -37.66 18.01
CA VAL B 578 59.02 -37.27 19.25
C VAL B 578 58.27 -37.82 20.46
N HIS B 579 56.95 -37.66 20.47
CA HIS B 579 56.14 -38.16 21.58
C HIS B 579 56.15 -39.68 21.64
N ALA B 580 56.13 -40.36 20.48
CA ALA B 580 56.11 -41.81 20.48
C ALA B 580 57.44 -42.41 20.91
N ILE B 581 58.56 -41.78 20.55
CA ILE B 581 59.85 -42.26 21.03
C ILE B 581 60.02 -41.96 22.52
N PHE B 582 59.49 -40.83 22.99
CA PHE B 582 59.58 -40.51 24.41
C PHE B 582 58.72 -41.45 25.25
N LYS B 583 57.60 -41.92 24.71
CA LYS B 583 56.67 -42.70 25.52
C LYS B 583 57.20 -44.09 25.83
N ASN B 584 57.82 -44.75 24.85
CA ASN B 584 58.27 -46.11 25.04
C ASN B 584 59.47 -46.17 25.99
N VAL B 585 59.17 -46.38 27.27
CA VAL B 585 60.18 -46.47 28.31
C VAL B 585 59.99 -47.78 29.07
N LYS B 596 58.62 -46.29 7.51
CA LYS B 596 58.78 -45.60 8.79
C LYS B 596 57.93 -44.32 8.82
N LEU B 597 58.47 -43.25 8.28
CA LEU B 597 57.76 -41.98 8.17
C LEU B 597 57.03 -41.93 6.82
N LEU B 598 56.57 -40.75 6.42
CA LEU B 598 56.12 -40.37 5.08
C LEU B 598 54.78 -40.99 4.69
N VAL B 599 54.22 -41.89 5.51
CA VAL B 599 52.86 -42.36 5.28
C VAL B 599 51.83 -41.48 5.99
N ILE B 600 52.26 -40.67 6.96
CA ILE B 600 51.33 -39.80 7.67
C ILE B 600 50.87 -38.68 6.75
N VAL B 601 51.83 -37.98 6.12
CA VAL B 601 51.49 -36.95 5.16
C VAL B 601 50.85 -37.56 3.92
N GLY B 602 51.13 -38.83 3.61
CA GLY B 602 50.46 -39.48 2.50
C GLY B 602 48.99 -39.72 2.78
N GLY B 603 48.67 -40.17 4.00
CA GLY B 603 47.27 -40.34 4.36
C GLY B 603 46.52 -39.03 4.48
N MET B 604 47.18 -38.00 5.01
CA MET B 604 46.53 -36.70 5.14
C MET B 604 46.31 -36.06 3.77
N LEU B 605 47.29 -36.19 2.86
CA LEU B 605 47.09 -35.74 1.49
C LEU B 605 46.02 -36.54 0.78
N LEU B 606 45.88 -37.83 1.10
CA LEU B 606 44.82 -38.64 0.51
C LEU B 606 43.45 -38.16 0.97
N ILE B 607 43.30 -37.87 2.26
CA ILE B 607 42.04 -37.37 2.80
C ILE B 607 41.67 -36.02 2.17
N ASP B 608 42.65 -35.12 2.06
CA ASP B 608 42.34 -33.81 1.51
C ASP B 608 42.14 -33.83 0.00
N LEU B 609 42.83 -34.71 -0.73
CA LEU B 609 42.52 -34.83 -2.15
C LEU B 609 41.15 -35.46 -2.36
N CYS B 610 40.74 -36.34 -1.45
CA CYS B 610 39.39 -36.91 -1.53
C CYS B 610 38.32 -35.85 -1.30
N ILE B 611 38.51 -35.01 -0.28
CA ILE B 611 37.52 -33.95 -0.05
C ILE B 611 37.59 -32.89 -1.14
N LEU B 612 38.73 -32.74 -1.82
CA LEU B 612 38.80 -31.79 -2.93
C LEU B 612 38.14 -32.32 -4.18
N ILE B 613 38.26 -33.62 -4.48
CA ILE B 613 37.56 -34.11 -5.66
C ILE B 613 36.07 -34.24 -5.38
N CYS B 614 35.69 -34.48 -4.12
CA CYS B 614 34.28 -34.40 -3.77
C CYS B 614 33.75 -32.98 -3.82
N TRP B 615 34.60 -31.99 -3.57
CA TRP B 615 34.23 -30.60 -3.81
C TRP B 615 34.03 -30.35 -5.30
N GLN B 616 34.99 -30.76 -6.13
CA GLN B 616 34.99 -30.37 -7.53
C GLN B 616 33.92 -31.11 -8.33
N ALA B 617 33.60 -32.35 -7.93
CA ALA B 617 32.71 -33.16 -8.74
C ALA B 617 31.23 -32.86 -8.51
N VAL B 618 30.86 -32.33 -7.35
CA VAL B 618 29.45 -32.21 -6.97
C VAL B 618 28.96 -30.77 -7.08
N ASP B 619 29.52 -29.87 -6.27
CA ASP B 619 29.08 -28.47 -6.23
C ASP B 619 30.32 -27.59 -6.41
N PRO B 620 30.75 -27.38 -7.65
CA PRO B 620 31.95 -26.59 -7.89
C PRO B 620 31.71 -25.11 -7.63
N LEU B 621 32.78 -24.43 -7.24
CA LEU B 621 32.71 -22.99 -7.01
C LEU B 621 32.61 -22.25 -8.32
N ARG B 622 31.67 -21.31 -8.40
CA ARG B 622 31.44 -20.51 -9.59
C ARG B 622 31.33 -19.04 -9.21
N ARG B 623 31.21 -18.20 -10.23
CA ARG B 623 31.15 -16.76 -10.01
C ARG B 623 29.77 -16.34 -9.54
N THR B 624 29.72 -15.48 -8.52
CA THR B 624 28.46 -14.98 -8.00
C THR B 624 28.65 -13.53 -7.58
N VAL B 625 27.77 -12.66 -8.06
CA VAL B 625 27.87 -11.22 -7.82
C VAL B 625 26.90 -10.82 -6.72
N GLU B 626 27.34 -9.94 -5.82
CA GLU B 626 26.44 -9.30 -4.87
C GLU B 626 26.36 -7.82 -5.19
N LYS B 627 25.19 -7.23 -4.91
CA LYS B 627 24.88 -5.86 -5.27
C LYS B 627 24.44 -5.09 -4.03
N TYR B 628 24.83 -3.82 -3.97
CA TYR B 628 24.39 -2.95 -2.90
C TYR B 628 23.13 -2.21 -3.34
N SER B 629 22.70 -1.23 -2.56
CA SER B 629 21.39 -0.60 -2.74
C SER B 629 21.50 0.78 -3.37
N MET B 630 22.53 0.99 -4.19
CA MET B 630 22.71 2.19 -5.03
C MET B 630 22.80 3.46 -4.18
N GLU B 631 23.69 3.43 -3.20
CA GLU B 631 23.74 4.48 -2.19
C GLU B 631 24.43 5.78 -2.60
N PRO B 632 25.70 5.82 -3.05
CA PRO B 632 26.40 7.11 -3.11
C PRO B 632 26.28 7.84 -4.43
N ASP B 633 26.59 9.13 -4.37
CA ASP B 633 26.67 10.00 -5.56
C ASP B 633 27.89 10.89 -5.43
N PRO B 634 29.09 10.38 -5.79
CA PRO B 634 30.31 11.12 -5.49
C PRO B 634 30.87 11.97 -6.62
N ALA B 635 30.32 11.83 -7.83
CA ALA B 635 30.94 12.44 -8.99
C ALA B 635 30.52 13.89 -9.17
N GLY B 636 29.22 14.17 -9.05
CA GLY B 636 28.69 15.47 -9.36
C GLY B 636 28.02 15.58 -10.71
N ARG B 637 28.12 14.53 -11.53
CA ARG B 637 27.45 14.47 -12.83
C ARG B 637 26.00 14.00 -12.74
N ASP B 638 25.48 13.88 -11.50
CA ASP B 638 24.05 13.69 -11.20
C ASP B 638 23.54 12.37 -11.75
N ILE B 639 24.30 11.30 -11.49
CA ILE B 639 23.87 9.94 -11.75
C ILE B 639 24.15 9.10 -10.51
N SER B 640 23.42 8.01 -10.37
CA SER B 640 23.56 7.11 -9.23
C SER B 640 24.42 5.91 -9.62
N ILE B 641 25.27 5.49 -8.69
CA ILE B 641 26.12 4.32 -8.91
C ILE B 641 25.71 3.23 -7.94
N ARG B 642 25.85 1.98 -8.40
CA ARG B 642 25.34 0.80 -7.72
C ARG B 642 26.49 -0.17 -7.49
N PRO B 643 27.28 0.02 -6.42
CA PRO B 643 28.53 -0.75 -6.28
C PRO B 643 28.29 -2.23 -6.01
N LEU B 644 29.11 -3.05 -6.65
CA LEU B 644 28.88 -4.49 -6.74
C LEU B 644 30.19 -5.24 -6.58
N LEU B 645 30.11 -6.45 -6.03
CA LEU B 645 31.29 -7.26 -5.75
C LEU B 645 31.15 -8.65 -6.35
N GLU B 646 32.29 -9.30 -6.53
CA GLU B 646 32.38 -10.65 -7.03
C GLU B 646 32.80 -11.60 -5.92
N HIS B 647 32.31 -12.84 -5.98
CA HIS B 647 32.66 -13.87 -5.02
C HIS B 647 32.68 -15.21 -5.73
N CYS B 648 33.41 -16.17 -5.15
CA CYS B 648 33.42 -17.55 -5.62
C CYS B 648 32.75 -18.41 -4.59
N GLU B 649 31.42 -18.49 -4.66
CA GLU B 649 30.59 -19.24 -3.72
C GLU B 649 29.20 -19.42 -4.32
N ASN B 650 28.70 -20.65 -4.38
CA ASN B 650 27.43 -20.81 -5.08
C ASN B 650 26.37 -21.70 -4.44
N THR B 651 26.71 -22.69 -3.62
CA THR B 651 25.70 -23.69 -3.24
C THR B 651 25.33 -23.65 -1.76
N HIS B 652 26.27 -23.92 -0.86
CA HIS B 652 25.83 -23.95 0.52
C HIS B 652 26.71 -23.14 1.46
N MET B 653 28.04 -23.23 1.33
CA MET B 653 29.05 -22.35 1.91
C MET B 653 29.06 -22.28 3.43
N THR B 654 28.27 -23.09 4.11
CA THR B 654 28.34 -23.27 5.55
C THR B 654 28.51 -24.76 5.82
N ILE B 655 28.65 -25.51 4.74
CA ILE B 655 28.94 -26.94 4.80
C ILE B 655 30.39 -27.23 4.42
N TRP B 656 30.76 -26.94 3.18
CA TRP B 656 32.10 -27.24 2.69
C TRP B 656 33.13 -26.18 3.05
N LEU B 657 32.81 -25.27 3.95
CA LEU B 657 33.81 -24.43 4.57
C LEU B 657 33.90 -24.70 6.07
N GLY B 658 32.77 -25.01 6.71
CA GLY B 658 32.78 -25.32 8.12
C GLY B 658 33.47 -26.64 8.43
N ILE B 659 33.29 -27.64 7.56
CA ILE B 659 33.93 -28.94 7.75
C ILE B 659 35.44 -28.82 7.61
N VAL B 660 35.89 -28.11 6.58
CA VAL B 660 37.32 -27.94 6.34
C VAL B 660 37.96 -27.13 7.45
N TYR B 661 37.32 -26.05 7.87
CA TYR B 661 37.86 -25.21 8.93
C TYR B 661 37.88 -25.94 10.27
N ALA B 662 36.87 -26.78 10.53
CA ALA B 662 36.83 -27.51 11.79
C ALA B 662 37.87 -28.62 11.83
N TYR B 663 38.03 -29.34 10.72
CA TYR B 663 39.04 -30.40 10.66
C TYR B 663 40.44 -29.83 10.80
N LYS B 664 40.73 -28.73 10.12
CA LYS B 664 42.04 -28.10 10.24
C LYS B 664 42.27 -27.52 11.64
N GLY B 665 41.22 -26.97 12.27
CA GLY B 665 41.39 -26.45 13.61
C GLY B 665 41.63 -27.53 14.65
N LEU B 666 40.94 -28.66 14.51
CA LEU B 666 41.14 -29.76 15.45
C LEU B 666 42.53 -30.38 15.29
N LEU B 667 42.98 -30.54 14.04
CA LEU B 667 44.33 -31.06 13.81
C LEU B 667 45.39 -30.09 14.34
N MET B 668 45.16 -28.79 14.15
CA MET B 668 46.04 -27.77 14.72
C MET B 668 46.12 -27.87 16.23
N LEU B 669 44.98 -27.98 16.90
CA LEU B 669 45.00 -27.93 18.35
C LEU B 669 45.58 -29.20 18.94
N PHE B 670 45.38 -30.34 18.26
CA PHE B 670 46.04 -31.58 18.67
C PHE B 670 47.55 -31.48 18.52
N GLY B 671 48.02 -30.92 17.41
CA GLY B 671 49.45 -30.75 17.23
C GLY B 671 50.06 -29.76 18.22
N CYS B 672 49.33 -28.70 18.55
CA CYS B 672 49.83 -27.72 19.51
C CYS B 672 49.91 -28.30 20.91
N PHE B 673 48.92 -29.12 21.30
CA PHE B 673 48.98 -29.74 22.61
C PHE B 673 50.08 -30.79 22.67
N LEU B 674 50.29 -31.54 21.58
CA LEU B 674 51.39 -32.51 21.56
C LEU B 674 52.75 -31.82 21.62
N ALA B 675 52.86 -30.64 21.00
CA ALA B 675 54.12 -29.91 21.09
C ALA B 675 54.31 -29.31 22.48
N TRP B 676 53.23 -28.96 23.17
CA TRP B 676 53.40 -28.49 24.54
C TRP B 676 53.72 -29.62 25.50
N GLU B 677 53.22 -30.83 25.23
CA GLU B 677 53.39 -31.95 26.16
C GLU B 677 54.85 -32.35 26.28
N THR B 678 55.60 -32.27 25.19
CA THR B 678 57.04 -32.45 25.29
C THR B 678 57.70 -31.24 25.92
N ARG B 679 57.42 -30.05 25.36
CA ARG B 679 58.10 -28.76 25.60
C ARG B 679 59.61 -28.93 25.78
N ASN B 680 60.21 -29.52 24.75
CA ASN B 680 61.67 -29.68 24.60
C ASN B 680 62.30 -30.51 25.72
N VAL B 681 61.94 -31.80 25.78
CA VAL B 681 62.79 -32.81 26.40
C VAL B 681 62.96 -33.97 25.42
N SER B 682 63.94 -33.84 24.51
CA SER B 682 64.52 -34.93 23.75
C SER B 682 65.83 -34.50 23.10
N ILE B 683 66.96 -35.05 23.56
CA ILE B 683 68.23 -34.78 22.90
C ILE B 683 68.50 -35.61 21.63
N PRO B 684 68.54 -36.98 21.67
CA PRO B 684 69.48 -37.68 20.79
C PRO B 684 69.10 -37.85 19.32
N ALA B 685 67.83 -38.14 19.01
CA ALA B 685 67.47 -38.55 17.66
C ALA B 685 67.33 -37.36 16.73
N LEU B 686 66.41 -36.45 17.05
CA LEU B 686 66.22 -35.22 16.29
C LEU B 686 66.84 -34.08 17.05
N ASN B 687 67.75 -33.35 16.40
CA ASN B 687 68.41 -32.23 17.05
C ASN B 687 67.46 -31.05 17.23
N ASP B 688 66.59 -30.82 16.25
CA ASP B 688 65.64 -29.72 16.33
C ASP B 688 64.21 -30.25 16.48
N SER B 689 63.84 -30.46 17.73
CA SER B 689 62.43 -30.59 18.08
C SER B 689 61.91 -29.33 18.75
N LYS B 690 62.84 -28.56 19.33
CA LYS B 690 62.50 -27.34 20.07
C LYS B 690 61.86 -26.31 19.17
N TYR B 691 62.57 -25.91 18.12
CA TYR B 691 62.03 -24.90 17.23
C TYR B 691 60.97 -25.46 16.30
N ILE B 692 60.88 -26.78 16.14
CA ILE B 692 59.77 -27.37 15.40
C ILE B 692 58.47 -27.21 16.19
N GLY B 693 58.50 -27.53 17.49
CA GLY B 693 57.33 -27.26 18.31
C GLY B 693 57.03 -25.78 18.45
N MET B 694 58.07 -24.96 18.49
CA MET B 694 57.90 -23.51 18.43
C MET B 694 57.22 -23.08 17.13
N SER B 695 57.56 -23.72 16.02
CA SER B 695 56.94 -23.38 14.74
C SER B 695 55.48 -23.83 14.67
N VAL B 696 55.14 -24.93 15.33
CA VAL B 696 53.74 -25.34 15.39
C VAL B 696 52.92 -24.35 16.21
N TYR B 697 53.56 -24.15 17.36
CA TYR B 697 52.81 -23.12 18.07
C TYR B 697 52.58 -21.89 17.19
N ASN B 698 53.66 -21.36 16.62
CA ASN B 698 53.57 -20.20 15.76
C ASN B 698 52.42 -20.31 14.78
N VAL B 699 52.44 -21.34 13.92
CA VAL B 699 51.60 -21.42 12.74
C VAL B 699 50.13 -21.56 13.12
N GLY B 700 49.84 -21.99 14.36
CA GLY B 700 48.44 -22.02 14.75
C GLY B 700 47.71 -20.70 14.93
N ILE B 701 48.25 -19.84 15.79
CA ILE B 701 47.49 -18.71 16.33
C ILE B 701 47.29 -17.63 15.28
N MET B 702 48.30 -17.41 14.43
CA MET B 702 48.17 -16.37 13.43
C MET B 702 47.30 -16.84 12.27
N CYS B 703 47.26 -18.16 12.01
CA CYS B 703 46.30 -18.68 11.04
C CYS B 703 44.87 -18.53 11.54
N ILE B 704 44.68 -18.71 12.86
CA ILE B 704 43.37 -18.46 13.47
C ILE B 704 42.94 -17.01 13.31
N ILE B 705 43.85 -16.07 13.60
CA ILE B 705 43.44 -14.67 13.54
C ILE B 705 43.29 -14.22 12.07
N GLY B 706 44.01 -14.87 11.15
CA GLY B 706 43.82 -14.58 9.74
C GLY B 706 42.45 -15.02 9.24
N ALA B 707 42.03 -16.23 9.61
CA ALA B 707 40.71 -16.71 9.21
C ALA B 707 39.60 -15.91 9.87
N ALA B 708 39.82 -15.48 11.12
CA ALA B 708 38.80 -14.68 11.82
C ALA B 708 38.64 -13.30 11.19
N VAL B 709 39.76 -12.66 10.81
CA VAL B 709 39.66 -11.33 10.20
C VAL B 709 39.12 -11.46 8.78
N SER B 710 39.37 -12.60 8.12
CA SER B 710 38.72 -12.87 6.83
C SER B 710 37.21 -13.01 6.97
N PHE B 711 36.75 -13.61 8.07
CA PHE B 711 35.32 -13.61 8.35
C PHE B 711 34.81 -12.22 8.72
N LEU B 712 35.67 -11.37 9.26
CA LEU B 712 35.19 -10.10 9.79
C LEU B 712 34.86 -9.11 8.68
N THR B 713 35.85 -8.77 7.85
CA THR B 713 35.67 -7.78 6.79
C THR B 713 35.45 -8.48 5.45
N ARG B 714 34.26 -9.06 5.31
CA ARG B 714 33.88 -9.82 4.08
C ARG B 714 33.19 -8.89 3.08
N ASP B 715 33.33 -7.56 3.24
CA ASP B 715 32.68 -6.67 2.29
C ASP B 715 33.69 -5.73 1.64
N GLN B 716 34.66 -5.25 2.41
CA GLN B 716 35.58 -4.25 1.91
C GLN B 716 36.79 -4.93 1.29
N PRO B 717 37.07 -4.73 0.01
CA PRO B 717 38.36 -5.11 -0.54
C PRO B 717 39.88 -5.04 -0.63
N ASN B 718 40.41 -3.84 -0.34
CA ASN B 718 41.82 -3.46 -0.38
C ASN B 718 42.31 -3.99 0.97
N VAL B 719 41.68 -3.60 2.08
CA VAL B 719 41.97 -4.18 3.38
C VAL B 719 42.10 -5.65 3.75
N GLN B 720 41.13 -6.47 3.36
CA GLN B 720 41.18 -7.88 3.72
C GLN B 720 42.20 -8.64 2.88
N PHE B 721 42.40 -8.23 1.63
CA PHE B 721 43.45 -8.81 0.81
C PHE B 721 44.83 -8.48 1.37
N CYS B 722 45.01 -7.23 1.80
CA CYS B 722 46.28 -6.81 2.39
C CYS B 722 46.56 -7.51 3.70
N ILE B 723 45.55 -7.68 4.54
CA ILE B 723 45.82 -8.29 5.83
C ILE B 723 45.98 -9.80 5.72
N VAL B 724 45.30 -10.45 4.76
CA VAL B 724 45.53 -11.87 4.51
C VAL B 724 46.92 -12.08 3.93
N ALA B 725 47.36 -11.16 3.06
CA ALA B 725 48.70 -11.25 2.49
C ALA B 725 49.79 -11.05 3.55
N LEU B 726 49.59 -10.10 4.46
CA LEU B 726 50.57 -9.89 5.53
C LEU B 726 50.63 -11.08 6.49
N VAL B 727 49.46 -11.63 6.84
CA VAL B 727 49.42 -12.79 7.73
C VAL B 727 50.09 -13.99 7.07
N ILE B 728 49.88 -14.19 5.77
CA ILE B 728 50.47 -15.36 5.15
C ILE B 728 51.97 -15.17 4.90
N ILE B 729 52.45 -13.95 4.64
CA ILE B 729 53.89 -13.83 4.43
C ILE B 729 54.63 -13.91 5.76
N PHE B 730 54.02 -13.43 6.84
CA PHE B 730 54.63 -13.59 8.16
C PHE B 730 54.63 -15.05 8.58
N CYS B 731 53.50 -15.74 8.36
CA CYS B 731 53.35 -17.13 8.76
C CYS B 731 54.25 -18.06 7.95
N SER B 732 54.57 -17.68 6.72
CA SER B 732 55.47 -18.52 5.95
C SER B 732 56.92 -18.08 6.04
N THR B 733 57.21 -16.87 6.54
CA THR B 733 58.62 -16.52 6.66
C THR B 733 59.18 -16.73 8.05
N ILE B 734 58.33 -16.88 9.07
CA ILE B 734 58.89 -17.14 10.40
C ILE B 734 59.21 -18.62 10.55
N THR B 735 58.32 -19.49 10.10
CA THR B 735 58.54 -20.92 10.22
C THR B 735 59.63 -21.44 9.29
N LEU B 736 59.93 -20.73 8.22
CA LEU B 736 61.11 -21.05 7.43
C LEU B 736 62.38 -20.49 8.04
N CYS B 737 62.28 -19.48 8.90
CA CYS B 737 63.44 -19.03 9.64
C CYS B 737 63.78 -20.00 10.77
N LEU B 738 62.78 -20.40 11.54
CA LEU B 738 63.03 -21.15 12.77
C LEU B 738 63.52 -22.57 12.53
N VAL B 739 63.39 -23.09 11.31
CA VAL B 739 63.94 -24.41 11.02
C VAL B 739 65.40 -24.32 10.58
N PHE B 740 65.73 -23.36 9.71
CA PHE B 740 67.01 -23.37 9.03
C PHE B 740 67.99 -22.31 9.49
N VAL B 741 67.58 -21.37 10.35
CA VAL B 741 68.53 -20.39 10.87
C VAL B 741 69.58 -20.97 11.82
N PRO B 742 69.39 -22.11 12.60
CA PRO B 742 70.56 -22.59 13.35
C PRO B 742 71.52 -23.34 12.47
N LYS B 743 71.01 -23.81 11.33
CA LYS B 743 71.83 -24.55 10.38
C LYS B 743 72.95 -23.68 9.83
N LEU B 744 72.64 -22.42 9.51
CA LEU B 744 73.65 -21.52 8.97
C LEU B 744 74.70 -21.17 10.02
N ILE B 745 74.27 -20.92 11.26
CA ILE B 745 75.19 -20.49 12.30
C ILE B 745 76.11 -21.63 12.72
N THR B 746 75.59 -22.85 12.78
CA THR B 746 76.44 -23.97 13.15
C THR B 746 77.26 -24.51 11.99
N LEU B 747 76.80 -24.33 10.74
CA LEU B 747 77.51 -24.88 9.60
C LEU B 747 78.50 -23.89 9.00
N ARG B 748 78.39 -22.61 9.31
CA ARG B 748 79.46 -21.69 8.96
C ARG B 748 80.56 -21.69 10.02
N THR B 749 80.21 -21.95 11.27
CA THR B 749 81.19 -22.03 12.35
C THR B 749 81.74 -23.44 12.48
O1 2BV C . -34.49 9.12 -8.69
P 2BV C . -35.17 9.11 -9.99
O2 2BV C . -35.32 10.63 -10.43
C12 2BV C . -34.23 8.15 -11.22
C13 2BV C . -35.00 7.93 -12.53
C18 2BV C . -34.60 8.92 -13.64
C17 2BV C . -34.14 8.32 -14.99
C16 2BV C . -34.93 7.10 -15.47
C15 2BV C . -35.43 6.15 -14.36
C14 2BV C . -34.89 6.46 -12.97
C11 2BV C . -36.84 8.42 -9.79
C10 2BV C . -36.82 7.05 -9.09
O3 2BV C . -36.27 7.12 -7.75
C9 2BV C . -38.26 6.53 -8.98
N 2BV C . -38.31 5.24 -8.30
C2 2BV C . -37.43 4.12 -8.61
C1 2BV C . -37.64 2.89 -7.74
C3 2BV C . -37.37 3.75 -10.05
C8 2BV C . -36.11 3.48 -10.61
C7 2BV C . -35.97 3.15 -11.95
C6 2BV C . -37.10 3.03 -12.75
CL1 2BV C . -37.04 2.58 -14.49
C5 2BV C . -38.43 3.31 -12.14
CL2 2BV C . -39.85 3.21 -13.22
C4 2BV C . -38.55 3.67 -10.81
C10 UNL D . 24.00 -33.04 27.92
C11 UNL D . 23.01 -33.63 26.92
C12 UNL D . 23.00 -32.87 25.60
C13 UNL D . 21.70 -32.10 25.39
C14 UNL D . 21.55 -30.93 26.35
C15 UNL D . 20.12 -30.41 26.39
C16 UNL D . 20.06 -28.89 26.44
C03 UNL D . 27.36 -36.88 33.58
C04 UNL D . 26.49 -37.08 32.35
C05 UNL D . 25.63 -35.86 32.06
C06 UNL D . 25.58 -35.53 30.57
C07 UNL D . 24.27 -35.96 29.93
C08 UNL D . 23.36 -34.79 29.57
C09 UNL D . 24.16 -33.56 29.12
C17 UNL D . 19.55 -28.29 25.14
C18 UNL D . 18.03 -28.18 25.14
C21 UNL D . 17.40 -25.99 25.72
C22 UNL D . 17.12 -25.19 26.98
C24 UNL D . 17.10 -25.59 29.31
C26 UNL D . 18.29 -24.65 29.59
C27 UNL D . 19.63 -25.40 29.68
C28 UNL D . 20.67 -24.75 28.75
C29 UNL D . 22.04 -25.43 28.84
C30 UNL D . 22.16 -26.66 28.42
C31 UNL D . 23.50 -27.36 28.48
C32 UNL D . 24.46 -26.79 29.52
C33 UNL D . 25.37 -27.54 30.10
C34 UNL D . 25.52 -29.02 29.75
C35 UNL D . 26.56 -29.27 28.66
C36 UNL D . 26.58 -30.42 28.03
C37 UNL D . 27.62 -30.67 26.93
C38 UNL D . 27.40 -32.00 26.22
C39 UNL D . 28.03 -32.31 25.10
C40 UNL D . 29.03 -31.35 24.46
C45 UNL D . 16.30 -25.70 24.73
C51 UNL D . 12.06 -27.72 25.82
C52 UNL D . 11.04 -28.82 25.51
N53 UNL D . 10.17 -29.00 26.65
O19 UNL D . 17.41 -28.81 24.34
O20 UNL D . 17.37 -27.36 26.05
O23 UNL D . 16.93 -26.10 28.02
O25 UNL D . 16.33 -25.86 30.17
O46 UNL D . 15.26 -26.59 25.00
O48 UNL D . 13.73 -25.43 23.31
O49 UNL D . 13.29 -25.12 25.73
O50 UNL D . 12.71 -27.38 24.64
P47 UNL D . 13.73 -26.09 24.67
H1 UNL D . 24.48 -32.30 27.68
H2 UNL D . 22.13 -33.62 27.30
H3 UNL D . 23.26 -34.55 26.74
H4 UNL D . 23.73 -32.25 25.59
H5 UNL D . 23.10 -33.50 24.87
H6 UNL D . 21.68 -31.76 24.48
H7 UNL D . 20.95 -32.70 25.51
H8 UNL D . 21.81 -31.22 27.24
H9 UNL D . 22.14 -30.21 26.07
H10 UNL D . 19.68 -30.77 27.19
H11 UNL D . 19.64 -30.72 25.61
H12 UNL D . 20.96 -28.54 26.60
H13 UNL D . 19.49 -28.62 27.18
H19 UNL D . 28.06 -36.23 33.38
H20 UNL D . 26.81 -36.55 34.31
H21 UNL D . 27.07 -37.26 31.59
H22 UNL D . 25.91 -37.85 32.49
H23 UNL D . 24.73 -36.02 32.40
H24 UNL D . 26.00 -35.10 32.54
H25 UNL D . 26.30 -36.02 30.13
H26 UNL D . 25.77 -34.60 30.49
H27 UNL D . 23.79 -36.56 30.53
H28 UNL D . 24.47 -36.45 29.11
H29 UNL D . 22.88 -34.51 30.36
H30 UNL D . 22.79 -35.05 28.85
H31 UNL D . 24.75 -33.15 29.69
H32 UNL D . 19.92 -27.40 25.03
H33 UNL D . 19.83 -28.84 24.40
H34 UNL D . 18.26 -25.75 25.35
H35 UNL D . 16.34 -24.63 26.88
H36 UNL D . 17.90 -24.62 27.13
H37 UNL D . 18.13 -24.24 30.46
H38 UNL D . 18.35 -23.95 28.93
H39 UNL D . 19.50 -26.32 29.41
H40 UNL D . 19.95 -25.36 30.58
H41 UNL D . 20.35 -24.81 27.84
H42 UNL D . 20.76 -23.82 28.99
H43 UNL D . 22.75 -24.94 29.17
H44 UNL D . 21.42 -27.10 28.09
H45 UNL D . 23.93 -27.30 27.61
H46 UNL D . 23.31 -28.29 28.67
H47 UNL D . 24.41 -25.90 29.77
H48 UNL D . 25.94 -27.16 30.74
H49 UNL D . 25.84 -29.47 30.56
H50 UNL D . 24.68 -29.42 29.50
H51 UNL D . 27.18 -28.61 28.43
H52 UNL D . 25.97 -31.09 28.26
H53 UNL D . 28.50 -30.67 27.33
H54 UNL D . 27.56 -29.95 26.29
H55 UNL D . 26.79 -32.61 26.57
H56 UNL D . 27.86 -33.12 24.69
H57 UNL D . 29.74 -31.15 25.08
H58 UNL D . 28.58 -30.52 24.21
H68 UNL D . 15.99 -24.79 24.82
H69 UNL D . 16.61 -25.85 23.82
H70 UNL D . 12.69 -28.04 26.47
H71 UNL D . 11.59 -26.94 26.17
H72 UNL D . 11.51 -29.64 25.32
H73 UNL D . 10.51 -28.56 24.74
H74 UNL D . 10.48 -29.66 27.16
H75 UNL D . 9.34 -29.20 26.37
C1 CLR E . 41.66 -49.43 21.79
C2 CLR E . 42.09 -50.89 21.99
C3 CLR E . 41.63 -51.37 23.36
C4 CLR E . 40.10 -51.30 23.42
C5 CLR E . 39.64 -49.91 23.14
C6 CLR E . 38.80 -49.35 23.99
C7 CLR E . 38.32 -47.94 23.84
C8 CLR E . 38.34 -47.59 22.37
C9 CLR E . 39.78 -47.75 21.86
C10 CLR E . 40.14 -49.27 21.86
C11 CLR E . 40.08 -47.04 20.50
C12 CLR E . 39.45 -45.67 20.35
C13 CLR E . 37.95 -45.73 20.67
C14 CLR E . 37.84 -46.16 22.16
C15 CLR E . 36.38 -45.89 22.48
C16 CLR E . 36.07 -44.59 21.74
C17 CLR E . 37.20 -44.35 20.71
C18 CLR E . 37.21 -46.72 19.74
C19 CLR E . 39.49 -50.02 20.66
C20 CLR E . 36.63 -43.84 19.33
C21 CLR E . 37.76 -43.67 18.32
C22 CLR E . 35.84 -42.52 19.40
C23 CLR E . 34.87 -42.48 18.22
C24 CLR E . 34.55 -41.06 17.83
C25 CLR E . 33.76 -41.05 16.51
C26 CLR E . 33.00 -39.74 16.38
C27 CLR E . 34.71 -41.22 15.33
O1 CLR E . 42.06 -52.70 23.48
C1 CLR F . 47.48 -27.70 36.53
C2 CLR F . 47.76 -28.38 37.88
C3 CLR F . 47.29 -27.48 39.01
C4 CLR F . 45.79 -27.26 38.89
C5 CLR F . 45.47 -26.68 37.55
C6 CLR F . 44.72 -25.59 37.51
C7 CLR F . 44.38 -24.89 36.24
C8 CLR F . 44.38 -25.91 35.12
C9 CLR F . 45.78 -26.55 35.06
C10 CLR F . 45.99 -27.43 36.35
C11 CLR F . 46.12 -27.30 33.73
C12 CLR F . 45.62 -26.59 32.47
C13 CLR F . 44.14 -26.24 32.60
C14 CLR F . 44.03 -25.24 33.79
C15 CLR F . 42.62 -24.71 33.66
C16 CLR F . 42.43 -24.57 32.14
C17 CLR F . 43.53 -25.38 31.43
C18 CLR F . 43.26 -27.51 32.84
C19 CLR F . 45.22 -28.77 36.25
C20 CLR F . 42.98 -26.19 30.19
C21 CLR F . 44.10 -27.02 29.57
C22 CLR F . 42.34 -25.33 29.11
C23 CLR F . 41.34 -26.19 28.34
C24 CLR F . 41.16 -25.70 26.91
C25 CLR F . 40.33 -26.71 26.12
C26 CLR F . 39.72 -26.03 24.91
C27 CLR F . 41.22 -27.88 25.65
O1 CLR F . 47.58 -28.16 40.20
C1 CLR G . 22.75 -25.16 14.94
C2 CLR G . 21.85 -24.54 13.87
C3 CLR G . 21.96 -23.02 13.93
C4 CLR G . 23.42 -22.62 13.66
C5 CLR G . 24.33 -23.29 14.64
C6 CLR G . 25.20 -22.54 15.29
C7 CLR G . 26.11 -23.09 16.33
C8 CLR G . 26.39 -24.54 16.00
C9 CLR G . 25.04 -25.29 15.98
C10 CLR G . 24.23 -24.79 14.74
C11 CLR G . 25.16 -26.84 16.07
C12 CLR G . 26.21 -27.34 17.06
C13 CLR G . 27.56 -26.67 16.79
C14 CLR G . 27.34 -25.15 17.03
C15 CLR G . 28.75 -24.60 17.07
C16 CLR G . 29.55 -25.69 17.79
C17 CLR G . 28.70 -26.97 17.82
C18 CLR G . 28.06 -26.95 15.34
C19 CLR G . 24.74 -25.40 13.41
C20 CLR G . 29.56 -28.27 17.52
C21 CLR G . 28.67 -29.50 17.50
C22 CLR G . 30.71 -28.50 18.51
C23 CLR G . 31.79 -29.33 17.80
C24 CLR G . 32.58 -30.16 18.80
C25 CLR G . 33.48 -31.13 18.04
C26 CLR G . 34.63 -31.57 18.94
C27 CLR G . 32.69 -32.36 17.59
O1 CLR G . 21.13 -22.52 12.94
C1 CLR H . 27.61 -15.57 14.01
C2 CLR H . 26.54 -14.53 13.65
C3 CLR H . 25.24 -15.25 13.28
C4 CLR H . 24.77 -16.06 14.48
C5 CLR H . 25.83 -17.01 14.92
C6 CLR H . 25.50 -18.29 15.08
C7 CLR H . 26.49 -19.33 15.45
C8 CLR H . 27.60 -18.68 16.25
C9 CLR H . 28.24 -17.59 15.39
C10 CLR H . 27.19 -16.43 15.20
C11 CLR H . 29.64 -17.09 15.86
C12 CLR H . 30.56 -18.20 16.37
C13 CLR H . 29.85 -19.06 17.41
C14 CLR H . 28.64 -19.72 16.68
C15 CLR H . 28.18 -20.78 17.66
C16 CLR H . 29.48 -21.32 18.25
C17 CLR H . 30.62 -20.34 17.90
C18 CLR H . 29.38 -18.21 18.63
C19 CLR H . 27.08 -15.55 16.47
C20 CLR H . 31.60 -20.10 19.12
C21 CLR H . 32.67 -19.08 18.75
C22 CLR H . 32.29 -21.38 19.62
C23 CLR H . 32.67 -21.17 21.10
C24 CLR H . 33.88 -22.00 21.47
C25 CLR H . 34.37 -21.60 22.86
C26 CLR H . 35.19 -22.74 23.46
C27 CLR H . 35.22 -20.34 22.79
O1 CLR H . 24.31 -14.27 12.96
C1 CLR I . 47.25 -45.88 18.54
C2 CLR I . 48.33 -46.77 17.92
C3 CLR I . 47.71 -47.64 16.83
C4 CLR I . 47.13 -46.72 15.74
C5 CLR I . 46.14 -45.78 16.33
C6 CLR I . 44.95 -45.68 15.77
C7 CLR I . 43.87 -44.82 16.31
C8 CLR I . 44.50 -43.65 17.03
C9 CLR I . 45.38 -44.21 18.15
C10 CLR I . 46.61 -44.94 17.49
C11 CLR I . 45.79 -43.18 19.26
C12 CLR I . 44.67 -42.24 19.67
C13 CLR I . 44.05 -41.57 18.44
C14 CLR I . 43.43 -42.72 17.60
C15 CLR I . 42.58 -41.98 16.58
C16 CLR I . 41.98 -40.82 17.38
C17 CLR I . 42.79 -40.68 18.70
C18 CLR I . 45.11 -40.78 17.62
C19 CLR I . 47.67 -43.94 16.98
C20 CLR I . 43.08 -39.17 19.06
C21 CLR I . 43.92 -39.08 20.33
C22 CLR I . 41.82 -38.32 19.25
C23 CLR I . 42.19 -36.85 18.97
C24 CLR I . 41.30 -35.90 19.73
C25 CLR I . 41.84 -34.47 19.60
C26 CLR I . 40.72 -33.48 19.88
C27 CLR I . 42.98 -34.25 20.59
O1 CLR I . 48.73 -48.42 16.30
C11 UNL J . 43.31 -23.54 6.88
C12 UNL J . 42.90 -24.38 5.64
C13 UNL J . 43.35 -23.71 4.31
C14 UNL J . 42.21 -22.89 3.66
C15 UNL J . 41.49 -23.68 2.53
C16 UNL J . 40.04 -23.16 2.28
C17 UNL J . 39.81 -22.77 0.80
C18 UNL J . 39.29 -21.31 0.66
C19 UNL J . 37.91 -21.26 -0.03
C20 UNL J . 37.23 -19.86 0.10
C23 UNL J . 37.18 -17.58 0.76
C24 UNL J . 38.14 -16.42 0.54
C25 UNL J . 38.20 -16.12 -0.96
C31 UNL J . 37.75 -12.87 -3.85
C32 UNL J . 38.61 -11.78 -3.15
C38 UNL J . 39.64 -16.55 2.36
C40 UNL J . 39.10 -17.54 3.44
C41 UNL J . 40.20 -17.90 4.48
C42 UNL J . 41.39 -18.65 3.81
C43 UNL J . 42.72 -17.86 3.93
C44 UNL J . 42.76 -17.02 5.24
C45 UNL J . 43.24 -17.85 6.46
C46 UNL J . 44.58 -18.60 6.15
C47 UNL J . 45.80 -17.86 6.77
C48 UNL J . 47.04 -18.34 6.61
C07 UNL J . 42.59 -21.98 10.94
C08 UNL J . 42.66 -22.83 9.63
C09 UNL J . 41.99 -22.11 8.45
C10 UNL J . 42.28 -22.43 7.19
C49 UNL J . 47.28 -19.64 5.82
C50 UNL J . 48.03 -20.72 6.68
C51 UNL J . 48.95 -21.62 5.82
C52 UNL J . 50.18 -22.12 6.65
C53 UNL J . 51.53 -21.63 6.06
C54 UNL J . 52.69 -21.78 7.09
N33 UNL J . 38.39 -10.46 -3.81
O21 UNL J . 36.13 -19.70 -0.28
O22 UNL J . 37.94 -18.77 0.68
O26 UNL J . 36.87 -15.96 -1.43
O28 UNL J . 36.15 -13.49 -1.20
O29 UNL J . 35.35 -14.77 -3.15
O30 UNL J . 37.84 -14.06 -3.08
O37 UNL J . 39.41 -16.80 0.98
O39 UNL J . 40.26 -15.59 2.70
P27 UNL J . 36.51 -14.55 -2.21
H1 UNL J . 43.39 -24.15 7.62
H2 UNL J . 44.18 -23.13 6.71
H3 UNL J . 41.93 -24.47 5.63
H4 UNL J . 43.29 -25.26 5.71
H5 UNL J . 43.65 -24.40 3.71
H6 UNL J . 44.10 -23.12 4.50
H7 UNL J . 42.58 -22.09 3.28
H8 UNL J . 41.57 -22.66 4.34
H9 UNL J . 41.44 -24.62 2.79
H10 UNL J . 42.01 -23.62 1.72
H11 UNL J . 39.41 -23.86 2.53
H12 UNL J . 39.89 -22.40 2.85
H13 UNL J . 40.64 -22.86 0.30
H14 UNL J . 39.15 -23.37 0.42
H15 UNL J . 39.23 -20.90 1.54
H16 UNL J . 39.93 -20.81 0.12
H17 UNL J . 38.01 -21.47 -0.97
H18 UNL J . 37.33 -21.91 0.39
H19 UNL J . 36.47 -17.57 0.09
H20 UNL J . 36.77 -17.52 1.65
H21 UNL J . 37.83 -15.63 1.03
H22 UNL J . 38.77 -15.37 -1.17
H23 UNL J . 38.51 -16.93 -1.32
H24 UNL J . 38.07 -13.08 -4.72
H25 UNL J . 36.83 -12.58 -3.90
H26 UNL J . 39.54 -12.03 -3.21
H27 UNL J . 38.35 -11.72 -2.21
H37 UNL J . 38.80 -18.35 3.00
H38 UNL J . 38.36 -17.12 3.89
H39 UNL J . 40.45 -17.01 4.71
H40 UNL J . 39.92 -18.31 5.29
H41 UNL J . 41.49 -19.52 4.24
H42 UNL J . 41.19 -18.80 2.87
H43 UNL J . 43.46 -18.48 3.86
H44 UNL J . 42.78 -17.25 3.19
H45 UNL J . 43.44 -16.34 5.10
H46 UNL J . 41.97 -16.52 5.48
H47 UNL J . 43.37 -17.26 7.22
H48 UNL J . 42.55 -18.50 6.69
H49 UNL J . 44.75 -18.68 5.22
H50 UNL J . 44.52 -19.49 6.53
H51 UNL J . 45.66 -17.08 7.25
H52 UNL J . 47.76 -17.89 6.99
H66 UNL J . 43.34 -22.21 11.52
H67 UNL J . 42.62 -21.04 10.72
H68 UNL J . 42.22 -23.68 9.79
H69 UNL J . 43.60 -23.00 9.42
H70 UNL J . 41.36 -21.44 8.62
H71 UNL J . 41.86 -21.98 6.48
H72 UNL J . 46.44 -20.04 5.53
H74 UNL J . 48.55 -20.26 7.36
H75 UNL J . 47.36 -21.28 7.12
H76 UNL J . 49.29 -21.10 5.08
H77 UNL J . 48.44 -22.36 5.46
H78 UNL J . 50.19 -23.10 6.64
H79 UNL J . 50.10 -21.82 7.56
H80 UNL J . 51.45 -20.69 5.83
H81 UNL J . 51.74 -22.13 5.27
H82 UNL J . 52.47 -22.49 7.72
H83 UNL J . 52.82 -20.95 7.57
H73 UNL J . 47.80 -19.46 5.03
C1 CLR K . 22.53 -29.44 2.39
C2 CLR K . 21.07 -28.98 2.43
C3 CLR K . 20.57 -28.78 1.01
C4 CLR K . 20.66 -30.10 0.25
C5 CLR K . 22.06 -30.62 0.28
C6 CLR K . 22.61 -30.98 -0.87
C7 CLR K . 24.02 -31.46 -0.97
C8 CLR K . 24.39 -32.11 0.34
C9 CLR K . 24.23 -31.06 1.46
C10 CLR K . 22.69 -30.77 1.63
C11 CLR K . 24.96 -31.41 2.80
C12 CLR K . 26.34 -32.01 2.63
C13 CLR K . 26.29 -33.20 1.65
C14 CLR K . 25.83 -32.62 0.29
C15 CLR K . 26.10 -33.77 -0.67
C16 CLR K . 27.42 -34.37 -0.16
C17 CLR K . 27.67 -33.84 1.26
C18 CLR K . 25.31 -34.31 2.17
C19 CLR K . 21.98 -31.89 2.40
C20 CLR K . 28.20 -34.97 2.23
C21 CLR K . 28.38 -34.41 3.65
C22 CLR K . 29.52 -35.61 1.80
C23 CLR K . 29.59 -37.02 2.40
C24 CLR K . 31.02 -37.46 2.60
C25 CLR K . 31.06 -38.76 3.41
C26 CLR K . 32.38 -39.48 3.17
C27 CLR K . 30.90 -38.46 4.89
O1 CLR K . 19.24 -28.37 1.10
C1 CLR L . 23.02 -31.57 8.82
C2 CLR L . 21.72 -31.08 8.19
C3 CLR L . 22.05 -30.12 7.05
C4 CLR L . 22.87 -30.86 5.99
C5 CLR L . 24.10 -31.44 6.61
C6 CLR L . 25.26 -31.20 6.03
C7 CLR L . 26.55 -31.66 6.58
C8 CLR L . 26.30 -32.93 7.36
C9 CLR L . 25.30 -32.61 8.48
C10 CLR L . 23.90 -32.32 7.82
C11 CLR L . 25.23 -33.67 9.63
C12 CLR L . 26.59 -34.22 10.07
C13 CLR L . 27.37 -34.71 8.85
C14 CLR L . 27.61 -33.48 7.94
C15 CLR L . 28.65 -33.97 6.95
C16 CLR L . 29.57 -34.86 7.79
C17 CLR L . 28.85 -35.16 9.12
C18 CLR L . 26.60 -35.83 8.08
C19 CLR L . 23.19 -33.61 7.36
C20 CLR L . 29.02 -36.68 9.55
C21 CLR L . 28.25 -36.96 10.84
C22 CLR L . 30.49 -37.11 9.75
C23 CLR L . 30.57 -38.63 9.54
C24 CLR L . 31.72 -39.23 10.32
C25 CLR L . 31.64 -40.76 10.27
C26 CLR L . 33.00 -41.36 10.56
C27 CLR L . 30.61 -41.27 11.29
O1 CLR L . 20.83 -29.71 6.51
C1 CLR M . 24.84 -28.54 11.06
C2 CLR M . 23.86 -28.07 9.98
C3 CLR M . 24.09 -26.60 9.69
C4 CLR M . 25.52 -26.41 9.18
C5 CLR M . 26.50 -26.94 10.17
C6 CLR M . 27.49 -26.16 10.54
C7 CLR M . 28.50 -26.56 11.57
C8 CLR M . 28.62 -28.06 11.54
C9 CLR M . 27.24 -28.67 11.84
C10 CLR M . 26.30 -28.36 10.62
C11 CLR M . 27.25 -30.17 12.26
C12 CLR M . 28.39 -30.55 13.21
C13 CLR M . 29.73 -30.08 12.65
C14 CLR M . 29.65 -28.54 12.57
C15 CLR M . 31.10 -28.13 12.32
C16 CLR M . 31.90 -29.11 13.18
C17 CLR M . 30.97 -30.27 13.58
C18 CLR M . 30.02 -30.71 11.25
C19 CLR M . 26.60 -29.29 9.42
C20 CLR M . 31.69 -31.67 13.49
C21 CLR M . 30.72 -32.80 13.85
C22 CLR M . 32.94 -31.81 14.37
C23 CLR M . 33.85 -32.87 13.75
C24 CLR M . 34.70 -33.54 14.81
C25 CLR M . 35.43 -34.74 14.19
C26 CLR M . 36.66 -35.08 15.04
C27 CLR M . 34.50 -35.95 14.12
O1 CLR M . 23.17 -26.23 8.71
C1 CLR N . 28.26 -18.74 9.90
C2 CLR N . 27.15 -17.70 9.84
C3 CLR N . 25.79 -18.40 9.89
C4 CLR N . 25.69 -19.19 11.20
C5 CLR N . 26.83 -20.14 11.32
C6 CLR N . 26.55 -21.41 11.61
C7 CLR N . 27.60 -22.46 11.70
C8 CLR N . 28.89 -21.80 12.13
C9 CLR N . 29.25 -20.74 11.08
C10 CLR N . 28.21 -19.57 11.19
C11 CLR N . 30.74 -20.25 11.13
C12 CLR N . 31.75 -21.36 11.36
C13 CLR N . 31.37 -22.20 12.58
C14 CLR N . 30.00 -22.85 12.25
C15 CLR N . 29.84 -23.89 13.35
C16 CLR N . 31.26 -24.43 13.54
C17 CLR N . 32.25 -23.46 12.86
C18 CLR N . 31.28 -21.32 13.87
C19 CLR N . 28.48 -18.66 12.41
C20 CLR N . 33.54 -23.23 13.73
C21 CLR N . 34.46 -22.23 13.05
C22 CLR N . 34.34 -24.50 14.04
C23 CLR N . 35.14 -24.27 15.33
C24 CLR N . 36.40 -25.11 15.35
C25 CLR N . 37.27 -24.69 16.53
C26 CLR N . 38.23 -25.82 16.90
C27 CLR N . 38.07 -23.43 16.19
O1 CLR N . 24.81 -17.41 9.84
C1 CLR O . 32.64 -12.39 11.87
C2 CLR O . 31.56 -11.89 10.91
C3 CLR O . 31.12 -13.03 10.00
C4 CLR O . 30.56 -14.16 10.83
C5 CLR O . 31.57 -14.60 11.85
C6 CLR O . 31.84 -15.90 11.92
C7 CLR O . 32.86 -16.46 12.85
C8 CLR O . 32.96 -15.54 14.05
C9 CLR O . 33.35 -14.14 13.55
C10 CLR O . 32.14 -13.54 12.74
C11 CLR O . 33.91 -13.17 14.63
C12 CLR O . 34.85 -13.83 15.65
C13 CLR O . 34.22 -15.10 16.23
C14 CLR O . 34.00 -16.07 15.04
C15 CLR O . 33.67 -17.38 15.72
C16 CLR O . 34.59 -17.39 16.96
C17 CLR O . 35.12 -15.96 17.17
C18 CLR O . 32.88 -14.76 16.94
C19 CLR O . 31.02 -13.04 13.68
C20 CLR O . 35.14 -15.54 18.69
C21 CLR O . 35.63 -14.10 18.85
C22 CLR O . 35.99 -16.44 19.58
C23 CLR O . 35.44 -16.35 21.02
C24 CLR O . 36.52 -16.62 22.04
C25 CLR O . 36.00 -16.31 23.44
C26 CLR O . 36.83 -17.05 24.48
C27 CLR O . 36.07 -14.80 23.71
O1 CLR O . 30.14 -12.51 9.14
C1 CLR P . 49.55 -42.12 11.82
C2 CLR P . 50.30 -43.40 12.21
C3 CLR P . 50.71 -43.33 13.67
C4 CLR P . 49.45 -43.21 14.53
C5 CLR P . 48.65 -42.02 14.11
C6 CLR P . 48.28 -41.16 15.05
C7 CLR P . 47.53 -39.91 14.74
C8 CLR P . 46.72 -40.13 13.50
C9 CLR P . 47.69 -40.51 12.35
C10 CLR P . 48.29 -41.92 12.66
C11 CLR P . 47.11 -40.36 10.91
C12 CLR P . 46.24 -39.13 10.70
C13 CLR P . 45.17 -39.03 11.79
C14 CLR P . 45.93 -38.87 13.13
C15 CLR P . 44.83 -38.48 14.11
C16 CLR P . 43.93 -37.55 13.28
C17 CLR P . 44.30 -37.73 11.79
C18 CLR P . 44.25 -40.29 11.80
C19 CLR P . 47.27 -43.05 12.34
C20 CLR P . 43.01 -37.77 10.87
C21 CLR P . 43.41 -38.01 9.41
C22 CLR P . 42.15 -36.50 10.94
C23 CLR P . 40.71 -36.89 10.54
C24 CLR P . 39.97 -35.71 9.95
C25 CLR P . 38.63 -36.17 9.36
C26 CLR P . 37.68 -35.00 9.26
C27 CLR P . 38.85 -36.80 7.99
O1 CLR P . 51.37 -44.53 13.95
C1 CLR Q . 74.92 -13.59 12.40
C2 CLR Q . 76.24 -13.12 13.04
C3 CLR Q . 77.36 -14.06 12.62
C4 CLR Q . 77.50 -14.01 11.09
C5 CLR Q . 76.20 -14.37 10.44
C6 CLR Q . 76.21 -15.31 9.51
C7 CLR Q . 74.96 -15.78 8.84
C8 CLR Q . 73.96 -14.65 8.84
C9 CLR Q . 73.69 -14.25 10.30
C10 CLR Q . 74.99 -13.58 10.87
C11 CLR Q . 72.39 -13.41 10.54
C12 CLR Q . 71.20 -13.87 9.72
C13 CLR Q . 71.57 -13.99 8.24
C14 CLR Q . 72.66 -15.08 8.16
C15 CLR Q . 72.76 -15.37 6.66
C16 CLR Q . 71.30 -15.29 6.20
C17 CLR Q . 70.47 -14.60 7.30
C18 CLR Q . 72.08 -12.64 7.66
C19 CLR Q . 75.16 -12.12 10.36
C20 CLR Q . 69.44 -13.56 6.70
C21 CLR Q . 68.68 -12.85 7.83
C22 CLR Q . 68.42 -14.16 5.73
C23 CLR Q . 67.93 -13.07 4.79
C24 CLR Q . 66.53 -13.34 4.29
C25 CLR Q . 65.99 -12.12 3.54
C26 CLR Q . 64.87 -12.56 2.60
C27 CLR Q . 65.48 -11.08 4.52
O1 CLR Q . 78.53 -13.59 13.22
C1 CLR R . 67.23 -17.26 19.58
C2 CLR R . 67.94 -17.44 20.93
C3 CLR R . 69.33 -18.03 20.70
C4 CLR R . 70.14 -17.07 19.83
C5 CLR R . 69.43 -16.80 18.55
C6 CLR R . 70.10 -16.93 17.42
C7 CLR R . 69.47 -16.75 16.09
C8 CLR R . 68.34 -15.76 16.22
C9 CLR R . 67.34 -16.34 17.23
C10 CLR R . 68.01 -16.31 18.65
C11 CLR R . 65.92 -15.68 17.20
C12 CLR R . 65.39 -15.39 15.80
C13 CLR R . 66.42 -14.61 14.99
C14 CLR R . 67.68 -15.52 14.87
C15 CLR R . 68.52 -14.83 13.81
C16 CLR R . 67.47 -14.31 12.81
C17 CLR R . 66.09 -14.37 13.48
C18 CLR R . 66.78 -13.26 15.68
C19 CLR R . 68.01 -14.89 19.26
C20 CLR R . 65.22 -13.07 13.17
C21 CLR R . 63.88 -13.15 13.89
C22 CLR R . 64.96 -12.83 11.68
C23 CLR R . 64.70 -11.34 11.47
C24 CLR R . 63.82 -11.09 10.27
C25 CLR R . 63.40 -9.62 10.23
C26 CLR R . 63.00 -9.24 8.82
C27 CLR R . 62.25 -9.36 11.18
O1 CLR R . 69.92 -18.17 21.95
C1 CLR S . 56.73 -18.48 24.67
C2 CLR S . 57.62 -18.67 25.91
C3 CLR S . 58.96 -19.27 25.48
C4 CLR S . 59.64 -18.30 24.51
C5 CLR S . 58.75 -18.04 23.34
C6 CLR S . 59.25 -18.18 22.13
C7 CLR S . 58.45 -17.99 20.89
C8 CLR S . 57.35 -17.00 21.19
C9 CLR S . 56.50 -17.56 22.34
C10 CLR S . 57.36 -17.54 23.66
C11 CLR S . 55.09 -16.90 22.51
C12 CLR S . 54.37 -16.61 21.21
C13 CLR S . 55.28 -15.83 20.26
C14 CLR S . 56.49 -16.75 19.96
C15 CLR S . 57.17 -16.05 18.78
C16 CLR S . 56.00 -15.53 17.94
C17 CLR S . 54.73 -15.58 18.81
C18 CLR S . 55.75 -14.47 20.88
C19 CLR S . 57.47 -16.12 24.25
C20 CLR S . 53.83 -14.28 18.63
C21 CLR S . 52.61 -14.35 19.54
C22 CLR S . 53.35 -14.04 17.19
C23 CLR S . 53.09 -12.54 17.02
C24 CLR S . 52.04 -12.28 15.96
C25 CLR S . 51.63 -10.81 15.99
C26 CLR S . 51.03 -10.42 14.64
C27 CLR S . 50.62 -10.55 17.10
O1 CLR S . 59.72 -19.42 26.63
C1 CLR T . 53.96 -22.11 31.64
C2 CLR T . 54.80 -21.72 32.86
C3 CLR T . 56.28 -21.92 32.54
C4 CLR T . 56.67 -21.01 31.37
C5 CLR T . 55.79 -21.32 30.19
C6 CLR T . 56.38 -21.54 29.03
C7 CLR T . 55.62 -21.91 27.81
C8 CLR T . 54.24 -21.30 27.90
C9 CLR T . 53.57 -21.85 29.16
C10 CLR T . 54.31 -21.26 30.41
C11 CLR T . 52.01 -21.68 29.21
C12 CLR T . 51.31 -21.93 27.89
C13 CLR T . 51.96 -21.13 26.76
C14 CLR T . 53.42 -21.63 26.66
C15 CLR T . 53.91 -21.03 25.34
C16 CLR T . 52.67 -21.12 24.43
C17 CLR T . 51.44 -21.41 25.31
C18 CLR T . 51.92 -19.60 27.06
C19 CLR T . 53.91 -19.79 30.68
C20 CLR T . 50.18 -20.55 24.86
C21 CLR T . 48.99 -20.82 25.80
C22 CLR T . 49.72 -20.80 23.43
C23 CLR T . 48.98 -19.55 22.93
C24 CLR T . 47.97 -19.90 21.87
C25 CLR T . 47.09 -18.67 21.57
C26 CLR T . 46.47 -18.82 20.18
C27 CLR T . 46.00 -18.53 22.62
O1 CLR T . 56.99 -21.55 33.69
C1 CLR U . 50.76 -26.74 31.49
C2 CLR U . 51.23 -27.15 32.90
C3 CLR U . 51.77 -25.94 33.63
C4 CLR U . 50.66 -24.90 33.76
C5 CLR U . 50.12 -24.54 32.41
C6 CLR U . 50.03 -23.26 32.09
C7 CLR U . 49.58 -22.80 30.75
C8 CLR U . 48.63 -23.82 30.19
C9 CLR U . 49.39 -25.16 30.09
C10 CLR U . 49.66 -25.68 31.55
C11 CLR U . 48.73 -26.23 29.15
C12 CLR U . 48.15 -25.66 27.86
C13 CLR U . 47.23 -24.47 28.15
C14 CLR U . 48.11 -23.39 28.82
C15 CLR U . 47.23 -22.16 28.79
C16 CLR U . 46.50 -22.26 27.44
C17 CLR U . 46.68 -23.69 26.91
C18 CLR U . 46.05 -24.88 29.08
C19 CLR U . 48.38 -26.30 32.18
C20 CLR U . 45.35 -24.27 26.28
C21 CLR U . 45.56 -25.71 25.81
C22 CLR U . 44.82 -23.45 25.09
C23 CLR U . 43.30 -23.69 25.00
C24 CLR U . 42.81 -23.51 23.58
C25 CLR U . 41.35 -23.97 23.47
C26 CLR U . 40.69 -23.33 22.26
C27 CLR U . 41.29 -25.49 23.35
O1 CLR U . 52.17 -26.38 34.89
#